data_5SX8
#
_entry.id   5SX8
#
_cell.length_a   113.890
_cell.length_b   116.330
_cell.length_c   148.127
_cell.angle_alpha   90.000
_cell.angle_beta   90.000
_cell.angle_gamma   90.000
#
_symmetry.space_group_name_H-M   'P 21 21 21'
#
loop_
_entity.id
_entity.type
_entity.pdbx_description
1 polymer 'Phosphatidylinositol 4,5-bisphosphate 3-kinase catalytic subunit alpha isoform'
2 polymer 'Phosphatidylinositol 3-kinase regulatory subunit alpha'
3 non-polymer 6-methylpyridin-2-amine
4 non-polymer pteridine-2,4(1H,3H)-dione
#
loop_
_entity_poly.entity_id
_entity_poly.type
_entity_poly.pdbx_seq_one_letter_code
_entity_poly.pdbx_strand_id
1 'polypeptide(L)'
;MSYYHHHHHHDYDIPTTENLYFQGAMGSMPPRPSSGELWGIHLMPPRILVECLLPNGMIVTLECLREATLITIKHELFKE
ARKYPLHQLLQDESSYIFVSVTQEAEREEFFDETRRLCDLRLFQPFLKVIEPVGNREEKILNREIGFAIGMPVCEFDMVK
DPEVQDFRRNILNVCKEAVDLRDLNSPHSRAMYVYPPNVESSPELPKHIYNKLDKGQIIVVIWVIVSPNNDKQKYTLKIN
HDCVPEQVIAEAIRKKTRSMLLSSEQLKLCVLEYQGKYILKVCGCDEYFLEKYPLSQYKYIRSCIMLGRMPNLMLMAKES
LYSQLPMDCFTMPSYSRRISTATPYMNGETSTKSLWVINSALRIKILCATYVNVNIRDIDKIYVRTGIYHGGEPLCDNVN
TQRVPCSNPRWNEWLNYDIYIPDLPRAARLCLSICSVKGRKGAKEEHCPLAWGNINLFDYTDTLVSGKMALNLWPVPHGL
EDLLNPIGVTGSNPNKETPCLELEFDWFSSVVKFPDMSVIEEHANWSVSREAGFSYSHAGLSNRLARDNELRENDKEQLK
AISTRDPLSEITEQEKDFLWSHRHYCVTIPEILPKLLLSVKWNSRDEVAQMYCLVKDWPPIKPEQAMELLDCNYPDPMVR
GFAVRCLEKYLTDDKLSQYLIQLVQVLKYEQYLDNLLVRFLLKKALTNQRIGHFFFWHLKSEMHNKTVSQRFGLLLESYC
RACGMYLKHLNRQVEAMEKLINLTDILKQEKKDETQKVQMKFLVEQMRRPDFMDALQGFLSPLNPAHQLGNLRLEECRIM
SSAKRPLWLNWENPDIM(SEP)ELLFQNNEIIFKNGDDLRQDMLTLQIIRIMENIWQNQGLDLRMLPYGCLSIGDCVGLI
EVVRNSHTIMQIQCKGGLKGALQFNSHTLHQWLKDKNKGEIYDAAIDLFTRSCAGYCVATFILGIGDRHNSNIMVKDDGQ
LFHIDFGHFLDHKKKKFGYKRERVPFVLTQDFLIVISKGAQECTKTREFERFQEMCYKAYLAIRQHANLFINLFSMMLGS
GMPELQSFDDIAYIRKTLALDKTEQEALEYFMKQMNDAHHGGWTTKMDWIFHTIKQHALN
;
A
2 'polypeptide(L)'
;MNNNMSLQDAEWYWGDISREEVNEKLRDTADGTFLVRDASTKMHGDYTLTLRKGGNNKLIKIFHRDGKYGFSDPLTFSSV
VELINHYRNESLAQYNPKLDVKLLYPVSKYQQDQVVKEDNIEAVGKKLHEYNTQFQEKSREYDRLYEEYTRTSQEIQMKR
TAIEAFNETIKIFEEQCQTQERYSKEYIEKFKREGNEKEIQRIMHNYDKLKSRISEIIDSRRRLEEDLKKQAAEYREIDK
RMNSIKPDLIQLRKTRDQYLMWLTQKGVRQKKLNEWLGN
;
B
#
loop_
_chem_comp.id
_chem_comp.type
_chem_comp.name
_chem_comp.formula
71M non-polymer 6-methylpyridin-2-amine 'C6 H8 N2'
LUZ non-polymer pteridine-2,4(1H,3H)-dione 'C6 H4 N4 O2'
#
# COMPACT_ATOMS: atom_id res chain seq x y z
N SER A 2 5.85 20.05 48.43
CA SER A 2 5.25 18.74 48.86
C SER A 2 4.43 18.08 47.75
N TYR A 3 4.21 18.78 46.64
CA TYR A 3 3.67 18.16 45.44
C TYR A 3 4.69 17.16 44.90
N TYR A 4 5.93 17.64 44.71
CA TYR A 4 7.01 16.86 44.08
C TYR A 4 8.17 16.51 45.03
N HIS A 5 7.98 16.68 46.34
CA HIS A 5 9.07 16.54 47.32
C HIS A 5 10.28 17.41 46.98
N HIS A 6 10.02 18.58 46.41
CA HIS A 6 11.04 19.55 46.02
C HIS A 6 12.18 18.95 45.18
N HIS A 7 11.88 17.90 44.41
CA HIS A 7 12.87 17.23 43.58
C HIS A 7 12.99 17.95 42.24
N HIS A 8 14.13 18.60 42.05
CA HIS A 8 14.39 19.36 40.82
C HIS A 8 14.79 18.40 39.71
N HIS A 9 14.31 18.67 38.49
CA HIS A 9 14.86 18.06 37.27
C HIS A 9 15.78 19.08 36.64
N HIS A 10 17.08 18.82 36.73
CA HIS A 10 18.10 19.79 36.34
C HIS A 10 18.27 19.87 34.81
N ASP A 11 18.08 18.74 34.12
CA ASP A 11 18.12 18.69 32.64
C ASP A 11 17.07 19.59 31.97
N TYR A 12 15.85 19.58 32.50
CA TYR A 12 14.69 20.24 31.89
C TYR A 12 14.91 21.71 31.54
N ASP A 13 14.37 22.13 30.40
CA ASP A 13 14.44 23.53 29.95
C ASP A 13 13.32 23.68 28.91
N ILE A 14 12.31 24.52 29.16
CA ILE A 14 11.22 24.71 28.16
C ILE A 14 11.67 25.28 26.80
N PRO A 15 12.64 26.24 26.75
CA PRO A 15 13.12 26.65 25.42
C PRO A 15 13.92 25.52 24.77
N THR A 16 13.49 25.11 23.57
CA THR A 16 14.15 24.03 22.80
C THR A 16 14.01 22.65 23.48
N PHE A 22 10.72 19.92 20.70
CA PHE A 22 9.77 18.84 20.49
C PHE A 22 8.63 19.29 19.57
N GLN A 23 8.06 18.34 18.83
CA GLN A 23 6.80 18.56 18.11
C GLN A 23 5.63 17.89 18.86
N GLY A 24 5.77 17.74 20.17
CA GLY A 24 4.66 17.45 21.06
C GLY A 24 3.78 18.69 21.21
N ALA A 25 4.42 19.86 21.43
CA ALA A 25 3.72 21.15 21.42
C ALA A 25 3.24 21.46 19.98
N MET A 26 1.91 21.46 19.79
CA MET A 26 1.25 21.53 18.45
C MET A 26 1.58 20.34 17.53
N GLY A 27 0.97 19.19 17.83
CA GLY A 27 1.17 17.96 17.05
C GLY A 27 0.43 17.96 15.72
N PRO A 30 2.70 17.02 9.64
CA PRO A 30 4.00 16.63 10.18
C PRO A 30 5.01 16.09 9.13
N PRO A 31 4.74 14.94 8.47
CA PRO A 31 5.73 14.27 7.61
C PRO A 31 6.10 15.08 6.36
N ARG A 32 7.40 15.13 6.05
CA ARG A 32 7.98 16.07 5.10
C ARG A 32 9.34 15.49 4.61
N PRO A 33 10.17 16.19 3.80
CA PRO A 33 9.89 17.44 3.10
C PRO A 33 10.08 17.30 1.58
N SER A 34 9.94 18.42 0.87
CA SER A 34 10.12 18.45 -0.57
C SER A 34 10.41 19.86 -1.10
N SER A 35 11.09 19.91 -2.24
CA SER A 35 11.35 21.15 -2.96
C SER A 35 10.33 21.26 -4.10
N GLY A 36 9.81 22.46 -4.32
CA GLY A 36 8.69 22.67 -5.20
C GLY A 36 9.03 23.16 -6.59
N GLU A 37 8.85 24.46 -6.82
CA GLU A 37 8.89 25.08 -8.16
C GLU A 37 10.28 25.51 -8.64
N LEU A 38 11.21 25.55 -7.70
CA LEU A 38 12.60 25.91 -7.97
C LEU A 38 13.41 25.34 -6.80
N TRP A 39 14.74 25.29 -6.92
CA TRP A 39 15.55 24.62 -5.91
C TRP A 39 15.52 25.36 -4.59
N GLY A 40 15.17 24.63 -3.52
CA GLY A 40 15.17 25.17 -2.16
C GLY A 40 14.10 26.19 -1.83
N ILE A 41 13.13 26.38 -2.72
CA ILE A 41 12.03 27.33 -2.52
C ILE A 41 10.72 26.71 -3.04
N HIS A 42 9.63 26.89 -2.29
CA HIS A 42 8.36 26.23 -2.62
C HIS A 42 7.64 26.80 -3.86
N LEU A 43 7.49 28.12 -3.93
CA LEU A 43 6.79 28.80 -5.02
C LEU A 43 7.67 29.93 -5.56
N MET A 44 7.90 29.96 -6.87
CA MET A 44 8.87 30.93 -7.40
C MET A 44 8.28 32.35 -7.30
N PRO A 45 9.13 33.35 -7.00
CA PRO A 45 8.70 34.74 -6.94
C PRO A 45 7.87 35.23 -8.12
N PRO A 46 6.84 36.07 -7.89
CA PRO A 46 5.88 36.51 -8.92
C PRO A 46 6.49 37.21 -10.13
N ARG A 47 7.58 37.93 -9.90
CA ARG A 47 8.42 38.49 -10.94
C ARG A 47 9.83 37.97 -10.66
N ILE A 48 10.46 37.35 -11.68
CA ILE A 48 11.75 36.66 -11.50
C ILE A 48 12.68 36.89 -12.69
N LEU A 49 13.97 37.02 -12.41
CA LEU A 49 14.98 37.17 -13.44
C LEU A 49 15.48 35.81 -13.89
N VAL A 50 15.45 35.56 -15.20
CA VAL A 50 15.89 34.27 -15.80
C VAL A 50 16.99 34.46 -16.85
N GLU A 51 18.17 33.88 -16.60
CA GLU A 51 19.31 33.99 -17.49
C GLU A 51 19.11 33.11 -18.72
N CYS A 52 19.02 33.75 -19.89
CA CYS A 52 18.81 33.06 -21.15
C CYS A 52 20.11 32.91 -21.92
N LEU A 53 20.61 31.67 -21.98
CA LEU A 53 21.81 31.33 -22.75
C LEU A 53 21.46 31.14 -24.23
N LEU A 54 21.94 32.04 -25.09
CA LEU A 54 21.68 31.98 -26.53
C LEU A 54 22.71 31.10 -27.27
N PRO A 55 22.44 30.75 -28.55
CA PRO A 55 23.44 30.01 -29.34
C PRO A 55 24.62 30.89 -29.79
N ASN A 56 24.43 32.21 -29.83
CA ASN A 56 25.51 33.17 -30.07
C ASN A 56 26.46 33.42 -28.87
N GLY A 57 26.23 32.72 -27.74
CA GLY A 57 27.12 32.79 -26.56
C GLY A 57 26.81 33.90 -25.56
N MET A 58 25.75 34.67 -25.84
CA MET A 58 25.37 35.83 -25.02
C MET A 58 24.36 35.44 -23.94
N ILE A 59 24.57 35.92 -22.71
CA ILE A 59 23.58 35.79 -21.64
C ILE A 59 22.78 37.09 -21.53
N VAL A 60 21.56 37.08 -22.06
CA VAL A 60 20.61 38.17 -21.82
C VAL A 60 19.66 37.71 -20.70
N THR A 61 19.44 38.58 -19.72
CA THR A 61 18.70 38.21 -18.49
C THR A 61 17.35 38.89 -18.46
N LEU A 62 16.30 38.11 -18.73
CA LEU A 62 14.93 38.63 -18.76
C LEU A 62 14.31 38.59 -17.37
N GLU A 63 13.59 39.64 -17.02
CA GLU A 63 12.62 39.55 -15.92
C GLU A 63 11.31 39.04 -16.50
N CYS A 64 10.98 37.80 -16.15
CA CYS A 64 9.72 37.18 -16.52
C CYS A 64 8.81 37.14 -15.32
N LEU A 65 7.52 37.05 -15.59
CA LEU A 65 6.59 36.70 -14.54
C LEU A 65 6.63 35.17 -14.32
N ARG A 66 6.65 34.78 -13.05
CA ARG A 66 6.40 33.40 -12.60
C ARG A 66 5.55 32.55 -13.56
N GLU A 67 4.43 33.12 -13.98
CA GLU A 67 3.38 32.40 -14.69
C GLU A 67 3.57 32.34 -16.24
N ALA A 68 4.61 33.01 -16.76
CA ALA A 68 4.73 33.26 -18.20
C ALA A 68 5.03 32.00 -19.03
N THR A 69 4.35 31.86 -20.17
CA THR A 69 4.52 30.69 -21.04
C THR A 69 5.81 30.81 -21.83
N LEU A 70 6.37 29.67 -22.20
CA LEU A 70 7.64 29.64 -22.96
C LEU A 70 7.53 30.30 -24.35
N ILE A 71 6.35 30.26 -24.96
CA ILE A 71 6.08 31.01 -26.20
C ILE A 71 6.24 32.48 -25.89
N THR A 72 5.54 32.95 -24.85
CA THR A 72 5.61 34.34 -24.41
C THR A 72 7.05 34.77 -24.12
N ILE A 73 7.82 33.87 -23.50
CA ILE A 73 9.21 34.15 -23.14
C ILE A 73 10.12 34.16 -24.36
N LYS A 74 9.99 33.17 -25.21
CA LYS A 74 10.81 33.08 -26.42
C LYS A 74 10.60 34.35 -27.23
N HIS A 75 9.33 34.67 -27.48
CA HIS A 75 8.92 35.87 -28.22
C HIS A 75 9.58 37.14 -27.67
N GLU A 76 9.65 37.26 -26.34
CA GLU A 76 10.32 38.39 -25.70
C GLU A 76 11.85 38.27 -25.74
N LEU A 77 12.39 37.05 -25.63
CA LEU A 77 13.84 36.85 -25.66
C LEU A 77 14.43 37.32 -26.95
N PHE A 78 13.83 36.89 -28.06
CA PHE A 78 14.30 37.29 -29.39
C PHE A 78 13.98 38.75 -29.76
N LYS A 79 13.04 39.38 -29.05
CA LYS A 79 12.94 40.84 -29.09
C LYS A 79 14.15 41.47 -28.38
N GLU A 80 14.48 40.97 -27.18
CA GLU A 80 15.62 41.49 -26.40
C GLU A 80 17.01 41.06 -26.91
N ALA A 81 17.07 40.06 -27.78
CA ALA A 81 18.33 39.62 -28.38
C ALA A 81 18.84 40.58 -29.47
N ARG A 82 17.90 41.23 -30.17
CA ARG A 82 18.22 42.29 -31.13
C ARG A 82 19.02 43.44 -30.54
N LYS A 83 18.82 43.70 -29.24
CA LYS A 83 19.56 44.75 -28.53
C LYS A 83 20.96 44.34 -28.09
N TYR A 84 21.26 43.04 -28.09
CA TYR A 84 22.57 42.51 -27.67
C TYR A 84 23.47 42.19 -28.89
N PRO A 85 24.81 42.11 -28.69
CA PRO A 85 25.69 41.93 -29.85
C PRO A 85 25.63 40.53 -30.47
N LEU A 86 26.10 40.44 -31.71
CA LEU A 86 26.07 39.22 -32.52
C LEU A 86 24.64 38.77 -32.89
N HIS A 87 23.69 39.71 -33.01
CA HIS A 87 22.29 39.39 -33.37
C HIS A 87 22.18 38.72 -34.75
N GLN A 88 22.95 39.24 -35.71
CA GLN A 88 23.01 38.66 -37.07
C GLN A 88 23.28 37.14 -37.10
N LEU A 89 23.96 36.63 -36.07
CA LEU A 89 24.19 35.17 -35.90
C LEU A 89 22.99 34.33 -35.38
N LEU A 90 21.83 34.95 -35.11
CA LEU A 90 20.65 34.19 -34.64
C LEU A 90 19.70 33.85 -35.78
N GLN A 91 19.11 32.65 -35.71
CA GLN A 91 18.07 32.21 -36.65
C GLN A 91 16.77 32.92 -36.31
N ASP A 92 15.67 32.54 -36.97
CA ASP A 92 14.33 32.97 -36.55
C ASP A 92 13.99 32.21 -35.26
N GLU A 93 13.19 32.84 -34.40
CA GLU A 93 12.78 32.22 -33.14
C GLU A 93 12.16 30.82 -33.36
N SER A 94 11.35 30.71 -34.42
CA SER A 94 10.74 29.45 -34.84
C SER A 94 11.68 28.25 -34.99
N SER A 95 12.96 28.49 -35.30
CA SER A 95 13.96 27.42 -35.45
C SER A 95 14.76 27.17 -34.16
N TYR A 96 14.09 27.21 -33.01
CA TYR A 96 14.74 27.00 -31.70
C TYR A 96 13.77 26.42 -30.64
N ILE A 97 14.34 25.76 -29.63
CA ILE A 97 13.58 25.20 -28.49
C ILE A 97 14.36 25.48 -27.21
N PHE A 98 13.67 25.47 -26.07
CA PHE A 98 14.33 25.75 -24.79
C PHE A 98 14.84 24.49 -24.15
N VAL A 99 15.85 24.61 -23.30
CA VAL A 99 16.32 23.49 -22.48
C VAL A 99 16.97 24.00 -21.20
N SER A 100 16.93 23.19 -20.14
CA SER A 100 17.54 23.58 -18.86
C SER A 100 17.68 22.39 -17.94
N VAL A 101 18.52 22.52 -16.91
CA VAL A 101 18.68 21.50 -15.90
C VAL A 101 17.52 21.54 -14.90
N THR A 102 16.82 20.41 -14.77
CA THR A 102 15.65 20.28 -13.88
C THR A 102 16.03 19.85 -12.45
N GLN A 103 15.04 19.81 -11.57
CA GLN A 103 15.23 19.41 -10.17
C GLN A 103 15.59 17.92 -10.00
N GLU A 104 15.20 17.09 -10.97
CA GLU A 104 15.66 15.69 -11.06
C GLU A 104 17.10 15.56 -11.62
N ALA A 105 17.73 16.68 -11.97
CA ALA A 105 19.13 16.77 -12.43
C ALA A 105 19.37 16.43 -13.92
N GLU A 106 18.29 16.25 -14.69
CA GLU A 106 18.36 15.98 -16.13
C GLU A 106 18.20 17.25 -16.95
N ARG A 107 18.67 17.20 -18.18
CA ARG A 107 18.63 18.36 -19.09
C ARG A 107 17.45 18.25 -20.03
N GLU A 108 16.26 18.50 -19.50
CA GLU A 108 15.02 18.33 -20.27
C GLU A 108 14.80 19.40 -21.36
N GLU A 109 14.63 18.95 -22.61
CA GLU A 109 14.30 19.84 -23.74
C GLU A 109 12.81 20.20 -23.66
N PHE A 110 12.51 21.50 -23.74
CA PHE A 110 11.15 22.03 -23.56
C PHE A 110 10.40 22.19 -24.90
N PHE A 111 9.62 21.17 -25.24
CA PHE A 111 8.89 21.09 -26.52
C PHE A 111 7.54 21.77 -26.45
N ASP A 112 6.76 21.46 -25.42
CA ASP A 112 5.42 22.03 -25.24
C ASP A 112 5.56 23.45 -24.71
N GLU A 113 5.62 24.41 -25.62
CA GLU A 113 5.97 25.79 -25.27
C GLU A 113 4.80 26.57 -24.66
N THR A 114 3.61 25.96 -24.65
CA THR A 114 2.49 26.46 -23.83
C THR A 114 2.70 26.31 -22.31
N ARG A 115 3.69 25.52 -21.90
CA ARG A 115 4.02 25.37 -20.47
C ARG A 115 4.60 26.64 -19.85
N ARG A 116 4.34 26.80 -18.55
CA ARG A 116 4.69 28.00 -17.81
C ARG A 116 5.97 27.81 -17.00
N LEU A 117 6.72 28.90 -16.86
CA LEU A 117 8.00 28.92 -16.16
C LEU A 117 7.96 28.21 -14.80
N CYS A 118 6.90 28.43 -14.02
CA CYS A 118 6.78 27.78 -12.69
C CYS A 118 6.55 26.25 -12.71
N ASP A 119 5.89 25.77 -13.77
CA ASP A 119 5.57 24.35 -13.87
C ASP A 119 6.70 23.48 -14.45
N LEU A 120 7.84 24.08 -14.82
CA LEU A 120 8.98 23.35 -15.43
C LEU A 120 9.87 22.58 -14.44
N ARG A 121 9.87 22.97 -13.16
CA ARG A 121 10.69 22.33 -12.12
C ARG A 121 12.18 22.49 -12.43
N LEU A 122 12.65 23.72 -12.27
CA LEU A 122 13.82 24.21 -12.99
C LEU A 122 15.15 24.19 -12.26
N PHE A 123 15.13 23.94 -10.96
CA PHE A 123 16.35 24.00 -10.14
C PHE A 123 16.94 25.44 -10.04
N GLN A 124 17.79 25.85 -10.97
CA GLN A 124 18.25 27.24 -11.05
C GLN A 124 17.51 27.90 -12.20
N PRO A 125 17.04 29.14 -12.01
CA PRO A 125 16.20 29.79 -13.02
C PRO A 125 16.98 30.28 -14.26
N PHE A 126 17.22 29.37 -15.20
CA PHE A 126 17.92 29.70 -16.44
C PHE A 126 17.46 28.80 -17.60
N LEU A 127 17.61 29.31 -18.82
CA LEU A 127 17.07 28.67 -20.02
C LEU A 127 18.07 28.79 -21.15
N LYS A 128 18.52 27.66 -21.69
CA LYS A 128 19.39 27.65 -22.89
C LYS A 128 18.60 27.43 -24.19
N VAL A 129 19.04 28.14 -25.24
CA VAL A 129 18.42 28.08 -26.56
C VAL A 129 19.22 27.15 -27.46
N ILE A 130 18.51 26.31 -28.21
CA ILE A 130 19.09 25.29 -29.08
C ILE A 130 18.15 24.96 -30.25
N GLU A 131 18.73 24.46 -31.34
CA GLU A 131 17.94 23.96 -32.47
C GLU A 131 17.63 22.50 -32.11
N PRO A 132 16.35 22.07 -32.27
CA PRO A 132 15.87 20.83 -31.62
C PRO A 132 16.53 19.54 -32.17
N VAL A 133 17.56 19.07 -31.46
CA VAL A 133 18.26 17.83 -31.84
C VAL A 133 17.42 16.59 -31.58
N GLY A 134 17.74 15.51 -32.29
CA GLY A 134 17.01 14.24 -32.19
C GLY A 134 15.69 14.33 -32.92
N ASN A 135 15.77 14.53 -34.25
CA ASN A 135 14.64 14.95 -35.12
C ASN A 135 13.27 14.27 -34.92
N ARG A 136 13.24 13.08 -34.32
CA ARG A 136 11.99 12.50 -33.81
C ARG A 136 11.65 13.16 -32.46
N GLU A 137 10.91 14.27 -32.55
CA GLU A 137 10.39 15.00 -31.40
C GLU A 137 9.31 14.17 -30.70
N GLU A 138 8.54 13.41 -31.49
CA GLU A 138 7.55 12.46 -30.98
C GLU A 138 8.11 11.51 -29.92
N LYS A 139 9.33 11.04 -30.14
CA LYS A 139 9.95 10.04 -29.26
C LYS A 139 10.37 10.67 -27.92
N ILE A 140 10.69 11.96 -27.91
CA ILE A 140 11.15 12.63 -26.69
C ILE A 140 9.95 13.14 -25.86
N LEU A 141 8.73 12.68 -26.18
CA LEU A 141 7.58 12.73 -25.25
C LEU A 141 7.49 11.38 -24.48
N ASN A 142 8.61 11.13 -23.79
CA ASN A 142 8.74 10.27 -22.63
C ASN A 142 8.75 11.10 -21.38
N ARG A 143 8.89 12.43 -21.49
CA ARG A 143 8.75 13.29 -20.32
C ARG A 143 7.36 13.07 -19.74
N GLU A 144 6.35 12.98 -20.61
CA GLU A 144 4.98 12.58 -20.22
C GLU A 144 4.99 11.39 -19.27
N ILE A 145 5.65 10.34 -19.72
CA ILE A 145 5.81 9.12 -18.92
C ILE A 145 6.58 9.46 -17.62
N GLY A 146 7.72 10.13 -17.74
CA GLY A 146 8.51 10.53 -16.58
C GLY A 146 7.84 11.49 -15.60
N PHE A 147 6.95 12.34 -16.12
CA PHE A 147 6.17 13.24 -15.28
C PHE A 147 5.11 12.46 -14.52
N ALA A 148 4.40 11.59 -15.24
CA ALA A 148 3.45 10.67 -14.63
C ALA A 148 4.12 9.82 -13.56
N ILE A 149 5.30 9.26 -13.86
CA ILE A 149 5.99 8.34 -12.95
C ILE A 149 6.60 9.05 -11.75
N GLY A 150 7.18 10.23 -11.97
CA GLY A 150 7.89 10.96 -10.91
C GLY A 150 9.40 10.95 -11.01
N MET A 151 9.95 10.09 -11.87
CA MET A 151 11.38 10.06 -12.21
C MET A 151 11.55 9.97 -13.72
N PRO A 152 12.65 10.52 -14.27
CA PRO A 152 12.75 10.65 -15.72
C PRO A 152 13.13 9.31 -16.35
N VAL A 153 12.67 9.10 -17.57
CA VAL A 153 12.78 7.79 -18.22
C VAL A 153 14.24 7.44 -18.47
N CYS A 154 15.02 8.45 -18.87
CA CYS A 154 16.48 8.32 -19.04
C CYS A 154 17.23 7.74 -17.82
N GLU A 155 16.66 7.89 -16.63
CA GLU A 155 17.24 7.31 -15.41
C GLU A 155 17.27 5.77 -15.37
N PHE A 156 16.44 5.11 -16.17
CA PHE A 156 16.53 3.66 -16.35
C PHE A 156 17.61 3.26 -17.37
N ASP A 157 17.69 3.98 -18.48
CA ASP A 157 18.64 3.68 -19.56
C ASP A 157 20.08 3.55 -19.07
N MET A 158 20.47 4.36 -18.09
CA MET A 158 21.78 4.25 -17.44
C MET A 158 21.66 3.46 -16.12
N VAL A 159 21.15 2.22 -16.22
CA VAL A 159 21.18 1.23 -15.13
C VAL A 159 21.87 -0.02 -15.69
N LYS A 160 22.84 -0.54 -14.93
CA LYS A 160 23.72 -1.62 -15.39
C LYS A 160 22.99 -2.96 -15.40
N ASP A 161 22.44 -3.31 -14.24
CA ASP A 161 21.67 -4.55 -14.00
C ASP A 161 20.98 -5.11 -15.27
N PRO A 162 21.26 -6.37 -15.64
CA PRO A 162 20.52 -6.99 -16.75
C PRO A 162 19.05 -7.27 -16.46
N GLU A 163 18.74 -7.69 -15.22
CA GLU A 163 17.36 -7.95 -14.80
C GLU A 163 16.44 -6.80 -15.17
N VAL A 164 16.84 -5.61 -14.73
CA VAL A 164 16.11 -4.37 -14.93
C VAL A 164 15.92 -4.09 -16.43
N GLN A 165 16.99 -4.26 -17.18
CA GLN A 165 16.97 -3.98 -18.61
C GLN A 165 16.23 -5.06 -19.37
N ASP A 166 16.24 -6.28 -18.83
CA ASP A 166 15.47 -7.40 -19.37
C ASP A 166 14.00 -7.26 -19.02
N PHE A 167 13.69 -6.88 -17.78
CA PHE A 167 12.29 -6.56 -17.44
C PHE A 167 11.72 -5.56 -18.43
N ARG A 168 12.45 -4.48 -18.71
CA ARG A 168 11.94 -3.43 -19.60
C ARG A 168 11.56 -3.95 -21.00
N ARG A 169 12.43 -4.80 -21.56
CA ARG A 169 12.25 -5.31 -22.92
C ARG A 169 11.27 -6.47 -22.97
N ASN A 170 11.39 -7.39 -22.01
CA ASN A 170 10.48 -8.54 -21.94
C ASN A 170 9.01 -8.19 -21.70
N ILE A 171 8.76 -7.30 -20.74
CA ILE A 171 7.40 -6.96 -20.34
C ILE A 171 6.58 -6.33 -21.47
N LEU A 172 7.24 -5.79 -22.49
CA LEU A 172 6.56 -5.31 -23.71
C LEU A 172 5.69 -6.36 -24.41
N ASN A 173 6.02 -7.63 -24.21
CA ASN A 173 5.14 -8.75 -24.58
C ASN A 173 3.70 -8.44 -24.17
N VAL A 174 3.51 -8.16 -22.88
CA VAL A 174 2.19 -7.92 -22.28
C VAL A 174 1.49 -6.68 -22.83
N CYS A 175 2.25 -5.61 -22.97
CA CYS A 175 1.77 -4.33 -23.50
C CYS A 175 1.19 -4.45 -24.91
N LYS A 176 1.86 -5.20 -25.77
CA LYS A 176 1.40 -5.41 -27.14
C LYS A 176 0.11 -6.23 -27.15
N GLU A 177 0.07 -7.29 -26.34
CA GLU A 177 -1.11 -8.17 -26.25
C GLU A 177 -2.40 -7.43 -25.86
N ALA A 178 -2.29 -6.54 -24.89
CA ALA A 178 -3.45 -5.79 -24.39
C ALA A 178 -3.94 -4.74 -25.37
N VAL A 179 -3.03 -4.08 -26.09
CA VAL A 179 -3.44 -3.06 -27.08
C VAL A 179 -4.16 -3.73 -28.28
N ASP A 180 -3.84 -5.00 -28.53
CA ASP A 180 -4.50 -5.79 -29.56
C ASP A 180 -5.95 -6.11 -29.16
N LEU A 181 -6.17 -6.48 -27.89
CA LEU A 181 -7.52 -6.64 -27.35
C LEU A 181 -8.38 -5.37 -27.46
N ARG A 182 -7.77 -4.21 -27.26
CA ARG A 182 -8.48 -2.92 -27.33
C ARG A 182 -8.98 -2.59 -28.73
N ASP A 183 -8.11 -2.72 -29.74
CA ASP A 183 -8.48 -2.38 -31.12
C ASP A 183 -8.96 -3.63 -31.87
N LEU A 184 -9.86 -4.36 -31.22
CA LEU A 184 -10.36 -5.64 -31.71
C LEU A 184 -11.70 -5.40 -32.41
N ASN A 185 -12.68 -4.88 -31.66
CA ASN A 185 -13.98 -4.48 -32.21
C ASN A 185 -14.15 -2.96 -32.12
N SER A 186 -13.12 -2.23 -32.53
CA SER A 186 -13.14 -0.76 -32.47
C SER A 186 -14.23 -0.19 -33.40
N PRO A 187 -14.91 0.90 -33.04
CA PRO A 187 -14.64 1.68 -31.83
C PRO A 187 -15.24 1.12 -30.52
N HIS A 188 -16.06 0.07 -30.60
CA HIS A 188 -16.76 -0.44 -29.41
C HIS A 188 -15.80 -0.82 -28.29
N SER A 189 -14.86 -1.73 -28.58
CA SER A 189 -13.94 -2.20 -27.55
C SER A 189 -12.99 -1.11 -27.04
N ARG A 190 -12.75 -0.07 -27.84
CA ARG A 190 -12.02 1.10 -27.36
C ARG A 190 -12.82 1.83 -26.29
N ALA A 191 -14.13 2.01 -26.52
CA ALA A 191 -15.03 2.58 -25.49
C ALA A 191 -15.21 1.63 -24.32
N MET A 192 -15.23 0.34 -24.60
CA MET A 192 -15.28 -0.66 -23.55
C MET A 192 -14.05 -0.65 -22.59
N TYR A 193 -12.87 -0.27 -23.12
CA TYR A 193 -11.66 -0.09 -22.30
C TYR A 193 -11.90 1.13 -21.42
N VAL A 194 -12.12 2.27 -22.05
CA VAL A 194 -12.21 3.56 -21.37
C VAL A 194 -13.33 3.60 -20.31
N TYR A 195 -14.52 3.17 -20.70
CA TYR A 195 -15.71 3.27 -19.88
C TYR A 195 -16.29 1.88 -19.63
N PRO A 196 -15.57 1.06 -18.86
CA PRO A 196 -16.08 -0.30 -18.63
C PRO A 196 -17.33 -0.31 -17.75
N PRO A 197 -18.10 -1.40 -17.82
CA PRO A 197 -19.38 -1.41 -17.14
C PRO A 197 -19.24 -1.58 -15.63
N ASN A 198 -19.65 -0.55 -14.88
CA ASN A 198 -19.52 -0.56 -13.42
C ASN A 198 -20.63 -1.42 -12.79
N VAL A 199 -20.26 -2.65 -12.45
CA VAL A 199 -21.22 -3.73 -12.33
C VAL A 199 -20.95 -4.60 -11.11
N GLU A 200 -21.94 -4.71 -10.23
CA GLU A 200 -21.90 -5.65 -9.10
C GLU A 200 -21.58 -7.07 -9.59
N SER A 201 -20.93 -7.86 -8.74
CA SER A 201 -20.45 -9.18 -9.13
C SER A 201 -21.58 -10.12 -9.55
N SER A 202 -22.61 -10.23 -8.71
CA SER A 202 -23.73 -11.15 -8.96
C SER A 202 -24.90 -10.44 -9.67
N PRO A 203 -25.55 -11.14 -10.62
CA PRO A 203 -26.84 -10.63 -11.14
C PRO A 203 -27.97 -10.86 -10.13
N GLU A 204 -28.00 -12.06 -9.56
CA GLU A 204 -28.90 -12.39 -8.44
C GLU A 204 -29.03 -11.26 -7.42
N LEU A 205 -30.27 -10.91 -7.08
CA LEU A 205 -30.57 -9.79 -6.21
C LEU A 205 -30.87 -10.29 -4.78
N PRO A 206 -30.29 -9.62 -3.75
CA PRO A 206 -30.65 -9.88 -2.36
C PRO A 206 -32.12 -9.58 -2.06
N LYS A 207 -32.76 -10.43 -1.27
CA LYS A 207 -34.22 -10.33 -1.04
C LYS A 207 -34.72 -8.96 -0.63
N HIS A 208 -33.98 -8.29 0.25
CA HIS A 208 -34.35 -6.96 0.75
C HIS A 208 -34.27 -5.86 -0.31
N ILE A 209 -33.40 -6.02 -1.30
CA ILE A 209 -33.36 -5.10 -2.45
C ILE A 209 -34.58 -5.38 -3.34
N TYR A 210 -34.85 -6.67 -3.57
CA TYR A 210 -35.98 -7.13 -4.41
C TYR A 210 -37.31 -6.55 -3.94
N ASN A 211 -37.55 -6.60 -2.63
CA ASN A 211 -38.82 -6.14 -2.04
C ASN A 211 -39.06 -4.63 -2.05
N LYS A 212 -38.05 -3.85 -2.47
CA LYS A 212 -38.26 -2.45 -2.85
C LYS A 212 -38.66 -2.31 -4.32
N LEU A 213 -39.14 -3.38 -4.97
CA LEU A 213 -39.41 -3.35 -6.43
C LEU A 213 -40.86 -3.64 -6.89
N ASP A 214 -41.76 -4.02 -5.98
CA ASP A 214 -43.05 -4.67 -6.37
C ASP A 214 -42.89 -5.72 -7.50
N LYS A 215 -42.49 -6.92 -7.09
CA LYS A 215 -42.35 -8.09 -7.96
C LYS A 215 -41.31 -7.90 -9.08
N GLY A 216 -40.29 -7.11 -8.79
CA GLY A 216 -39.22 -6.83 -9.75
C GLY A 216 -39.55 -5.86 -10.88
N GLN A 217 -39.94 -4.63 -10.54
CA GLN A 217 -39.98 -3.51 -11.49
C GLN A 217 -39.41 -2.23 -10.87
N ILE A 218 -38.77 -1.40 -11.71
CA ILE A 218 -38.20 -0.11 -11.27
C ILE A 218 -38.80 0.98 -12.15
N ILE A 219 -39.00 2.18 -11.60
CA ILE A 219 -39.33 3.33 -12.44
C ILE A 219 -38.04 4.04 -12.77
N VAL A 220 -37.71 4.09 -14.06
CA VAL A 220 -36.48 4.71 -14.60
C VAL A 220 -36.84 6.10 -15.13
N VAL A 221 -35.86 6.90 -15.53
CA VAL A 221 -36.12 8.14 -16.27
C VAL A 221 -35.07 8.29 -17.35
N ILE A 222 -35.43 7.99 -18.60
CA ILE A 222 -34.51 8.21 -19.73
C ILE A 222 -34.62 9.66 -20.22
N TRP A 223 -33.48 10.32 -20.38
CA TRP A 223 -33.42 11.71 -20.83
C TRP A 223 -32.89 11.74 -22.25
N VAL A 224 -33.25 12.80 -22.96
CA VAL A 224 -32.90 12.98 -24.38
C VAL A 224 -32.72 14.47 -24.62
N ILE A 225 -31.90 14.82 -25.60
CA ILE A 225 -31.69 16.20 -26.05
C ILE A 225 -31.94 16.27 -27.58
N VAL A 226 -32.55 17.36 -28.08
CA VAL A 226 -32.92 17.46 -29.52
C VAL A 226 -32.49 18.76 -30.28
N SER A 227 -32.81 19.96 -29.77
CA SER A 227 -32.61 21.23 -30.53
C SER A 227 -32.44 22.52 -29.67
N PRO A 228 -31.33 23.29 -29.81
CA PRO A 228 -30.11 22.91 -30.55
C PRO A 228 -29.38 21.81 -29.81
N ASN A 229 -29.21 22.02 -28.50
CA ASN A 229 -29.07 20.92 -27.55
C ASN A 229 -29.42 21.37 -26.10
N ASN A 230 -30.37 22.29 -25.98
CA ASN A 230 -30.64 22.97 -24.69
C ASN A 230 -31.71 22.26 -23.88
N ASP A 231 -32.94 22.21 -24.40
CA ASP A 231 -34.05 21.56 -23.69
C ASP A 231 -33.91 20.04 -23.73
N LYS A 232 -34.38 19.41 -22.67
CA LYS A 232 -34.28 17.98 -22.46
C LYS A 232 -35.69 17.45 -22.25
N GLN A 233 -35.85 16.14 -22.31
CA GLN A 233 -37.18 15.54 -22.21
C GLN A 233 -37.20 14.24 -21.43
N LYS A 234 -37.96 14.25 -20.33
CA LYS A 234 -38.13 13.06 -19.48
C LYS A 234 -38.95 12.01 -20.20
N TYR A 235 -38.63 10.74 -20.01
CA TYR A 235 -39.38 9.61 -20.60
C TYR A 235 -39.41 8.46 -19.59
N THR A 236 -40.35 8.60 -18.66
CA THR A 236 -40.33 7.89 -17.40
C THR A 236 -40.85 6.46 -17.52
N LEU A 237 -39.96 5.54 -17.94
CA LEU A 237 -40.29 4.10 -18.06
C LEU A 237 -40.65 3.45 -16.73
N LYS A 238 -41.12 2.21 -16.82
CA LYS A 238 -41.32 1.38 -15.64
C LYS A 238 -41.07 -0.07 -16.04
N ILE A 239 -39.80 -0.43 -16.04
CA ILE A 239 -39.30 -1.68 -16.66
C ILE A 239 -38.85 -2.74 -15.64
N ASN A 240 -38.81 -4.00 -16.08
CA ASN A 240 -38.32 -5.09 -15.23
C ASN A 240 -36.85 -4.86 -14.83
N HIS A 241 -36.52 -5.24 -13.60
CA HIS A 241 -35.22 -4.92 -13.04
C HIS A 241 -34.10 -5.60 -13.84
N ASP A 242 -34.35 -6.83 -14.29
CA ASP A 242 -33.34 -7.60 -15.03
C ASP A 242 -33.46 -7.54 -16.55
N CYS A 243 -34.11 -6.50 -17.09
CA CYS A 243 -34.06 -6.25 -18.54
C CYS A 243 -32.78 -5.46 -18.83
N VAL A 244 -32.24 -5.62 -20.03
CA VAL A 244 -30.89 -5.12 -20.35
C VAL A 244 -30.96 -3.73 -21.01
N PRO A 245 -29.83 -2.98 -21.06
CA PRO A 245 -29.77 -1.62 -21.62
C PRO A 245 -30.41 -1.43 -22.98
N GLU A 246 -30.20 -2.39 -23.88
CA GLU A 246 -30.78 -2.32 -25.24
C GLU A 246 -32.31 -2.35 -25.22
N GLN A 247 -32.88 -3.15 -24.32
CA GLN A 247 -34.34 -3.18 -24.13
C GLN A 247 -34.85 -1.84 -23.58
N VAL A 248 -34.10 -1.27 -22.63
CA VAL A 248 -34.45 0.03 -22.04
C VAL A 248 -34.35 1.15 -23.09
N ILE A 249 -33.38 1.06 -24.00
CA ILE A 249 -33.21 2.04 -25.10
C ILE A 249 -34.38 1.97 -26.10
N ALA A 250 -34.88 0.76 -26.37
CA ALA A 250 -36.04 0.58 -27.23
C ALA A 250 -37.26 1.30 -26.65
N GLU A 251 -37.66 0.88 -25.45
CA GLU A 251 -38.89 1.36 -24.79
C GLU A 251 -38.93 2.90 -24.62
N ALA A 252 -37.76 3.51 -24.46
CA ALA A 252 -37.63 4.96 -24.43
C ALA A 252 -37.88 5.56 -25.81
N ILE A 253 -37.32 4.93 -26.84
CA ILE A 253 -37.56 5.38 -28.22
C ILE A 253 -39.02 5.14 -28.60
N ARG A 254 -39.58 3.98 -28.23
CA ARG A 254 -41.00 3.69 -28.45
C ARG A 254 -41.86 4.86 -28.04
N LYS A 255 -41.75 5.24 -26.78
CA LYS A 255 -42.54 6.35 -26.24
C LYS A 255 -42.15 7.70 -26.86
N LYS A 256 -40.86 7.91 -27.09
CA LYS A 256 -40.36 9.12 -27.79
C LYS A 256 -41.08 9.29 -29.14
N THR A 257 -41.23 8.19 -29.87
CA THR A 257 -41.73 8.17 -31.26
C THR A 257 -43.07 7.43 -31.46
N ARG A 258 -43.94 7.42 -30.45
CA ARG A 258 -45.37 7.12 -30.64
C ARG A 258 -46.01 8.41 -31.10
N SER A 259 -47.09 8.30 -31.87
CA SER A 259 -47.80 9.48 -32.39
C SER A 259 -49.17 9.12 -32.96
N MET A 260 -50.01 10.13 -33.15
CA MET A 260 -51.27 9.99 -33.90
C MET A 260 -51.06 9.96 -35.43
N LEU A 261 -49.84 10.23 -35.88
CA LEU A 261 -49.49 10.12 -37.29
C LEU A 261 -48.51 8.96 -37.55
N LEU A 262 -48.57 7.90 -36.73
CA LEU A 262 -47.75 6.70 -36.93
C LEU A 262 -48.48 5.43 -36.47
N SER A 263 -48.81 4.57 -37.44
CA SER A 263 -49.52 3.31 -37.16
C SER A 263 -48.68 2.37 -36.32
N SER A 264 -49.30 1.28 -35.88
CA SER A 264 -48.60 0.26 -35.09
C SER A 264 -47.34 -0.28 -35.78
N GLU A 265 -47.47 -0.74 -37.01
CA GLU A 265 -46.34 -1.29 -37.75
C GLU A 265 -45.28 -0.21 -38.01
N GLN A 266 -45.70 0.95 -38.47
CA GLN A 266 -44.80 2.10 -38.75
C GLN A 266 -43.89 2.49 -37.58
N LEU A 267 -44.38 2.30 -36.35
CA LEU A 267 -43.59 2.55 -35.15
C LEU A 267 -42.44 1.55 -35.07
N LYS A 268 -42.78 0.25 -35.10
CA LYS A 268 -41.79 -0.84 -35.04
C LYS A 268 -40.63 -0.72 -36.04
N LEU A 269 -40.93 -0.21 -37.25
CA LEU A 269 -39.90 0.05 -38.26
C LEU A 269 -39.02 1.22 -37.85
N CYS A 270 -39.65 2.31 -37.40
CA CYS A 270 -38.93 3.47 -36.89
C CYS A 270 -38.19 3.23 -35.57
N VAL A 271 -38.60 2.20 -34.79
CA VAL A 271 -37.85 1.78 -33.61
C VAL A 271 -36.55 1.13 -34.05
N LEU A 272 -36.65 0.10 -34.89
CA LEU A 272 -35.49 -0.71 -35.26
C LEU A 272 -34.31 0.10 -35.85
N GLU A 273 -34.58 1.09 -36.69
CA GLU A 273 -33.52 1.95 -37.26
C GLU A 273 -32.89 2.84 -36.18
N TYR A 274 -33.73 3.56 -35.44
CA TYR A 274 -33.28 4.44 -34.33
C TYR A 274 -32.60 3.71 -33.15
N GLN A 275 -33.07 2.51 -32.82
CA GLN A 275 -32.70 1.80 -31.58
C GLN A 275 -31.19 1.67 -31.35
N GLY A 276 -30.49 1.13 -32.35
CA GLY A 276 -29.07 0.80 -32.24
C GLY A 276 -28.06 1.95 -32.35
N LYS A 277 -28.53 3.16 -32.65
CA LYS A 277 -27.65 4.33 -32.77
C LYS A 277 -27.30 4.94 -31.41
N TYR A 278 -28.06 4.59 -30.38
CA TYR A 278 -27.89 5.17 -29.05
C TYR A 278 -27.32 4.14 -28.08
N ILE A 279 -26.73 4.64 -26.99
CA ILE A 279 -26.38 3.85 -25.79
C ILE A 279 -26.70 4.63 -24.51
N LEU A 280 -26.83 3.90 -23.40
CA LEU A 280 -27.19 4.49 -22.10
C LEU A 280 -26.01 5.03 -21.28
N LYS A 281 -26.10 6.30 -20.90
CA LYS A 281 -25.17 6.97 -19.99
C LYS A 281 -25.83 7.04 -18.60
N VAL A 282 -25.07 7.41 -17.55
CA VAL A 282 -25.65 7.87 -16.28
C VAL A 282 -25.66 9.40 -16.26
N CYS A 283 -26.79 10.01 -15.94
CA CYS A 283 -26.86 11.47 -15.88
C CYS A 283 -25.95 11.91 -14.74
N GLY A 284 -25.05 12.86 -15.05
CA GLY A 284 -24.24 13.54 -14.04
C GLY A 284 -22.81 13.04 -13.82
N CYS A 285 -22.47 11.90 -14.39
CA CYS A 285 -21.11 11.36 -14.31
C CYS A 285 -20.81 10.49 -15.52
N ASP A 286 -19.54 10.36 -15.87
CA ASP A 286 -19.15 9.58 -17.05
C ASP A 286 -19.11 8.10 -16.73
N GLU A 287 -20.30 7.53 -16.56
CA GLU A 287 -20.51 6.08 -16.49
C GLU A 287 -21.41 5.73 -17.70
N TYR A 288 -21.30 4.48 -18.17
CA TYR A 288 -22.05 4.01 -19.34
C TYR A 288 -22.45 2.55 -19.15
N PHE A 289 -23.51 2.14 -19.86
CA PHE A 289 -24.08 0.79 -19.75
C PHE A 289 -23.87 0.03 -21.04
N LEU A 290 -22.62 -0.33 -21.30
CA LEU A 290 -22.24 -0.80 -22.61
C LEU A 290 -22.28 -2.31 -22.84
N GLU A 291 -22.80 -3.11 -21.90
CA GLU A 291 -23.01 -4.53 -22.24
C GLU A 291 -24.16 -5.24 -21.55
N LYS A 292 -24.53 -6.40 -22.14
CA LYS A 292 -25.62 -7.24 -21.66
C LYS A 292 -25.38 -7.68 -20.23
N TYR A 293 -25.83 -6.83 -19.33
CA TYR A 293 -26.02 -7.20 -17.96
C TYR A 293 -27.44 -6.74 -17.65
N PRO A 294 -28.15 -7.48 -16.77
CA PRO A 294 -29.31 -6.92 -16.08
C PRO A 294 -29.13 -5.46 -15.62
N LEU A 295 -30.14 -4.60 -15.75
CA LEU A 295 -30.02 -3.22 -15.23
C LEU A 295 -29.65 -3.16 -13.74
N SER A 296 -30.30 -4.01 -12.95
CA SER A 296 -29.99 -4.16 -11.51
C SER A 296 -28.52 -4.39 -11.19
N GLN A 297 -27.86 -5.18 -12.03
CA GLN A 297 -26.45 -5.55 -11.82
C GLN A 297 -25.44 -4.40 -11.96
N TYR A 298 -25.81 -3.33 -12.67
CA TYR A 298 -24.98 -2.12 -12.67
C TYR A 298 -25.07 -1.44 -11.30
N LYS A 299 -23.96 -0.93 -10.81
CA LYS A 299 -23.92 -0.42 -9.45
C LYS A 299 -24.89 0.73 -9.27
N TYR A 300 -24.89 1.66 -10.23
CA TYR A 300 -25.72 2.88 -10.13
C TYR A 300 -27.20 2.62 -9.91
N ILE A 301 -27.71 1.57 -10.54
CA ILE A 301 -29.12 1.21 -10.40
C ILE A 301 -29.33 0.75 -8.97
N ARG A 302 -28.56 -0.27 -8.58
CA ARG A 302 -28.72 -0.91 -7.28
C ARG A 302 -28.64 0.09 -6.09
N SER A 303 -27.80 1.11 -6.22
CA SER A 303 -27.81 2.26 -5.30
C SER A 303 -29.13 3.00 -5.33
N CYS A 304 -29.56 3.34 -6.56
CA CYS A 304 -30.82 4.05 -6.76
C CYS A 304 -32.02 3.27 -6.18
N ILE A 305 -31.94 1.94 -6.19
CA ILE A 305 -32.93 1.11 -5.48
C ILE A 305 -32.84 1.32 -3.96
N MET A 306 -31.64 1.10 -3.42
CA MET A 306 -31.44 1.12 -1.97
C MET A 306 -31.66 2.49 -1.36
N LEU A 307 -31.25 3.54 -2.05
CA LEU A 307 -31.43 4.90 -1.55
C LEU A 307 -32.83 5.47 -1.78
N GLY A 308 -33.70 4.75 -2.51
CA GLY A 308 -35.03 5.23 -2.83
C GLY A 308 -34.89 6.41 -3.78
N ARG A 309 -34.31 6.13 -4.94
CA ARG A 309 -34.10 7.13 -5.99
C ARG A 309 -34.52 6.57 -7.34
N MET A 310 -34.82 7.49 -8.25
CA MET A 310 -35.29 7.13 -9.57
C MET A 310 -34.11 7.29 -10.52
N PRO A 311 -33.63 6.18 -11.11
CA PRO A 311 -32.42 6.30 -11.92
C PRO A 311 -32.58 7.35 -12.99
N ASN A 312 -31.58 8.21 -13.16
CA ASN A 312 -31.51 9.16 -14.27
C ASN A 312 -30.41 8.81 -15.23
N LEU A 313 -30.81 8.14 -16.31
CA LEU A 313 -29.93 7.74 -17.39
C LEU A 313 -30.01 8.82 -18.48
N MET A 314 -29.24 8.65 -19.54
CA MET A 314 -29.31 9.53 -20.70
C MET A 314 -29.13 8.72 -21.98
N LEU A 315 -29.93 9.04 -23.01
CA LEU A 315 -29.75 8.45 -24.33
C LEU A 315 -28.71 9.28 -25.05
N MET A 316 -27.69 8.58 -25.53
CA MET A 316 -26.52 9.19 -26.13
C MET A 316 -26.21 8.49 -27.45
N ALA A 317 -26.13 9.30 -28.51
CA ALA A 317 -25.67 8.87 -29.82
C ALA A 317 -24.29 8.21 -29.74
N LYS A 318 -24.15 7.02 -30.32
CA LYS A 318 -22.87 6.34 -30.38
C LYS A 318 -21.78 7.15 -31.08
N GLU A 319 -22.12 7.88 -32.13
CA GLU A 319 -21.12 8.72 -32.81
C GLU A 319 -20.73 9.99 -32.03
N SER A 320 -21.54 10.42 -31.07
CA SER A 320 -21.09 11.48 -30.15
C SER A 320 -20.19 10.90 -29.04
N LEU A 321 -20.31 9.61 -28.73
CA LEU A 321 -19.36 8.93 -27.83
C LEU A 321 -18.07 8.59 -28.57
N TYR A 322 -18.20 7.94 -29.72
CA TYR A 322 -17.05 7.61 -30.58
C TYR A 322 -16.44 8.86 -31.26
N SER A 323 -17.10 10.01 -31.15
CA SER A 323 -16.48 11.32 -31.40
C SER A 323 -15.49 11.63 -30.30
N GLN A 324 -15.97 11.58 -29.06
CA GLN A 324 -15.17 11.97 -27.88
C GLN A 324 -13.97 11.05 -27.58
N LEU A 325 -13.98 9.80 -28.05
CA LEU A 325 -12.81 8.90 -27.88
C LEU A 325 -11.69 9.25 -28.88
N PRO A 326 -10.44 8.88 -28.54
CA PRO A 326 -9.29 9.09 -29.43
C PRO A 326 -8.77 7.77 -30.00
N MET A 327 -7.66 7.83 -30.75
CA MET A 327 -7.00 6.61 -31.21
C MET A 327 -5.95 6.17 -30.18
N ASP A 328 -5.85 4.85 -29.96
CA ASP A 328 -4.95 4.28 -28.93
C ASP A 328 -3.46 4.32 -29.29
N CYS A 329 -3.15 4.27 -30.59
CA CYS A 329 -1.85 4.67 -31.16
C CYS A 329 -0.58 4.25 -30.39
N PHE A 330 -0.54 3.01 -29.93
CA PHE A 330 0.64 2.45 -29.23
C PHE A 330 1.88 2.45 -30.11
N THR A 331 3.05 2.63 -29.49
CA THR A 331 4.32 2.60 -30.20
C THR A 331 5.34 1.77 -29.40
N MET A 332 6.11 0.96 -30.11
CA MET A 332 7.22 0.21 -29.51
C MET A 332 8.38 1.16 -29.27
N PRO A 333 9.05 1.05 -28.11
CA PRO A 333 10.03 2.06 -27.73
C PRO A 333 11.40 1.94 -28.41
N SER A 334 12.22 2.97 -28.19
CA SER A 334 13.62 3.02 -28.61
C SER A 334 14.51 1.92 -28.02
N TYR A 335 14.10 1.34 -26.88
CA TYR A 335 14.79 0.17 -26.31
C TYR A 335 14.25 -1.15 -26.91
N SER A 336 14.13 -1.18 -28.25
CA SER A 336 13.54 -2.28 -29.03
C SER A 336 12.19 -2.78 -28.50
N ASN A 347 23.54 -14.67 -22.97
CA ASN A 347 22.32 -15.48 -22.96
C ASN A 347 22.50 -16.71 -22.05
N GLY A 348 23.27 -17.70 -22.50
CA GLY A 348 23.64 -18.87 -21.71
C GLY A 348 25.03 -19.33 -22.13
N GLU A 349 25.91 -19.57 -21.14
CA GLU A 349 27.31 -19.96 -21.40
C GLU A 349 27.40 -21.27 -22.23
N THR A 350 26.88 -22.36 -21.65
CA THR A 350 26.90 -23.70 -22.25
C THR A 350 25.71 -24.47 -21.65
N SER A 351 25.67 -25.79 -21.85
CA SER A 351 24.83 -26.68 -21.02
C SER A 351 25.48 -26.75 -19.63
N THR A 352 25.26 -25.69 -18.85
CA THR A 352 26.02 -25.42 -17.61
C THR A 352 25.71 -26.39 -16.48
N LYS A 353 26.61 -26.43 -15.50
CA LYS A 353 26.57 -27.47 -14.48
C LYS A 353 25.33 -27.43 -13.55
N SER A 354 24.35 -28.30 -13.84
CA SER A 354 23.10 -28.46 -13.05
C SER A 354 23.29 -28.63 -11.52
N LEU A 355 22.55 -27.84 -10.74
CA LEU A 355 22.68 -27.75 -9.30
C LEU A 355 22.73 -29.10 -8.59
N TRP A 356 21.96 -30.06 -9.08
CA TRP A 356 21.88 -31.41 -8.46
C TRP A 356 23.17 -32.26 -8.57
N VAL A 357 24.12 -31.82 -9.39
CA VAL A 357 25.46 -32.42 -9.46
C VAL A 357 26.37 -31.94 -8.33
N ILE A 358 26.19 -30.70 -7.87
CA ILE A 358 27.18 -30.02 -7.00
C ILE A 358 27.26 -30.73 -5.64
N ASN A 359 28.30 -31.56 -5.48
CA ASN A 359 28.41 -32.41 -4.32
C ASN A 359 29.17 -31.70 -3.22
N SER A 360 28.45 -30.97 -2.38
CA SER A 360 29.03 -30.23 -1.25
C SER A 360 27.96 -29.71 -0.27
N ALA A 361 28.40 -29.27 0.90
CA ALA A 361 27.53 -28.53 1.82
C ALA A 361 27.51 -27.05 1.40
N LEU A 362 26.75 -26.23 2.12
CA LEU A 362 26.77 -24.79 1.89
C LEU A 362 27.72 -24.11 2.86
N ARG A 363 28.54 -23.23 2.30
CA ARG A 363 29.39 -22.37 3.07
C ARG A 363 29.47 -21.01 2.38
N ILE A 364 29.30 -19.96 3.19
CA ILE A 364 29.31 -18.59 2.71
C ILE A 364 30.38 -17.85 3.52
N LYS A 365 31.20 -17.07 2.81
CA LYS A 365 32.28 -16.30 3.44
C LYS A 365 31.84 -14.86 3.76
N ILE A 366 31.71 -14.59 5.06
CA ILE A 366 31.58 -13.23 5.58
C ILE A 366 32.99 -12.61 5.47
N LEU A 367 33.08 -11.35 5.07
CA LEU A 367 34.39 -10.66 4.89
C LEU A 367 34.60 -9.46 5.85
N CYS A 368 33.77 -8.43 5.69
CA CYS A 368 33.91 -7.20 6.48
C CYS A 368 32.70 -6.29 6.32
N ALA A 369 32.26 -5.69 7.43
CA ALA A 369 31.37 -4.54 7.39
C ALA A 369 32.24 -3.30 7.48
N THR A 370 31.75 -2.19 6.92
CA THR A 370 32.52 -0.94 6.86
C THR A 370 31.91 0.17 7.72
N TYR A 371 30.67 0.54 7.43
CA TYR A 371 30.05 1.79 7.90
C TYR A 371 29.16 1.60 9.16
N VAL A 372 29.64 0.78 10.11
CA VAL A 372 28.84 0.40 11.30
C VAL A 372 28.91 1.47 12.39
N ASN A 373 27.75 2.01 12.80
CA ASN A 373 27.66 3.13 13.75
C ASN A 373 27.24 2.68 15.15
N VAL A 374 28.21 2.50 16.05
CA VAL A 374 27.96 1.98 17.41
C VAL A 374 28.76 2.74 18.47
N ASN A 375 28.15 2.94 19.63
CA ASN A 375 28.87 3.42 20.81
C ASN A 375 29.76 2.32 21.37
N ILE A 376 31.06 2.57 21.40
CA ILE A 376 32.02 1.64 22.01
C ILE A 376 31.79 1.59 23.53
N ARG A 377 31.32 2.70 24.09
CA ARG A 377 30.97 2.79 25.51
C ARG A 377 29.78 1.91 25.91
N ASP A 378 28.81 1.78 25.02
CA ASP A 378 27.56 1.08 25.33
C ASP A 378 27.67 -0.42 25.03
N ILE A 379 28.11 -0.75 23.81
CA ILE A 379 28.15 -2.14 23.32
C ILE A 379 29.52 -2.77 23.57
N ASP A 380 29.52 -4.05 23.94
CA ASP A 380 30.75 -4.82 24.15
C ASP A 380 31.24 -5.35 22.81
N LYS A 381 30.41 -6.19 22.17
CA LYS A 381 30.82 -6.95 21.01
C LYS A 381 29.74 -7.01 19.92
N ILE A 382 30.20 -7.17 18.67
CA ILE A 382 29.29 -7.29 17.52
C ILE A 382 29.73 -8.40 16.54
N TYR A 383 28.73 -9.10 15.99
CA TYR A 383 28.95 -10.22 15.07
C TYR A 383 27.90 -10.21 13.95
N VAL A 384 28.09 -11.07 12.94
CA VAL A 384 27.10 -11.29 11.88
C VAL A 384 26.33 -12.58 12.15
N ARG A 385 25.00 -12.46 12.31
CA ARG A 385 24.11 -13.61 12.30
C ARG A 385 23.81 -13.97 10.84
N THR A 386 23.47 -15.24 10.62
CA THR A 386 23.15 -15.78 9.28
C THR A 386 22.11 -16.88 9.38
N GLY A 387 21.45 -17.15 8.25
CA GLY A 387 20.47 -18.24 8.11
C GLY A 387 19.99 -18.36 6.68
N ILE A 388 19.56 -19.56 6.30
CA ILE A 388 18.95 -19.77 4.98
C ILE A 388 17.44 -19.81 5.21
N TYR A 389 16.67 -19.33 4.22
CA TYR A 389 15.21 -19.21 4.37
C TYR A 389 14.40 -19.52 3.08
N HIS A 390 13.10 -19.76 3.30
CA HIS A 390 12.08 -19.95 2.27
C HIS A 390 10.74 -19.32 2.79
N GLY A 391 10.82 -18.19 3.51
CA GLY A 391 9.75 -17.75 4.43
C GLY A 391 10.02 -18.32 5.83
N GLY A 392 9.91 -19.64 5.98
CA GLY A 392 10.47 -20.40 7.13
C GLY A 392 11.80 -21.06 6.75
N GLU A 393 12.59 -21.48 7.75
CA GLU A 393 14.05 -21.80 7.58
C GLU A 393 14.43 -23.29 7.35
N PRO A 394 15.21 -23.63 6.26
CA PRO A 394 15.59 -25.04 6.00
C PRO A 394 16.87 -25.60 6.67
N LEU A 395 17.44 -24.91 7.67
CA LEU A 395 18.57 -25.45 8.45
C LEU A 395 18.78 -24.72 9.78
N CYS A 396 19.62 -25.32 10.62
CA CYS A 396 19.91 -24.76 11.93
C CYS A 396 20.65 -23.42 11.77
N ASP A 397 20.09 -22.39 12.39
CA ASP A 397 20.65 -21.03 12.34
C ASP A 397 22.06 -20.99 12.94
N ASN A 398 22.91 -20.11 12.43
CA ASN A 398 24.27 -19.91 12.98
C ASN A 398 24.76 -18.47 12.96
N VAL A 399 25.84 -18.24 13.70
CA VAL A 399 26.52 -16.94 13.78
C VAL A 399 27.99 -17.17 13.46
N ASN A 400 28.72 -16.09 13.20
CA ASN A 400 30.18 -16.17 13.27
C ASN A 400 30.65 -15.66 14.63
N THR A 401 31.89 -15.98 15.02
CA THR A 401 32.40 -15.64 16.37
C THR A 401 32.52 -14.12 16.57
N GLN A 402 32.50 -13.70 17.84
CA GLN A 402 32.35 -12.27 18.22
C GLN A 402 33.64 -11.45 17.98
N ARG A 403 34.16 -11.45 16.74
CA ARG A 403 35.51 -10.96 16.45
C ARG A 403 35.56 -9.46 16.07
N VAL A 404 36.76 -8.90 16.21
CA VAL A 404 37.07 -7.45 16.07
C VAL A 404 35.83 -6.59 16.39
N PRO A 405 35.41 -6.62 17.66
CA PRO A 405 34.14 -6.00 18.05
C PRO A 405 34.23 -4.49 18.13
N CYS A 406 33.19 -3.80 17.65
CA CYS A 406 33.22 -2.35 17.40
C CYS A 406 34.46 -1.96 16.58
N SER A 407 34.95 -0.72 16.67
CA SER A 407 36.14 -0.25 15.93
C SER A 407 36.05 -0.65 14.45
N ASN A 408 36.95 -1.51 13.95
CA ASN A 408 36.78 -2.16 12.64
C ASN A 408 36.15 -3.54 12.85
N PRO A 409 35.10 -3.89 12.07
CA PRO A 409 34.50 -5.23 12.14
C PRO A 409 34.88 -6.09 10.93
N ARG A 410 35.73 -7.09 11.16
CA ARG A 410 36.41 -7.84 10.09
C ARG A 410 36.58 -9.31 10.48
N TRP A 411 35.65 -10.15 10.00
CA TRP A 411 35.69 -11.61 10.18
C TRP A 411 36.04 -12.14 8.81
N ASN A 412 37.11 -12.90 8.68
CA ASN A 412 37.39 -13.62 7.45
C ASN A 412 37.13 -15.10 7.67
N GLU A 413 35.84 -15.40 7.87
CA GLU A 413 35.36 -16.76 8.15
C GLU A 413 34.51 -17.29 7.00
N TRP A 414 34.61 -18.60 6.77
CA TRP A 414 33.62 -19.33 5.98
C TRP A 414 32.63 -19.91 6.99
N LEU A 415 31.37 -19.49 6.91
CA LEU A 415 30.31 -20.04 7.77
C LEU A 415 29.81 -21.35 7.16
N ASN A 416 29.52 -22.34 8.02
CA ASN A 416 29.20 -23.72 7.58
C ASN A 416 27.76 -24.17 7.92
N TYR A 417 26.91 -24.20 6.89
CA TYR A 417 25.47 -24.53 6.99
C TYR A 417 25.23 -26.00 6.65
N ASP A 418 24.71 -26.77 7.60
CA ASP A 418 24.32 -28.16 7.35
C ASP A 418 23.09 -28.26 6.41
N ILE A 419 23.37 -28.16 5.11
CA ILE A 419 22.41 -28.45 4.06
C ILE A 419 23.21 -28.73 2.78
N TYR A 420 22.81 -29.73 2.00
CA TYR A 420 23.52 -30.02 0.76
C TYR A 420 23.05 -29.04 -0.31
N ILE A 421 23.96 -28.64 -1.20
CA ILE A 421 23.67 -27.66 -2.24
C ILE A 421 22.58 -28.08 -3.23
N PRO A 422 22.43 -29.40 -3.50
CA PRO A 422 21.28 -29.85 -4.31
C PRO A 422 19.90 -29.64 -3.63
N ASP A 423 19.90 -29.61 -2.29
CA ASP A 423 18.66 -29.41 -1.50
C ASP A 423 18.18 -27.95 -1.33
N LEU A 424 18.85 -26.99 -1.96
CA LEU A 424 18.36 -25.61 -1.96
C LEU A 424 17.17 -25.50 -2.92
N PRO A 425 16.01 -24.99 -2.44
CA PRO A 425 14.88 -24.77 -3.34
C PRO A 425 15.07 -23.53 -4.19
N ARG A 426 14.45 -23.52 -5.37
CA ARG A 426 14.56 -22.38 -6.32
C ARG A 426 14.49 -21.02 -5.66
N ALA A 427 13.58 -20.92 -4.69
CA ALA A 427 13.32 -19.67 -3.98
C ALA A 427 14.06 -19.56 -2.65
N ALA A 428 15.31 -20.01 -2.59
CA ALA A 428 16.06 -19.97 -1.34
C ALA A 428 16.71 -18.61 -1.15
N ARG A 429 16.85 -18.18 0.10
CA ARG A 429 17.34 -16.84 0.40
C ARG A 429 18.18 -16.83 1.67
N LEU A 430 19.33 -16.15 1.59
CA LEU A 430 20.19 -15.88 2.75
C LEU A 430 19.66 -14.64 3.46
N CYS A 431 19.43 -14.76 4.78
CA CYS A 431 19.05 -13.63 5.63
C CYS A 431 20.09 -13.43 6.71
N LEU A 432 20.77 -12.29 6.68
CA LEU A 432 21.85 -12.01 7.62
C LEU A 432 21.55 -10.72 8.39
N SER A 433 22.23 -10.56 9.53
CA SER A 433 22.11 -9.37 10.36
C SER A 433 23.30 -9.18 11.30
N ILE A 434 23.93 -8.01 11.23
CA ILE A 434 24.96 -7.63 12.19
C ILE A 434 24.22 -7.43 13.51
N CYS A 435 24.81 -7.86 14.63
CA CYS A 435 24.14 -7.80 15.94
C CYS A 435 25.09 -7.34 17.06
N SER A 436 24.51 -7.04 18.23
CA SER A 436 25.24 -6.51 19.40
C SER A 436 25.09 -7.44 20.60
N VAL A 437 26.14 -7.49 21.43
CA VAL A 437 26.08 -8.15 22.75
C VAL A 437 26.56 -7.17 23.80
N GLU A 446 22.03 -10.06 26.07
CA GLU A 446 22.35 -8.77 25.47
C GLU A 446 22.15 -8.72 23.94
N HIS A 447 21.43 -9.70 23.40
CA HIS A 447 21.28 -9.86 21.93
C HIS A 447 20.38 -8.77 21.32
N CYS A 448 20.80 -8.19 20.20
CA CYS A 448 20.21 -6.94 19.70
C CYS A 448 20.72 -6.51 18.30
N PRO A 449 19.85 -6.53 17.26
CA PRO A 449 20.31 -6.27 15.88
C PRO A 449 20.70 -4.81 15.57
N LEU A 450 21.69 -4.62 14.70
CA LEU A 450 22.12 -3.29 14.24
C LEU A 450 21.56 -2.96 12.87
N ALA A 451 21.89 -3.80 11.87
CA ALA A 451 21.38 -3.67 10.49
C ALA A 451 20.91 -5.04 10.00
N TRP A 452 20.37 -5.10 8.79
CA TRP A 452 19.95 -6.37 8.18
C TRP A 452 19.89 -6.26 6.66
N GLY A 453 20.00 -7.40 5.99
CA GLY A 453 19.87 -7.45 4.53
C GLY A 453 19.74 -8.89 4.06
N ASN A 454 18.97 -9.11 3.00
CA ASN A 454 18.72 -10.46 2.50
C ASN A 454 19.04 -10.57 1.02
N ILE A 455 19.60 -11.71 0.62
CA ILE A 455 19.95 -11.96 -0.78
C ILE A 455 19.35 -13.28 -1.23
N ASN A 456 18.86 -13.31 -2.47
CA ASN A 456 18.39 -14.52 -3.12
C ASN A 456 19.58 -15.35 -3.56
N LEU A 457 19.61 -16.62 -3.16
CA LEU A 457 20.73 -17.53 -3.49
C LEU A 457 20.74 -17.90 -4.95
N PHE A 458 19.65 -17.65 -5.67
CA PHE A 458 19.63 -17.73 -7.12
C PHE A 458 19.28 -16.36 -7.69
N ASP A 459 19.76 -16.08 -8.90
CA ASP A 459 19.40 -14.87 -9.63
C ASP A 459 18.20 -15.14 -10.53
N TYR A 460 17.73 -14.10 -11.22
CA TYR A 460 16.54 -14.22 -12.07
C TYR A 460 16.68 -15.18 -13.26
N THR A 461 17.91 -15.43 -13.71
CA THR A 461 18.18 -16.44 -14.75
C THR A 461 18.42 -17.88 -14.19
N ASP A 462 17.87 -18.16 -13.00
CA ASP A 462 17.99 -19.48 -12.32
C ASP A 462 19.39 -19.83 -11.81
N THR A 463 20.33 -18.89 -11.87
CA THR A 463 21.76 -19.17 -11.65
C THR A 463 22.21 -19.00 -10.20
N LEU A 464 22.61 -20.09 -9.56
CA LEU A 464 23.09 -20.09 -8.16
C LEU A 464 24.20 -19.03 -7.95
N VAL A 465 24.10 -18.28 -6.87
CA VAL A 465 24.96 -17.11 -6.61
C VAL A 465 26.36 -17.56 -6.17
N SER A 466 27.36 -17.21 -7.01
CA SER A 466 28.78 -17.52 -6.79
C SER A 466 29.61 -16.29 -7.07
N GLY A 467 30.50 -15.93 -6.14
CA GLY A 467 31.38 -14.76 -6.31
C GLY A 467 31.45 -13.84 -5.10
N LYS A 468 31.50 -12.54 -5.35
CA LYS A 468 31.52 -11.52 -4.30
C LYS A 468 30.38 -10.51 -4.47
N MET A 469 29.55 -10.38 -3.44
CA MET A 469 28.42 -9.42 -3.43
C MET A 469 28.73 -8.26 -2.47
N ALA A 470 28.22 -7.08 -2.82
CA ALA A 470 28.32 -5.86 -2.00
C ALA A 470 26.92 -5.45 -1.50
N LEU A 471 26.51 -6.05 -0.39
CA LEU A 471 25.19 -5.85 0.20
C LEU A 471 25.20 -4.65 1.13
N ASN A 472 24.48 -3.60 0.75
CA ASN A 472 24.28 -2.42 1.61
C ASN A 472 23.02 -2.67 2.44
N LEU A 473 23.07 -2.38 3.74
CA LEU A 473 22.03 -2.84 4.66
C LEU A 473 20.93 -1.83 5.08
N TRP A 474 19.84 -2.39 5.59
CA TRP A 474 18.65 -1.66 6.06
C TRP A 474 18.69 -1.60 7.59
N PRO A 475 18.08 -0.56 8.21
CA PRO A 475 18.01 -0.50 9.68
C PRO A 475 16.81 -1.26 10.20
N VAL A 476 16.85 -1.64 11.47
CA VAL A 476 15.75 -2.38 12.09
C VAL A 476 14.53 -1.48 12.31
N PRO A 477 13.34 -1.90 11.82
CA PRO A 477 12.15 -1.10 12.05
C PRO A 477 11.63 -1.10 13.48
N HIS A 478 10.52 -0.41 13.68
CA HIS A 478 9.92 -0.24 15.00
C HIS A 478 9.53 -1.58 15.59
N GLY A 479 8.58 -2.26 14.93
CA GLY A 479 7.96 -3.46 15.47
C GLY A 479 8.85 -4.67 15.50
N LEU A 480 9.74 -4.80 14.52
CA LEU A 480 10.69 -5.90 14.52
C LEU A 480 11.81 -5.64 15.53
N GLU A 481 11.65 -6.26 16.70
CA GLU A 481 12.73 -6.40 17.68
C GLU A 481 13.47 -7.73 17.48
N ASP A 482 13.02 -8.53 16.49
CA ASP A 482 13.59 -9.84 16.25
C ASP A 482 15.02 -9.79 15.70
N LEU A 483 15.72 -10.91 15.88
CA LEU A 483 17.18 -11.01 15.65
C LEU A 483 17.64 -10.93 14.19
N LEU A 484 16.76 -11.20 13.23
CA LEU A 484 17.20 -11.43 11.85
C LEU A 484 16.33 -10.89 10.70
N ASN A 485 15.00 -10.90 10.84
CA ASN A 485 14.08 -10.36 9.82
C ASN A 485 14.16 -11.08 8.45
N PRO A 486 13.45 -12.22 8.30
CA PRO A 486 13.33 -12.90 7.03
C PRO A 486 12.17 -12.40 6.14
N ILE A 487 11.21 -11.68 6.71
CA ILE A 487 10.09 -11.13 5.94
C ILE A 487 10.59 -9.98 5.08
N GLY A 488 11.63 -9.29 5.55
CA GLY A 488 12.21 -8.11 4.87
C GLY A 488 12.62 -8.34 3.43
N VAL A 489 12.67 -7.25 2.68
CA VAL A 489 12.88 -7.30 1.22
C VAL A 489 14.24 -7.86 0.79
N THR A 490 14.19 -8.62 -0.30
CA THR A 490 15.37 -9.13 -0.96
C THR A 490 16.04 -8.04 -1.80
N GLY A 491 17.37 -7.98 -1.71
CA GLY A 491 18.18 -7.03 -2.45
C GLY A 491 18.95 -6.15 -1.51
N SER A 492 19.89 -5.41 -2.10
CA SER A 492 20.68 -4.42 -1.38
C SER A 492 19.86 -3.17 -1.17
N ASN A 493 20.29 -2.37 -0.19
CA ASN A 493 19.75 -1.03 0.04
C ASN A 493 20.28 -0.10 -1.07
N PRO A 494 19.40 0.76 -1.65
CA PRO A 494 19.93 1.80 -2.53
C PRO A 494 20.70 2.90 -1.79
N ASN A 495 20.34 3.16 -0.53
CA ASN A 495 21.04 4.14 0.31
C ASN A 495 22.50 3.72 0.56
N LYS A 496 23.44 4.50 0.00
CA LYS A 496 24.87 4.18 0.00
C LYS A 496 25.47 4.22 1.40
N GLU A 497 25.38 5.39 2.06
CA GLU A 497 26.05 5.60 3.33
C GLU A 497 25.29 4.91 4.47
N THR A 498 25.37 3.58 4.47
CA THR A 498 24.81 2.69 5.48
C THR A 498 25.74 1.49 5.59
N PRO A 499 25.56 0.62 6.63
CA PRO A 499 26.39 -0.59 6.74
C PRO A 499 26.46 -1.44 5.46
N CYS A 500 27.63 -1.42 4.81
CA CYS A 500 27.90 -2.25 3.63
C CYS A 500 28.70 -3.47 4.06
N LEU A 501 27.99 -4.57 4.32
CA LEU A 501 28.64 -5.85 4.65
C LEU A 501 28.84 -6.66 3.36
N GLU A 502 30.06 -6.63 2.83
CA GLU A 502 30.43 -7.45 1.66
C GLU A 502 30.76 -8.88 2.09
N LEU A 503 30.72 -9.79 1.12
CA LEU A 503 30.84 -11.23 1.39
C LEU A 503 31.16 -12.01 0.11
N GLU A 504 31.46 -13.30 0.26
CA GLU A 504 31.87 -14.16 -0.85
C GLU A 504 31.15 -15.50 -0.82
N PHE A 505 30.67 -15.93 -2.00
CA PHE A 505 30.03 -17.22 -2.20
C PHE A 505 30.94 -18.19 -2.96
N ASP A 506 30.70 -19.47 -2.74
CA ASP A 506 31.56 -20.55 -3.22
C ASP A 506 31.42 -20.70 -4.75
N TRP A 507 32.57 -20.88 -5.41
CA TRP A 507 32.67 -20.96 -6.87
C TRP A 507 32.89 -22.41 -7.25
N PHE A 508 32.13 -22.88 -8.24
CA PHE A 508 32.16 -24.29 -8.65
C PHE A 508 32.49 -24.43 -10.15
N SER A 509 33.50 -23.68 -10.60
CA SER A 509 34.09 -23.79 -11.95
C SER A 509 33.11 -23.72 -13.13
N SER A 510 31.96 -23.09 -12.91
CA SER A 510 30.86 -23.05 -13.86
C SER A 510 29.72 -22.28 -13.20
N VAL A 511 28.96 -21.56 -14.01
CA VAL A 511 27.69 -21.02 -13.55
C VAL A 511 26.75 -22.21 -13.27
N VAL A 512 26.28 -22.31 -12.02
CA VAL A 512 25.48 -23.45 -11.57
C VAL A 512 24.01 -23.08 -11.71
N LYS A 513 23.31 -23.67 -12.68
CA LYS A 513 21.90 -23.35 -12.93
C LYS A 513 20.91 -24.38 -12.32
N PHE A 514 19.69 -23.92 -12.01
CA PHE A 514 18.66 -24.73 -11.37
C PHE A 514 18.03 -25.67 -12.41
N PRO A 515 17.71 -26.92 -12.03
CA PRO A 515 17.07 -27.92 -12.88
C PRO A 515 15.92 -27.45 -13.78
N ASP A 516 15.78 -28.06 -14.96
CA ASP A 516 14.60 -27.88 -15.80
C ASP A 516 13.41 -28.59 -15.13
N MET A 517 12.20 -28.32 -15.64
CA MET A 517 11.03 -29.04 -15.15
C MET A 517 11.00 -30.44 -15.74
N SER A 518 11.48 -30.57 -16.98
CA SER A 518 11.73 -31.90 -17.58
C SER A 518 12.55 -32.82 -16.66
N VAL A 519 13.51 -32.25 -15.95
CA VAL A 519 14.38 -32.99 -15.01
C VAL A 519 13.73 -33.18 -13.64
N ILE A 520 12.99 -32.18 -13.15
CA ILE A 520 12.34 -32.29 -11.84
C ILE A 520 11.22 -33.35 -11.88
N GLU A 521 10.45 -33.36 -12.98
CA GLU A 521 9.40 -34.36 -13.20
C GLU A 521 9.91 -35.79 -13.10
N GLU A 522 11.00 -36.08 -13.80
CA GLU A 522 11.59 -37.43 -13.78
C GLU A 522 11.99 -37.87 -12.38
N HIS A 523 12.70 -37.01 -11.66
CA HIS A 523 13.12 -37.31 -10.29
C HIS A 523 11.93 -37.45 -9.32
N ALA A 524 10.81 -36.80 -9.66
CA ALA A 524 9.56 -37.01 -8.93
C ALA A 524 8.98 -38.39 -9.23
N ASN A 525 8.80 -38.70 -10.51
CA ASN A 525 8.32 -40.00 -10.96
C ASN A 525 9.20 -41.15 -10.46
N TRP A 526 10.49 -40.87 -10.26
CA TRP A 526 11.41 -41.77 -9.58
C TRP A 526 11.13 -41.82 -8.09
N SER A 527 11.09 -40.67 -7.41
CA SER A 527 10.89 -40.67 -5.95
C SER A 527 9.58 -41.35 -5.50
N VAL A 528 8.55 -41.30 -6.33
CA VAL A 528 7.26 -41.97 -6.07
C VAL A 528 7.35 -43.47 -6.40
N SER A 529 7.90 -43.81 -7.57
CA SER A 529 8.13 -45.22 -7.97
C SER A 529 9.11 -45.92 -7.02
N ARG A 530 10.08 -45.17 -6.52
CA ARG A 530 10.94 -45.61 -5.42
C ARG A 530 10.10 -45.80 -4.16
N GLU A 531 9.31 -44.78 -3.79
CA GLU A 531 8.40 -44.82 -2.59
C GLU A 531 7.54 -46.09 -2.46
N ALA A 532 7.20 -46.72 -3.59
CA ALA A 532 6.36 -47.93 -3.61
C ALA A 532 7.03 -49.25 -3.12
N GLY A 533 8.34 -49.27 -2.91
CA GLY A 533 9.09 -50.54 -2.76
C GLY A 533 9.92 -50.77 -1.51
N PHE A 534 9.59 -50.08 -0.42
CA PHE A 534 10.35 -50.15 0.83
C PHE A 534 9.70 -51.22 1.66
N SER A 535 10.33 -51.65 2.74
CA SER A 535 9.70 -52.61 3.65
C SER A 535 8.59 -51.90 4.41
N TYR A 536 7.51 -52.61 4.73
CA TYR A 536 6.50 -52.09 5.65
C TYR A 536 7.10 -51.96 7.06
N SER A 537 8.06 -52.83 7.38
CA SER A 537 8.90 -52.67 8.58
C SER A 537 9.44 -51.23 8.69
N HIS A 538 9.91 -50.71 7.57
CA HIS A 538 10.41 -49.33 7.44
C HIS A 538 9.30 -48.28 7.28
N ALA A 539 8.22 -48.62 6.55
CA ALA A 539 7.09 -47.71 6.32
C ALA A 539 6.36 -47.15 7.59
N GLY A 540 6.86 -47.47 8.79
CA GLY A 540 6.53 -46.74 10.02
C GLY A 540 7.64 -45.79 10.46
N LEU A 541 7.92 -44.78 9.62
CA LEU A 541 8.77 -43.62 10.00
C LEU A 541 7.96 -42.33 10.16
N SER A 542 6.62 -42.44 10.14
CA SER A 542 5.69 -41.33 10.38
C SER A 542 5.69 -40.26 9.29
N ASN A 543 5.95 -40.65 8.05
CA ASN A 543 5.84 -39.72 6.90
C ASN A 543 5.65 -40.43 5.55
N ARG A 544 4.98 -41.59 5.56
CA ARG A 544 4.72 -42.40 4.36
C ARG A 544 3.44 -43.25 4.55
N LEU A 545 2.55 -43.20 3.56
CA LEU A 545 1.21 -43.79 3.64
C LEU A 545 1.12 -45.10 2.86
N ALA A 546 0.50 -46.12 3.47
CA ALA A 546 0.08 -47.34 2.78
C ALA A 546 -1.44 -47.61 2.81
N ARG A 547 -2.19 -46.87 3.65
CA ARG A 547 -3.63 -47.08 3.88
C ARG A 547 -4.44 -47.44 2.64
N ASP A 548 -4.28 -46.63 1.58
CA ASP A 548 -5.03 -46.76 0.33
C ASP A 548 -6.56 -46.69 0.55
N ARG A 552 -8.29 -44.81 5.74
CA ARG A 552 -9.27 -44.97 6.80
C ARG A 552 -10.34 -43.87 6.79
N GLU A 553 -11.56 -44.23 7.18
CA GLU A 553 -12.72 -43.32 7.20
C GLU A 553 -12.59 -42.15 8.19
N ASN A 554 -11.92 -42.41 9.31
CA ASN A 554 -11.72 -41.41 10.37
C ASN A 554 -10.70 -40.33 9.97
N ASP A 555 -9.63 -40.77 9.31
CA ASP A 555 -8.57 -39.88 8.80
C ASP A 555 -9.11 -38.84 7.83
N LYS A 556 -9.83 -39.31 6.81
CA LYS A 556 -10.40 -38.43 5.78
C LYS A 556 -11.30 -37.31 6.35
N GLU A 557 -11.88 -37.53 7.54
CA GLU A 557 -12.61 -36.50 8.29
C GLU A 557 -11.65 -35.56 9.04
N GLN A 558 -10.55 -36.10 9.56
CA GLN A 558 -9.49 -35.29 10.18
C GLN A 558 -8.75 -34.36 9.19
N LEU A 559 -8.71 -34.73 7.92
CA LEU A 559 -8.04 -33.92 6.89
C LEU A 559 -8.84 -32.69 6.49
N LYS A 560 -10.13 -32.89 6.16
CA LYS A 560 -11.03 -31.77 5.86
C LYS A 560 -11.28 -30.87 7.09
N ALA A 561 -11.09 -31.42 8.29
CA ALA A 561 -11.06 -30.62 9.52
C ALA A 561 -9.90 -29.64 9.50
N ILE A 562 -8.72 -30.13 9.12
CA ILE A 562 -7.53 -29.30 8.92
C ILE A 562 -7.80 -28.22 7.86
N SER A 563 -8.34 -28.66 6.71
CA SER A 563 -8.67 -27.79 5.58
C SER A 563 -9.47 -26.54 5.96
N THR A 564 -10.46 -26.71 6.83
CA THR A 564 -11.37 -25.62 7.21
C THR A 564 -10.74 -24.53 8.08
N ARG A 565 -9.64 -24.87 8.76
CA ARG A 565 -9.00 -23.93 9.68
C ARG A 565 -8.28 -22.78 8.96
N ASP A 566 -8.18 -21.65 9.65
CA ASP A 566 -7.66 -20.40 9.07
C ASP A 566 -6.14 -20.46 8.87
N PRO A 567 -5.56 -19.48 8.15
CA PRO A 567 -4.11 -19.48 7.94
C PRO A 567 -3.26 -19.44 9.22
N LEU A 568 -3.72 -18.72 10.24
CA LEU A 568 -2.92 -18.53 11.46
C LEU A 568 -3.01 -19.63 12.53
N SER A 569 -3.98 -20.53 12.42
CA SER A 569 -4.00 -21.73 13.25
C SER A 569 -2.82 -22.64 12.84
N GLU A 570 -1.63 -22.34 13.35
CA GLU A 570 -0.40 -22.97 12.83
C GLU A 570 -0.41 -24.49 13.01
N ILE A 571 0.15 -25.19 12.02
CA ILE A 571 0.02 -26.64 11.89
C ILE A 571 1.10 -27.31 12.75
N THR A 572 0.80 -28.49 13.30
CA THR A 572 1.76 -29.26 14.10
C THR A 572 2.60 -30.19 13.22
N GLU A 573 3.69 -30.71 13.79
CA GLU A 573 4.59 -31.60 13.05
C GLU A 573 3.91 -32.93 12.70
N GLN A 574 3.00 -33.37 13.58
CA GLN A 574 2.16 -34.53 13.30
C GLN A 574 1.29 -34.25 12.09
N GLU A 575 0.51 -33.17 12.17
CA GLU A 575 -0.38 -32.76 11.08
C GLU A 575 0.36 -32.54 9.76
N LYS A 576 1.57 -31.99 9.83
CA LYS A 576 2.40 -31.75 8.64
C LYS A 576 2.78 -33.05 7.97
N ASP A 577 3.42 -33.92 8.73
CA ASP A 577 3.83 -35.23 8.22
C ASP A 577 2.61 -36.05 7.80
N PHE A 578 1.56 -35.98 8.63
CA PHE A 578 0.25 -36.57 8.32
C PHE A 578 -0.29 -36.09 6.98
N LEU A 579 -0.28 -34.78 6.75
CA LEU A 579 -0.66 -34.22 5.45
C LEU A 579 0.29 -34.69 4.34
N TRP A 580 1.59 -34.51 4.57
CA TRP A 580 2.61 -34.80 3.57
C TRP A 580 2.57 -36.27 3.12
N SER A 581 2.36 -37.18 4.06
CA SER A 581 2.18 -38.59 3.71
C SER A 581 0.96 -38.82 2.81
N HIS A 582 -0.16 -38.19 3.18
CA HIS A 582 -1.44 -38.39 2.47
C HIS A 582 -1.59 -37.54 1.21
N ARG A 583 -0.62 -36.65 0.93
CA ARG A 583 -0.63 -35.66 -0.17
C ARG A 583 -1.45 -35.95 -1.43
N HIS A 584 -1.51 -37.22 -1.84
CA HIS A 584 -2.27 -37.61 -3.01
C HIS A 584 -3.79 -37.58 -2.76
N TYR A 585 -4.24 -38.00 -1.56
CA TYR A 585 -5.65 -37.78 -1.16
C TYR A 585 -6.00 -36.29 -1.00
N CYS A 586 -5.01 -35.48 -0.63
CA CYS A 586 -5.20 -34.02 -0.51
C CYS A 586 -5.55 -33.31 -1.84
N VAL A 587 -5.50 -34.01 -2.96
CA VAL A 587 -6.04 -33.50 -4.24
C VAL A 587 -7.58 -33.43 -4.26
N THR A 588 -8.23 -34.40 -3.59
CA THR A 588 -9.69 -34.39 -3.37
C THR A 588 -10.21 -33.11 -2.72
N ILE A 589 -9.36 -32.51 -1.88
CA ILE A 589 -9.71 -31.30 -1.13
C ILE A 589 -8.76 -30.17 -1.58
N PRO A 590 -8.90 -29.71 -2.83
CA PRO A 590 -8.00 -28.65 -3.32
C PRO A 590 -7.66 -27.56 -2.28
N GLU A 591 -8.68 -27.14 -1.53
CA GLU A 591 -8.56 -26.04 -0.55
C GLU A 591 -7.57 -26.32 0.61
N ILE A 592 -7.17 -27.58 0.79
CA ILE A 592 -6.12 -27.94 1.76
C ILE A 592 -4.74 -27.38 1.37
N LEU A 593 -4.49 -27.22 0.07
CA LEU A 593 -3.15 -26.93 -0.52
C LEU A 593 -2.23 -26.00 0.30
N PRO A 594 -2.72 -24.79 0.69
CA PRO A 594 -1.94 -23.93 1.59
C PRO A 594 -1.33 -24.62 2.82
N LYS A 595 -2.08 -25.54 3.42
CA LYS A 595 -1.64 -26.31 4.58
C LYS A 595 -0.62 -27.35 4.16
N LEU A 596 -0.89 -27.99 3.01
CA LEU A 596 0.01 -29.00 2.46
C LEU A 596 1.37 -28.42 2.09
N LEU A 597 1.36 -27.32 1.33
CA LEU A 597 2.59 -26.63 0.93
C LEU A 597 3.49 -26.27 2.11
N LEU A 598 2.89 -25.74 3.19
CA LEU A 598 3.64 -25.41 4.41
C LEU A 598 4.11 -26.64 5.18
N SER A 599 3.59 -27.82 4.82
CA SER A 599 4.02 -29.10 5.38
C SER A 599 5.19 -29.79 4.64
N VAL A 600 5.42 -29.43 3.37
CA VAL A 600 6.60 -29.92 2.63
C VAL A 600 7.86 -29.42 3.30
N LYS A 601 8.86 -30.30 3.45
CA LYS A 601 10.20 -29.89 3.88
C LYS A 601 10.96 -29.47 2.63
N TRP A 602 11.14 -28.15 2.50
CA TRP A 602 11.72 -27.54 1.28
C TRP A 602 13.24 -27.76 1.18
N ASN A 603 13.85 -28.10 2.32
CA ASN A 603 15.20 -28.67 2.34
C ASN A 603 15.32 -30.13 1.81
N SER A 604 14.26 -30.72 1.27
CA SER A 604 14.33 -32.07 0.68
C SER A 604 13.86 -32.10 -0.76
N ARG A 605 14.80 -31.89 -1.68
CA ARG A 605 14.50 -31.84 -3.12
C ARG A 605 13.62 -32.99 -3.62
N ASP A 606 13.75 -34.16 -2.98
CA ASP A 606 12.91 -35.34 -3.25
C ASP A 606 11.44 -35.00 -3.02
N GLU A 607 11.15 -34.47 -1.82
CA GLU A 607 9.81 -33.96 -1.48
C GLU A 607 9.37 -32.83 -2.41
N VAL A 608 10.23 -31.83 -2.57
CA VAL A 608 9.93 -30.62 -3.36
C VAL A 608 9.63 -30.94 -4.83
N ALA A 609 10.39 -31.86 -5.40
CA ALA A 609 10.18 -32.29 -6.78
C ALA A 609 8.84 -32.99 -6.95
N GLN A 610 8.43 -33.74 -5.92
CA GLN A 610 7.11 -34.36 -5.91
C GLN A 610 6.03 -33.27 -5.83
N MET A 611 6.17 -32.36 -4.86
CA MET A 611 5.19 -31.28 -4.70
C MET A 611 5.01 -30.49 -6.00
N TYR A 612 6.11 -30.14 -6.65
CA TYR A 612 6.09 -29.51 -7.99
C TYR A 612 5.13 -30.21 -8.99
N CYS A 613 5.06 -31.54 -8.94
CA CYS A 613 4.21 -32.33 -9.85
C CYS A 613 2.72 -32.33 -9.48
N LEU A 614 2.41 -32.19 -8.19
CA LEU A 614 1.03 -32.01 -7.74
C LEU A 614 0.48 -30.66 -8.25
N VAL A 615 1.20 -29.61 -7.89
CA VAL A 615 0.82 -28.23 -8.22
C VAL A 615 0.66 -28.02 -9.73
N LYS A 616 1.44 -28.76 -10.52
CA LYS A 616 1.33 -28.72 -11.99
C LYS A 616 -0.09 -29.00 -12.51
N ASP A 617 -0.84 -29.86 -11.82
CA ASP A 617 -2.21 -30.21 -12.24
C ASP A 617 -3.12 -30.41 -11.02
N TRP A 618 -3.05 -29.44 -10.11
CA TRP A 618 -3.88 -29.40 -8.91
C TRP A 618 -5.14 -28.62 -9.28
N PRO A 619 -6.31 -29.03 -8.76
CA PRO A 619 -7.55 -28.37 -9.15
C PRO A 619 -7.58 -26.89 -8.74
N PRO A 620 -7.72 -25.97 -9.72
CA PRO A 620 -7.75 -24.54 -9.41
C PRO A 620 -8.76 -24.19 -8.32
N ILE A 621 -8.49 -23.10 -7.59
CA ILE A 621 -9.26 -22.77 -6.39
C ILE A 621 -9.79 -21.32 -6.34
N LYS A 622 -10.63 -21.09 -5.33
CA LYS A 622 -11.31 -19.83 -5.13
C LYS A 622 -10.27 -18.76 -4.77
N PRO A 623 -10.24 -17.63 -5.52
CA PRO A 623 -9.30 -16.54 -5.28
C PRO A 623 -9.09 -16.13 -3.82
N GLU A 624 -10.17 -16.07 -3.03
CA GLU A 624 -10.08 -15.74 -1.60
C GLU A 624 -9.13 -16.67 -0.82
N GLN A 625 -9.04 -17.93 -1.29
CA GLN A 625 -8.14 -18.95 -0.74
C GLN A 625 -6.79 -18.95 -1.46
N ALA A 626 -6.83 -18.75 -2.78
CA ALA A 626 -5.63 -18.71 -3.63
C ALA A 626 -4.72 -17.51 -3.37
N MET A 627 -5.29 -16.41 -2.90
CA MET A 627 -4.51 -15.22 -2.57
C MET A 627 -3.58 -15.41 -1.39
N GLU A 628 -3.91 -16.36 -0.50
CA GLU A 628 -2.98 -16.79 0.55
C GLU A 628 -1.63 -17.18 -0.07
N LEU A 629 -1.67 -17.86 -1.22
CA LEU A 629 -0.47 -18.38 -1.90
C LEU A 629 0.44 -17.34 -2.52
N LEU A 630 0.03 -16.07 -2.55
CA LEU A 630 0.92 -14.99 -2.94
C LEU A 630 1.47 -14.21 -1.73
N ASP A 631 1.21 -14.65 -0.49
CA ASP A 631 1.79 -13.98 0.69
C ASP A 631 3.25 -14.40 0.87
N CYS A 632 3.91 -13.93 1.92
CA CYS A 632 5.34 -14.18 2.16
C CYS A 632 5.72 -15.59 2.62
N ASN A 633 4.74 -16.38 3.08
CA ASN A 633 4.99 -17.80 3.43
C ASN A 633 4.93 -18.78 2.27
N TYR A 634 4.64 -18.29 1.06
CA TYR A 634 4.67 -19.09 -0.17
C TYR A 634 5.45 -18.32 -1.26
N PRO A 635 6.81 -18.37 -1.19
CA PRO A 635 7.68 -17.63 -2.10
C PRO A 635 8.22 -18.46 -3.27
N ASP A 636 7.77 -19.71 -3.41
CA ASP A 636 8.16 -20.57 -4.53
C ASP A 636 7.49 -20.09 -5.85
N PRO A 637 8.17 -20.24 -7.01
CA PRO A 637 7.57 -19.74 -8.27
C PRO A 637 6.46 -20.62 -8.85
N MET A 638 6.55 -21.93 -8.64
CA MET A 638 5.53 -22.87 -9.13
C MET A 638 4.21 -22.67 -8.40
N VAL A 639 4.30 -22.55 -7.07
CA VAL A 639 3.15 -22.29 -6.20
C VAL A 639 2.46 -20.99 -6.62
N ARG A 640 3.22 -19.91 -6.62
CA ARG A 640 2.72 -18.61 -7.04
C ARG A 640 2.17 -18.59 -8.48
N GLY A 641 2.71 -19.44 -9.35
CA GLY A 641 2.16 -19.60 -10.69
C GLY A 641 0.74 -20.16 -10.65
N PHE A 642 0.57 -21.28 -9.94
CA PHE A 642 -0.76 -21.87 -9.71
C PHE A 642 -1.76 -20.86 -9.15
N ALA A 643 -1.31 -20.03 -8.23
CA ALA A 643 -2.12 -18.96 -7.65
C ALA A 643 -2.54 -17.90 -8.69
N VAL A 644 -1.61 -17.48 -9.54
CA VAL A 644 -1.97 -16.61 -10.67
C VAL A 644 -2.93 -17.36 -11.63
N ARG A 645 -2.68 -18.65 -11.86
CA ARG A 645 -3.59 -19.46 -12.68
C ARG A 645 -5.02 -19.42 -12.15
N CYS A 646 -5.17 -19.50 -10.82
CA CYS A 646 -6.48 -19.35 -10.15
C CYS A 646 -7.14 -18.02 -10.51
N LEU A 647 -6.37 -16.92 -10.43
CA LEU A 647 -6.90 -15.59 -10.75
C LEU A 647 -7.29 -15.42 -12.23
N GLU A 648 -6.56 -16.08 -13.13
CA GLU A 648 -6.88 -16.00 -14.55
C GLU A 648 -8.24 -16.62 -14.86
N LYS A 649 -8.58 -17.67 -14.11
CA LYS A 649 -9.87 -18.33 -14.24
C LYS A 649 -10.97 -17.60 -13.47
N TYR A 650 -10.92 -17.64 -12.14
CA TYR A 650 -12.03 -17.22 -11.29
C TYR A 650 -12.16 -15.69 -11.09
N LEU A 651 -11.07 -15.02 -10.74
CA LEU A 651 -11.11 -13.59 -10.38
C LEU A 651 -11.62 -12.69 -11.52
N THR A 652 -12.77 -12.04 -11.27
CA THR A 652 -13.41 -11.13 -12.22
C THR A 652 -12.93 -9.69 -12.06
N ASP A 653 -13.01 -8.89 -13.13
CA ASP A 653 -12.63 -7.46 -13.07
C ASP A 653 -13.27 -6.65 -11.94
N ASP A 654 -14.40 -7.12 -11.41
CA ASP A 654 -14.95 -6.55 -10.19
C ASP A 654 -14.09 -6.93 -8.99
N LYS A 655 -13.92 -8.23 -8.78
CA LYS A 655 -13.28 -8.78 -7.60
C LYS A 655 -11.77 -8.41 -7.55
N LEU A 656 -11.16 -8.25 -8.72
CA LEU A 656 -9.77 -7.78 -8.86
C LEU A 656 -9.58 -6.40 -8.27
N SER A 657 -10.38 -5.43 -8.72
CA SER A 657 -10.27 -4.06 -8.20
C SER A 657 -10.70 -3.93 -6.72
N GLN A 658 -11.45 -4.89 -6.19
CA GLN A 658 -11.73 -4.91 -4.74
C GLN A 658 -10.49 -5.28 -3.93
N TYR A 659 -9.76 -6.26 -4.44
CA TYR A 659 -8.53 -6.75 -3.80
C TYR A 659 -7.21 -6.17 -4.37
N LEU A 660 -7.28 -5.16 -5.26
CA LEU A 660 -6.10 -4.67 -5.99
C LEU A 660 -4.96 -4.25 -5.07
N ILE A 661 -5.31 -3.44 -4.07
CA ILE A 661 -4.38 -3.01 -2.98
C ILE A 661 -3.50 -4.15 -2.50
N GLN A 662 -4.12 -5.28 -2.14
CA GLN A 662 -3.38 -6.45 -1.67
C GLN A 662 -2.50 -7.08 -2.75
N LEU A 663 -2.97 -7.09 -3.99
CA LEU A 663 -2.19 -7.62 -5.12
C LEU A 663 -1.01 -6.73 -5.52
N VAL A 664 -1.17 -5.41 -5.43
CA VAL A 664 -0.06 -4.47 -5.66
C VAL A 664 0.94 -4.60 -4.51
N GLN A 665 0.44 -4.68 -3.29
CA GLN A 665 1.30 -4.98 -2.14
C GLN A 665 2.10 -6.26 -2.30
N VAL A 666 1.46 -7.31 -2.78
CA VAL A 666 2.08 -8.63 -2.78
C VAL A 666 3.25 -8.76 -3.78
N LEU A 667 3.36 -7.83 -4.74
CA LEU A 667 4.51 -7.75 -5.66
C LEU A 667 5.85 -7.71 -4.92
N LYS A 668 5.86 -7.01 -3.79
CA LYS A 668 7.04 -6.90 -2.93
C LYS A 668 7.66 -8.24 -2.48
N TYR A 669 6.82 -9.27 -2.33
CA TYR A 669 7.31 -10.60 -1.97
C TYR A 669 7.77 -11.44 -3.14
N GLU A 670 7.72 -10.91 -4.36
CA GLU A 670 8.23 -11.62 -5.51
C GLU A 670 9.75 -11.47 -5.52
N GLN A 671 10.44 -12.53 -5.94
CA GLN A 671 11.91 -12.53 -5.99
C GLN A 671 12.46 -11.63 -7.09
N TYR A 672 11.82 -11.66 -8.26
CA TYR A 672 12.34 -10.97 -9.45
C TYR A 672 11.31 -9.99 -10.03
N LEU A 673 11.77 -9.07 -10.88
CA LEU A 673 10.91 -8.04 -11.49
C LEU A 673 9.91 -8.62 -12.46
N ASP A 674 10.42 -9.51 -13.30
CA ASP A 674 9.66 -10.22 -14.30
C ASP A 674 9.13 -11.49 -13.66
N ASN A 675 7.80 -11.62 -13.63
CA ASN A 675 7.13 -12.77 -13.05
C ASN A 675 5.67 -12.80 -13.49
N LEU A 676 4.97 -13.88 -13.15
CA LEU A 676 3.60 -14.15 -13.64
C LEU A 676 2.56 -13.16 -13.12
N LEU A 677 2.59 -12.90 -11.81
CA LEU A 677 1.72 -11.90 -11.20
C LEU A 677 1.91 -10.52 -11.83
N VAL A 678 3.15 -10.07 -12.03
CA VAL A 678 3.37 -8.73 -12.63
C VAL A 678 2.75 -8.64 -14.03
N ARG A 679 2.85 -9.73 -14.77
CA ARG A 679 2.31 -9.81 -16.13
C ARG A 679 0.79 -9.94 -16.13
N PHE A 680 0.22 -10.58 -15.10
CA PHE A 680 -1.24 -10.67 -14.92
C PHE A 680 -1.88 -9.31 -14.67
N LEU A 681 -1.37 -8.62 -13.66
CA LEU A 681 -1.89 -7.31 -13.27
C LEU A 681 -1.68 -6.25 -14.37
N LEU A 682 -0.48 -6.21 -14.97
CA LEU A 682 -0.18 -5.20 -16.00
C LEU A 682 -1.17 -5.28 -17.16
N LYS A 683 -1.50 -6.51 -17.57
CA LYS A 683 -2.42 -6.73 -18.67
C LYS A 683 -3.81 -6.26 -18.29
N LYS A 684 -4.32 -6.72 -17.15
CA LYS A 684 -5.63 -6.30 -16.65
C LYS A 684 -5.76 -4.81 -16.58
N ALA A 685 -4.73 -4.14 -16.06
CA ALA A 685 -4.63 -2.67 -16.05
C ALA A 685 -4.72 -2.02 -17.44
N LEU A 686 -4.07 -2.65 -18.43
CA LEU A 686 -4.14 -2.18 -19.82
C LEU A 686 -5.40 -2.63 -20.58
N THR A 687 -6.15 -3.57 -20.00
CA THR A 687 -7.40 -4.09 -20.54
C THR A 687 -8.63 -3.35 -19.99
N ASN A 688 -8.50 -2.74 -18.81
CA ASN A 688 -9.60 -2.12 -18.08
C ASN A 688 -9.16 -0.78 -17.46
N GLN A 689 -9.64 0.34 -17.99
CA GLN A 689 -9.10 1.65 -17.58
C GLN A 689 -9.58 2.12 -16.20
N ARG A 690 -10.48 1.36 -15.56
CA ARG A 690 -10.85 1.61 -14.17
C ARG A 690 -9.90 0.89 -13.20
N ILE A 691 -9.41 -0.28 -13.58
CA ILE A 691 -8.30 -0.92 -12.84
C ILE A 691 -7.03 -0.11 -13.05
N GLY A 692 -6.76 0.15 -14.33
CA GLY A 692 -5.62 0.93 -14.76
C GLY A 692 -5.41 2.16 -13.90
N HIS A 693 -6.50 2.85 -13.60
CA HIS A 693 -6.41 4.09 -12.83
C HIS A 693 -5.89 3.88 -11.41
N PHE A 694 -6.48 2.93 -10.68
CA PHE A 694 -6.09 2.71 -9.28
C PHE A 694 -4.78 1.92 -9.19
N PHE A 695 -4.51 1.11 -10.21
CA PHE A 695 -3.20 0.48 -10.38
C PHE A 695 -2.07 1.52 -10.48
N PHE A 696 -2.29 2.59 -11.24
CA PHE A 696 -1.28 3.68 -11.33
C PHE A 696 -1.04 4.28 -9.96
N TRP A 697 -2.11 4.80 -9.34
CA TRP A 697 -1.99 5.54 -8.08
C TRP A 697 -1.48 4.71 -6.89
N HIS A 698 -1.76 3.40 -6.86
CA HIS A 698 -1.23 2.58 -5.78
C HIS A 698 0.27 2.39 -5.87
N LEU A 699 0.77 2.27 -7.09
CA LEU A 699 2.22 2.21 -7.37
C LEU A 699 2.84 3.59 -7.13
N LYS A 700 2.33 4.58 -7.85
CA LYS A 700 2.80 5.96 -7.76
C LYS A 700 2.83 6.49 -6.31
N SER A 701 1.87 6.03 -5.50
CA SER A 701 1.84 6.27 -4.05
C SER A 701 3.17 5.89 -3.38
N GLU A 702 3.62 4.66 -3.61
CA GLU A 702 4.78 4.15 -2.91
C GLU A 702 6.11 4.59 -3.51
N MET A 703 6.11 5.39 -4.57
CA MET A 703 7.37 5.76 -5.25
C MET A 703 8.42 6.48 -4.39
N HIS A 704 8.02 7.17 -3.33
CA HIS A 704 8.97 7.67 -2.32
C HIS A 704 9.80 6.56 -1.65
N ASN A 705 9.25 5.34 -1.53
CA ASN A 705 9.89 4.25 -0.77
C ASN A 705 10.95 3.45 -1.57
N LYS A 706 12.19 3.60 -1.16
CA LYS A 706 13.34 2.99 -1.86
C LYS A 706 13.31 1.46 -1.92
N THR A 707 12.56 0.82 -1.02
CA THR A 707 12.37 -0.62 -1.12
C THR A 707 11.77 -0.98 -2.47
N VAL A 708 10.89 -0.12 -3.00
CA VAL A 708 10.16 -0.41 -4.23
C VAL A 708 10.24 0.66 -5.34
N SER A 709 11.07 1.69 -5.15
CA SER A 709 11.22 2.73 -6.17
C SER A 709 11.58 2.15 -7.56
N GLN A 710 12.53 1.22 -7.57
CA GLN A 710 12.98 0.60 -8.81
C GLN A 710 11.85 -0.21 -9.42
N ARG A 711 11.32 -1.15 -8.65
CA ARG A 711 10.36 -2.10 -9.19
C ARG A 711 9.15 -1.39 -9.78
N PHE A 712 8.56 -0.52 -8.95
CA PHE A 712 7.34 0.18 -9.29
C PHE A 712 7.53 1.27 -10.35
N GLY A 713 8.75 1.80 -10.45
CA GLY A 713 9.06 2.72 -11.55
C GLY A 713 9.02 2.05 -12.92
N LEU A 714 9.65 0.89 -13.01
CA LEU A 714 9.74 0.14 -14.26
C LEU A 714 8.36 -0.34 -14.69
N LEU A 715 7.58 -0.79 -13.71
CA LEU A 715 6.22 -1.27 -13.94
C LEU A 715 5.33 -0.14 -14.43
N LEU A 716 5.36 0.97 -13.71
CA LEU A 716 4.67 2.22 -14.09
C LEU A 716 5.16 2.84 -15.40
N GLU A 717 6.39 2.53 -15.82
CA GLU A 717 6.83 2.91 -17.16
C GLU A 717 6.07 2.17 -18.23
N SER A 718 5.91 0.86 -18.04
CA SER A 718 5.19 0.01 -18.98
C SER A 718 3.74 0.43 -19.11
N TYR A 719 3.04 0.54 -17.97
CA TYR A 719 1.66 1.01 -17.97
C TYR A 719 1.53 2.34 -18.72
N CYS A 720 2.31 3.32 -18.29
CA CYS A 720 2.29 4.66 -18.90
C CYS A 720 2.64 4.69 -20.40
N ARG A 721 3.47 3.75 -20.85
CA ARG A 721 3.77 3.64 -22.27
C ARG A 721 2.61 3.04 -23.08
N ALA A 722 1.85 2.13 -22.47
CA ALA A 722 0.84 1.34 -23.17
C ALA A 722 -0.62 1.76 -22.95
N CYS A 723 -0.90 2.52 -21.89
CA CYS A 723 -2.29 2.80 -21.46
C CYS A 723 -3.16 3.71 -22.37
N GLY A 724 -2.60 4.20 -23.48
CA GLY A 724 -3.39 4.94 -24.44
C GLY A 724 -3.39 6.40 -24.09
N MET A 725 -4.52 7.07 -24.31
CA MET A 725 -4.62 8.51 -24.03
C MET A 725 -4.83 8.86 -22.56
N TYR A 726 -5.05 7.84 -21.72
CA TYR A 726 -5.19 8.07 -20.27
C TYR A 726 -3.93 8.64 -19.63
N LEU A 727 -2.77 8.39 -20.23
CA LEU A 727 -1.53 9.02 -19.80
C LEU A 727 -1.68 10.54 -19.67
N LYS A 728 -2.35 11.15 -20.64
CA LYS A 728 -2.59 12.59 -20.60
C LYS A 728 -3.60 12.98 -19.50
N HIS A 729 -4.59 12.13 -19.26
CA HIS A 729 -5.49 12.32 -18.13
C HIS A 729 -4.82 12.16 -16.78
N LEU A 730 -3.92 11.19 -16.67
CA LEU A 730 -3.15 11.01 -15.45
C LEU A 730 -2.20 12.17 -15.24
N ASN A 731 -1.50 12.61 -16.30
CA ASN A 731 -0.59 13.77 -16.19
C ASN A 731 -1.28 15.00 -15.64
N ARG A 732 -2.54 15.21 -16.01
CA ARG A 732 -3.30 16.32 -15.46
C ARG A 732 -3.67 16.10 -13.98
N GLN A 733 -3.99 14.87 -13.60
CA GLN A 733 -4.20 14.56 -12.19
C GLN A 733 -2.91 14.74 -11.45
N VAL A 734 -1.84 14.17 -12.00
CA VAL A 734 -0.52 14.22 -11.38
C VAL A 734 -0.07 15.68 -11.18
N GLU A 735 -0.33 16.54 -12.17
CA GLU A 735 0.03 17.97 -12.09
C GLU A 735 -0.77 18.71 -11.01
N ALA A 736 -2.04 18.32 -10.84
CA ALA A 736 -2.93 18.92 -9.84
C ALA A 736 -2.55 18.53 -8.43
N MET A 737 -2.32 17.25 -8.20
CA MET A 737 -1.87 16.79 -6.89
C MET A 737 -0.56 17.49 -6.47
N GLU A 738 0.35 17.68 -7.41
CA GLU A 738 1.62 18.37 -7.13
C GLU A 738 1.42 19.82 -6.76
N LYS A 739 0.50 20.51 -7.41
CA LYS A 739 0.16 21.91 -7.05
C LYS A 739 -0.28 22.04 -5.61
N LEU A 740 -1.15 21.10 -5.17
CA LEU A 740 -1.72 21.08 -3.81
C LEU A 740 -0.73 20.63 -2.73
N ILE A 741 0.19 19.75 -3.08
CA ILE A 741 1.30 19.37 -2.20
C ILE A 741 2.13 20.60 -1.88
N ASN A 742 2.56 21.31 -2.91
CA ASN A 742 3.29 22.56 -2.75
C ASN A 742 2.56 23.62 -1.95
N LEU A 743 1.26 23.75 -2.19
CA LEU A 743 0.48 24.79 -1.53
C LEU A 743 0.41 24.53 -0.05
N THR A 744 0.02 23.31 0.33
CA THR A 744 -0.05 22.93 1.73
C THR A 744 1.35 22.96 2.36
N ASP A 745 2.37 22.51 1.64
CA ASP A 745 3.75 22.56 2.15
C ASP A 745 4.13 23.95 2.65
N ILE A 746 3.70 25.00 1.94
CA ILE A 746 3.95 26.38 2.36
C ILE A 746 3.07 26.78 3.56
N LEU A 747 1.78 26.47 3.48
CA LEU A 747 0.84 26.67 4.60
C LEU A 747 1.34 26.04 5.90
N LYS A 748 1.97 24.89 5.79
CA LYS A 748 2.45 24.17 6.97
C LYS A 748 3.83 24.60 7.51
N GLN A 749 4.46 25.63 6.93
CA GLN A 749 5.86 25.94 7.25
C GLN A 749 6.23 27.41 7.42
N GLU A 750 5.84 28.26 6.48
CA GLU A 750 6.02 29.71 6.62
C GLU A 750 4.77 30.35 7.21
N LYS A 751 3.59 29.81 6.86
CA LYS A 751 2.30 30.38 7.29
C LYS A 751 1.67 29.71 8.52
N LYS A 752 2.39 28.78 9.18
CA LYS A 752 2.10 28.43 10.58
C LYS A 752 2.46 29.65 11.42
N ASP A 753 1.75 29.84 12.53
CA ASP A 753 1.77 31.11 13.29
C ASP A 753 1.30 32.29 12.43
N GLU A 754 0.16 32.08 11.77
CA GLU A 754 -0.64 33.12 11.16
C GLU A 754 -2.07 32.69 11.39
N THR A 755 -2.98 33.65 11.53
CA THR A 755 -4.39 33.34 11.74
C THR A 755 -5.00 32.77 10.46
N GLN A 756 -6.03 31.95 10.61
CA GLN A 756 -6.78 31.39 9.48
C GLN A 756 -7.06 32.48 8.47
N LYS A 757 -7.50 33.64 8.96
CA LYS A 757 -7.79 34.79 8.11
C LYS A 757 -6.61 35.12 7.19
N VAL A 758 -5.40 35.14 7.76
CA VAL A 758 -4.18 35.43 7.01
C VAL A 758 -3.84 34.29 6.04
N GLN A 759 -3.90 33.06 6.54
CA GLN A 759 -3.67 31.82 5.77
C GLN A 759 -4.61 31.71 4.57
N MET A 760 -5.92 31.77 4.80
CA MET A 760 -6.92 31.76 3.73
C MET A 760 -6.71 32.83 2.68
N LYS A 761 -6.35 34.03 3.11
CA LYS A 761 -6.07 35.12 2.17
C LYS A 761 -4.83 34.86 1.31
N PHE A 762 -3.93 34.01 1.79
CA PHE A 762 -2.83 33.48 0.98
C PHE A 762 -3.28 32.34 0.05
N LEU A 763 -4.12 31.45 0.56
CA LEU A 763 -4.65 30.32 -0.23
C LEU A 763 -5.55 30.79 -1.37
N VAL A 764 -6.34 31.83 -1.10
CA VAL A 764 -7.23 32.40 -2.10
C VAL A 764 -6.40 33.15 -3.13
N GLU A 765 -5.42 33.91 -2.66
CA GLU A 765 -4.48 34.63 -3.53
C GLU A 765 -3.78 33.69 -4.51
N GLN A 766 -3.28 32.56 -4.00
CA GLN A 766 -2.51 31.60 -4.80
C GLN A 766 -3.36 30.82 -5.79
N MET A 767 -4.52 30.36 -5.37
CA MET A 767 -5.41 29.62 -6.26
C MET A 767 -6.02 30.45 -7.41
N ARG A 768 -5.93 31.77 -7.34
CA ARG A 768 -6.38 32.62 -8.45
C ARG A 768 -5.33 32.85 -9.52
N ARG A 769 -4.08 32.52 -9.22
CA ARG A 769 -3.04 32.67 -10.22
C ARG A 769 -3.33 31.75 -11.41
N PRO A 770 -2.90 32.16 -12.62
CA PRO A 770 -3.27 31.43 -13.84
C PRO A 770 -2.71 30.01 -13.91
N ASP A 771 -1.50 29.80 -13.40
CA ASP A 771 -0.93 28.45 -13.34
C ASP A 771 -1.75 27.50 -12.46
N PHE A 772 -2.34 28.02 -11.39
CA PHE A 772 -3.21 27.22 -10.51
C PHE A 772 -4.56 26.97 -11.13
N MET A 773 -5.11 28.01 -11.75
CA MET A 773 -6.40 27.90 -12.42
C MET A 773 -6.29 26.90 -13.58
N ASP A 774 -5.22 26.99 -14.37
CA ASP A 774 -4.92 26.00 -15.39
C ASP A 774 -4.84 24.59 -14.80
N ALA A 775 -4.03 24.46 -13.77
CA ALA A 775 -3.63 23.16 -13.26
C ALA A 775 -4.69 22.47 -12.43
N LEU A 776 -5.56 23.23 -11.76
CA LEU A 776 -6.51 22.67 -10.80
C LEU A 776 -7.96 22.62 -11.25
N GLN A 777 -8.27 23.09 -12.46
CA GLN A 777 -9.66 23.14 -12.92
C GLN A 777 -10.11 21.96 -13.81
N GLY A 778 -9.53 21.77 -14.98
CA GLY A 778 -10.12 20.79 -15.90
C GLY A 778 -9.50 19.43 -15.79
N PHE A 779 -10.03 18.57 -14.90
CA PHE A 779 -9.47 17.20 -14.74
C PHE A 779 -10.41 16.21 -14.04
N LEU A 780 -9.98 14.96 -13.90
CA LEU A 780 -10.79 13.91 -13.28
C LEU A 780 -10.41 13.66 -11.83
N SER A 781 -11.41 13.45 -10.97
CA SER A 781 -11.16 13.03 -9.59
C SER A 781 -10.29 11.78 -9.57
N PRO A 782 -9.15 11.83 -8.87
CA PRO A 782 -8.44 10.59 -8.62
C PRO A 782 -9.22 9.61 -7.72
N LEU A 783 -10.06 10.16 -6.84
CA LEU A 783 -10.95 9.36 -5.99
C LEU A 783 -11.89 8.49 -6.81
N ASN A 784 -12.36 9.05 -7.91
CA ASN A 784 -13.18 8.30 -8.88
C ASN A 784 -13.22 9.05 -10.22
N PRO A 785 -12.45 8.58 -11.21
CA PRO A 785 -12.32 9.33 -12.45
C PRO A 785 -13.60 9.41 -13.27
N ALA A 786 -14.64 8.68 -12.85
CA ALA A 786 -16.01 8.87 -13.34
C ALA A 786 -16.44 10.31 -13.23
N HIS A 787 -16.20 10.90 -12.06
CA HIS A 787 -16.57 12.29 -11.85
C HIS A 787 -15.47 13.15 -12.49
N GLN A 788 -15.87 14.13 -13.27
CA GLN A 788 -14.96 15.15 -13.72
C GLN A 788 -14.97 16.21 -12.67
N LEU A 789 -13.99 17.08 -12.78
CA LEU A 789 -13.86 18.24 -11.92
C LEU A 789 -13.62 19.39 -12.90
N GLY A 790 -14.53 20.36 -12.86
CA GLY A 790 -14.48 21.51 -13.77
C GLY A 790 -13.87 22.70 -13.08
N ASN A 791 -14.51 23.85 -13.18
CA ASN A 791 -13.98 25.07 -12.59
C ASN A 791 -14.03 25.01 -11.06
N LEU A 792 -13.15 25.80 -10.43
CA LEU A 792 -13.03 25.86 -8.98
C LEU A 792 -13.92 26.97 -8.47
N ARG A 793 -14.86 26.61 -7.60
CA ARG A 793 -15.58 27.61 -6.84
C ARG A 793 -14.74 27.85 -5.60
N LEU A 794 -14.06 29.01 -5.59
CA LEU A 794 -13.10 29.38 -4.56
C LEU A 794 -13.76 29.93 -3.30
N GLU A 795 -15.04 30.27 -3.39
CA GLU A 795 -15.80 30.78 -2.26
C GLU A 795 -16.19 29.65 -1.32
N GLU A 796 -16.41 28.46 -1.87
CA GLU A 796 -16.57 27.26 -1.07
C GLU A 796 -15.23 26.57 -0.74
N CYS A 797 -14.13 26.99 -1.38
CA CYS A 797 -12.79 26.46 -1.05
C CYS A 797 -12.26 27.09 0.22
N ARG A 798 -11.75 26.25 1.12
CA ARG A 798 -11.27 26.71 2.42
C ARG A 798 -10.42 25.67 3.15
N ILE A 799 -9.65 26.16 4.12
CA ILE A 799 -8.80 25.32 4.97
C ILE A 799 -9.65 24.89 6.18
N MET A 800 -9.56 23.63 6.57
CA MET A 800 -10.21 23.19 7.80
C MET A 800 -9.43 23.65 9.04
N SER A 801 -10.04 23.41 10.19
CA SER A 801 -9.44 23.72 11.48
C SER A 801 -8.16 22.94 11.74
N SER A 802 -8.15 21.65 11.42
CA SER A 802 -7.01 20.77 11.72
C SER A 802 -5.65 21.41 11.41
N ALA A 803 -4.69 21.20 12.31
CA ALA A 803 -3.36 21.80 12.16
C ALA A 803 -2.48 21.11 11.11
N LYS A 804 -2.99 20.01 10.52
CA LYS A 804 -2.36 19.38 9.36
C LYS A 804 -2.61 20.28 8.14
N ARG A 805 -3.59 21.16 8.23
CA ARG A 805 -3.95 22.12 7.18
C ARG A 805 -4.49 21.43 5.94
N PRO A 806 -5.56 20.61 6.10
CA PRO A 806 -6.20 20.04 4.93
C PRO A 806 -6.93 21.13 4.15
N LEU A 807 -7.07 20.92 2.85
CA LEU A 807 -7.88 21.80 2.03
C LEU A 807 -9.22 21.13 1.78
N TRP A 808 -10.28 21.92 1.98
CA TRP A 808 -11.63 21.59 1.52
C TRP A 808 -11.75 22.21 0.13
N LEU A 809 -11.62 21.38 -0.90
CA LEU A 809 -11.70 21.85 -2.28
C LEU A 809 -13.05 21.50 -2.90
N ASN A 810 -13.52 22.37 -3.78
CA ASN A 810 -14.85 22.30 -4.38
C ASN A 810 -14.77 22.62 -5.87
N TRP A 811 -15.40 21.79 -6.68
CA TRP A 811 -15.35 21.91 -8.13
C TRP A 811 -16.75 21.89 -8.73
N GLU A 812 -16.93 22.61 -9.83
CA GLU A 812 -18.18 22.57 -10.59
C GLU A 812 -18.22 21.28 -11.40
N ASN A 813 -19.21 20.41 -11.16
CA ASN A 813 -19.41 19.22 -11.99
C ASN A 813 -19.86 19.62 -13.40
N PRO A 814 -18.98 19.51 -14.42
CA PRO A 814 -19.29 20.10 -15.71
C PRO A 814 -20.10 19.19 -16.67
N ASP A 815 -20.64 18.08 -16.15
CA ASP A 815 -21.54 17.22 -16.91
C ASP A 815 -22.71 17.98 -17.50
N ILE A 816 -23.27 17.46 -18.58
CA ILE A 816 -24.48 18.03 -19.22
C ILE A 816 -25.62 18.05 -18.20
N MET A 817 -25.73 16.95 -17.45
CA MET A 817 -26.77 16.72 -16.45
C MET A 817 -26.25 16.84 -15.01
N SEP A 818 -25.43 17.87 -14.75
CA SEP A 818 -24.90 18.13 -13.41
CB SEP A 818 -24.28 19.53 -13.24
OG SEP A 818 -23.91 20.11 -14.49
C SEP A 818 -26.01 18.04 -12.42
O SEP A 818 -25.94 17.24 -11.48
P SEP A 818 -23.87 21.71 -14.77
O1P SEP A 818 -22.44 21.95 -15.21
O2P SEP A 818 -24.90 21.87 -15.86
O3P SEP A 818 -24.22 22.40 -13.46
N GLU A 819 -27.04 18.84 -12.66
CA GLU A 819 -28.15 19.00 -11.73
C GLU A 819 -28.82 17.69 -11.33
N LEU A 820 -28.85 16.69 -12.20
CA LEU A 820 -29.46 15.40 -11.88
C LEU A 820 -28.68 14.51 -10.88
N LEU A 821 -27.41 14.81 -10.63
CA LEU A 821 -26.55 14.00 -9.73
C LEU A 821 -25.92 14.83 -8.60
N PHE A 822 -25.01 15.74 -8.93
CA PHE A 822 -24.59 16.77 -7.98
C PHE A 822 -23.95 17.91 -8.75
N GLN A 823 -24.48 19.12 -8.54
CA GLN A 823 -23.96 20.33 -9.22
C GLN A 823 -22.55 20.62 -8.80
N ASN A 824 -22.24 20.31 -7.54
CA ASN A 824 -20.92 20.52 -6.98
C ASN A 824 -20.30 19.23 -6.49
N ASN A 825 -19.02 19.10 -6.79
CA ASN A 825 -18.18 18.00 -6.37
C ASN A 825 -17.20 18.59 -5.40
N GLU A 826 -16.90 17.86 -4.32
CA GLU A 826 -15.96 18.35 -3.32
C GLU A 826 -15.29 17.19 -2.59
N ILE A 827 -13.97 17.33 -2.41
CA ILE A 827 -13.11 16.28 -1.85
C ILE A 827 -11.98 16.95 -1.06
N ILE A 828 -11.43 16.23 -0.07
CA ILE A 828 -10.49 16.85 0.87
C ILE A 828 -9.10 16.36 0.59
N PHE A 829 -8.17 17.31 0.44
CA PHE A 829 -6.76 17.03 0.18
C PHE A 829 -5.98 17.25 1.48
N LYS A 830 -5.40 16.20 2.05
CA LYS A 830 -4.72 16.30 3.36
C LYS A 830 -3.25 15.89 3.32
N ASN A 831 -2.39 16.86 3.04
CA ASN A 831 -0.95 16.69 3.21
C ASN A 831 -0.70 16.61 4.70
N GLY A 832 -0.19 15.47 5.18
CA GLY A 832 0.18 15.32 6.58
C GLY A 832 -0.08 14.01 7.31
N ASP A 833 -1.09 13.24 6.91
CA ASP A 833 -1.42 11.99 7.61
C ASP A 833 -1.20 10.84 6.68
N ASP A 834 -0.80 9.69 7.23
CA ASP A 834 -0.65 8.48 6.43
C ASP A 834 -2.04 7.89 6.24
N LEU A 835 -2.61 8.13 5.06
CA LEU A 835 -3.96 7.69 4.75
C LEU A 835 -4.14 6.17 4.72
N ARG A 836 -3.07 5.41 4.44
CA ARG A 836 -3.23 4.00 4.08
C ARG A 836 -3.71 3.02 5.17
N GLN A 837 -3.77 3.46 6.42
CA GLN A 837 -4.47 2.68 7.44
C GLN A 837 -5.97 2.84 7.22
N ASP A 838 -6.43 4.09 7.23
CA ASP A 838 -7.83 4.41 6.89
C ASP A 838 -8.19 3.66 5.60
N MET A 839 -7.47 3.95 4.52
CA MET A 839 -7.62 3.27 3.22
C MET A 839 -7.93 1.78 3.33
N LEU A 840 -7.20 1.09 4.21
CA LEU A 840 -7.39 -0.34 4.42
C LEU A 840 -8.58 -0.68 5.32
N THR A 841 -8.78 0.05 6.41
CA THR A 841 -9.95 -0.21 7.28
C THR A 841 -11.27 0.05 6.51
N LEU A 842 -11.29 1.13 5.71
CA LEU A 842 -12.40 1.43 4.78
C LEU A 842 -12.58 0.31 3.76
N GLN A 843 -11.49 -0.15 3.16
CA GLN A 843 -11.56 -1.34 2.33
C GLN A 843 -12.16 -2.52 3.09
N ILE A 844 -11.71 -2.75 4.31
CA ILE A 844 -12.15 -3.95 5.06
C ILE A 844 -13.65 -3.87 5.35
N ILE A 845 -14.11 -2.68 5.77
CA ILE A 845 -15.56 -2.40 5.96
C ILE A 845 -16.39 -2.68 4.68
N ARG A 846 -15.99 -2.05 3.58
CA ARG A 846 -16.58 -2.25 2.25
C ARG A 846 -16.79 -3.73 1.90
N ILE A 847 -15.85 -4.58 2.33
CA ILE A 847 -15.92 -6.02 2.07
C ILE A 847 -16.92 -6.66 3.02
N MET A 848 -16.83 -6.32 4.32
CA MET A 848 -17.80 -6.82 5.33
C MET A 848 -19.23 -6.50 4.95
N GLU A 849 -19.45 -5.32 4.37
CA GLU A 849 -20.78 -4.91 3.97
C GLU A 849 -21.28 -5.85 2.90
N ASN A 850 -20.50 -5.99 1.82
CA ASN A 850 -20.89 -6.86 0.70
C ASN A 850 -21.10 -8.30 1.15
N ILE A 851 -20.33 -8.76 2.14
CA ILE A 851 -20.49 -10.10 2.71
C ILE A 851 -21.83 -10.22 3.41
N TRP A 852 -22.11 -9.28 4.30
CA TRP A 852 -23.38 -9.24 5.01
C TRP A 852 -24.55 -9.19 4.03
N GLN A 853 -24.51 -8.20 3.16
CA GLN A 853 -25.66 -7.79 2.37
C GLN A 853 -26.02 -8.81 1.29
N ASN A 854 -25.02 -9.28 0.54
CA ASN A 854 -25.23 -10.30 -0.50
C ASN A 854 -25.55 -11.69 0.10
N GLN A 855 -25.35 -11.85 1.41
CA GLN A 855 -25.85 -13.00 2.18
C GLN A 855 -27.12 -12.61 2.95
N GLY A 856 -28.00 -11.86 2.29
CA GLY A 856 -29.27 -11.39 2.85
C GLY A 856 -29.34 -10.93 4.30
N LEU A 857 -28.68 -9.81 4.61
CA LEU A 857 -28.99 -9.05 5.84
C LEU A 857 -28.42 -7.63 5.80
N ASP A 858 -29.33 -6.67 5.77
CA ASP A 858 -29.08 -5.26 5.46
C ASP A 858 -28.57 -4.51 6.69
N LEU A 859 -27.26 -4.39 6.80
CA LEU A 859 -26.63 -3.37 7.63
C LEU A 859 -26.02 -2.41 6.62
N ARG A 860 -25.89 -1.15 6.97
CA ARG A 860 -25.43 -0.17 6.01
C ARG A 860 -24.24 0.62 6.52
N MET A 861 -23.08 0.19 6.05
CA MET A 861 -21.82 0.85 6.31
C MET A 861 -21.65 1.89 5.22
N LEU A 862 -20.97 2.98 5.56
CA LEU A 862 -20.63 4.02 4.59
C LEU A 862 -19.10 4.06 4.52
N PRO A 863 -18.53 3.15 3.73
CA PRO A 863 -17.11 3.24 3.49
C PRO A 863 -16.86 4.35 2.49
N TYR A 864 -16.72 5.56 3.00
CA TYR A 864 -16.34 6.70 2.18
C TYR A 864 -15.00 6.45 1.47
N GLY A 865 -14.76 7.17 0.41
CA GLY A 865 -13.53 7.00 -0.34
C GLY A 865 -12.32 7.67 0.29
N CYS A 866 -11.17 7.02 0.12
CA CYS A 866 -9.87 7.50 0.62
C CYS A 866 -8.78 7.03 -0.34
N LEU A 867 -7.90 7.93 -0.79
CA LEU A 867 -6.78 7.54 -1.68
C LEU A 867 -5.45 8.15 -1.28
N SER A 868 -4.48 7.29 -0.90
CA SER A 868 -3.11 7.73 -0.68
C SER A 868 -2.45 7.88 -2.03
N ILE A 869 -1.87 9.06 -2.26
CA ILE A 869 -1.23 9.39 -3.54
C ILE A 869 0.24 9.77 -3.39
N GLY A 870 0.84 9.41 -2.25
CA GLY A 870 2.22 9.79 -1.94
C GLY A 870 2.57 9.57 -0.49
N ASP A 871 3.63 10.24 -0.03
CA ASP A 871 4.08 10.11 1.35
C ASP A 871 3.25 11.00 2.28
N CYS A 872 2.30 10.34 2.96
CA CYS A 872 1.33 11.01 3.82
C CYS A 872 0.65 12.18 3.13
N VAL A 873 0.18 11.89 1.91
CA VAL A 873 -0.61 12.82 1.10
C VAL A 873 -1.75 12.01 0.49
N GLY A 874 -2.94 12.59 0.46
CA GLY A 874 -4.11 11.87 -0.03
C GLY A 874 -5.39 12.65 -0.15
N LEU A 875 -6.46 11.90 -0.43
CA LEU A 875 -7.76 12.46 -0.72
C LEU A 875 -8.84 11.68 0.00
N ILE A 876 -9.77 12.41 0.62
CA ILE A 876 -10.90 11.82 1.33
C ILE A 876 -12.19 12.37 0.76
N GLU A 877 -13.12 11.46 0.42
CA GLU A 877 -14.45 11.83 -0.07
C GLU A 877 -15.20 12.59 1.02
N VAL A 878 -15.81 13.71 0.62
CA VAL A 878 -16.74 14.45 1.48
C VAL A 878 -18.16 13.85 1.37
N VAL A 879 -18.63 13.28 2.47
CA VAL A 879 -20.03 12.92 2.59
C VAL A 879 -20.71 14.21 3.04
N ARG A 880 -21.65 14.69 2.22
CA ARG A 880 -22.39 15.92 2.52
C ARG A 880 -23.49 15.57 3.50
N ASN A 881 -23.97 16.56 4.24
CA ASN A 881 -25.07 16.39 5.19
C ASN A 881 -24.78 15.33 6.25
N SER A 882 -23.57 15.39 6.79
CA SER A 882 -23.18 14.57 7.92
C SER A 882 -22.43 15.44 8.93
N HIS A 883 -22.51 15.03 10.18
CA HIS A 883 -22.07 15.86 11.29
C HIS A 883 -21.51 14.99 12.40
N THR A 884 -20.45 15.48 13.05
CA THR A 884 -19.97 14.87 14.28
C THR A 884 -21.05 15.00 15.36
N ILE A 885 -21.20 13.95 16.17
CA ILE A 885 -22.15 13.99 17.28
C ILE A 885 -21.93 15.29 18.08
N MET A 886 -20.67 15.70 18.27
CA MET A 886 -20.34 16.97 18.92
C MET A 886 -21.13 18.14 18.37
N GLN A 887 -21.20 18.27 17.05
CA GLN A 887 -21.99 19.33 16.40
C GLN A 887 -23.49 19.19 16.74
N ILE A 888 -24.00 17.97 16.57
CA ILE A 888 -25.36 17.63 16.97
C ILE A 888 -25.69 18.18 18.35
N GLN A 889 -24.76 17.99 19.30
CA GLN A 889 -24.94 18.42 20.68
C GLN A 889 -24.61 19.90 20.90
N CYS A 890 -23.65 20.45 20.15
CA CYS A 890 -23.36 21.89 20.20
C CYS A 890 -24.51 22.74 19.68
N LYS A 891 -25.02 22.38 18.51
CA LYS A 891 -26.15 23.10 17.92
C LYS A 891 -27.38 22.98 18.81
N GLY A 892 -27.76 21.73 19.11
CA GLY A 892 -28.88 21.43 20.01
C GLY A 892 -28.45 21.28 21.46
N GLY A 893 -27.85 22.34 22.00
CA GLY A 893 -27.36 22.38 23.37
C GLY A 893 -27.78 23.69 23.99
N LEU A 894 -28.46 23.61 25.13
CA LEU A 894 -29.04 24.79 25.76
C LEU A 894 -27.95 25.74 26.28
N LYS A 895 -28.30 27.02 26.34
CA LYS A 895 -27.34 28.08 26.67
C LYS A 895 -27.19 28.17 28.18
N GLY A 896 -26.14 28.84 28.64
CA GLY A 896 -25.75 28.79 30.05
C GLY A 896 -25.22 27.39 30.30
N ALA A 897 -24.05 27.13 29.70
CA ALA A 897 -23.46 25.80 29.59
C ALA A 897 -23.46 24.98 30.91
N LEU A 898 -24.42 24.06 31.04
CA LEU A 898 -24.54 23.13 32.18
C LEU A 898 -24.11 21.72 31.76
N GLN A 899 -24.93 21.10 30.91
CA GLN A 899 -24.71 19.73 30.42
C GLN A 899 -25.50 19.52 29.13
N PHE A 900 -24.92 18.78 28.18
CA PHE A 900 -25.66 18.38 26.98
C PHE A 900 -26.65 17.28 27.34
N ASN A 901 -27.76 17.25 26.61
CA ASN A 901 -28.83 16.29 26.89
C ASN A 901 -28.59 14.97 26.15
N SER A 902 -28.89 13.85 26.83
CA SER A 902 -28.86 12.52 26.22
C SER A 902 -29.78 12.39 25.00
N HIS A 903 -30.83 13.21 24.98
CA HIS A 903 -31.81 13.18 23.91
C HIS A 903 -31.46 14.05 22.72
N THR A 904 -30.61 15.08 22.86
CA THR A 904 -30.46 16.04 21.74
C THR A 904 -29.95 15.46 20.42
N LEU A 905 -29.39 14.24 20.42
CA LEU A 905 -29.24 13.50 19.16
C LEU A 905 -30.63 13.11 18.67
N HIS A 906 -31.35 12.35 19.49
CA HIS A 906 -32.73 11.94 19.19
C HIS A 906 -33.64 13.10 18.81
N GLN A 907 -33.48 14.25 19.46
CA GLN A 907 -34.30 15.44 19.17
C GLN A 907 -33.88 16.05 17.84
N TRP A 908 -32.57 16.08 17.60
CA TRP A 908 -32.02 16.54 16.32
C TRP A 908 -32.45 15.65 15.14
N LEU A 909 -32.54 14.34 15.37
CA LEU A 909 -32.88 13.39 14.30
C LEU A 909 -34.39 13.38 13.99
N LYS A 910 -35.23 13.57 15.01
CA LYS A 910 -36.68 13.80 14.81
C LYS A 910 -36.92 15.08 14.02
N ASP A 911 -36.24 16.15 14.43
CA ASP A 911 -36.27 17.45 13.74
C ASP A 911 -35.95 17.36 12.23
N LYS A 912 -35.26 16.29 11.82
CA LYS A 912 -35.02 15.96 10.40
C LYS A 912 -36.06 15.01 9.80
N ASN A 913 -36.38 13.94 10.51
CA ASN A 913 -37.26 12.86 10.00
C ASN A 913 -38.59 12.75 10.75
N LYS A 914 -39.69 13.11 10.07
CA LYS A 914 -41.02 13.25 10.69
C LYS A 914 -42.08 12.57 9.85
N GLY A 915 -42.94 11.77 10.50
CA GLY A 915 -43.97 10.99 9.81
C GLY A 915 -43.61 9.52 9.86
N GLU A 916 -43.92 8.78 8.79
CA GLU A 916 -43.39 7.42 8.62
C GLU A 916 -41.89 7.47 8.24
N ILE A 917 -41.44 8.66 7.87
CA ILE A 917 -40.04 8.98 7.60
C ILE A 917 -39.16 8.75 8.85
N TYR A 918 -39.62 9.21 10.02
CA TYR A 918 -38.98 8.90 11.32
C TYR A 918 -38.75 7.39 11.52
N ASP A 919 -39.81 6.60 11.39
CA ASP A 919 -39.72 5.15 11.62
C ASP A 919 -38.61 4.46 10.78
N ALA A 920 -38.44 4.93 9.54
CA ALA A 920 -37.44 4.38 8.61
C ALA A 920 -36.03 4.97 8.82
N ALA A 921 -35.97 6.20 9.32
CA ALA A 921 -34.70 6.82 9.73
C ALA A 921 -34.07 6.08 10.90
N ILE A 922 -34.90 5.66 11.86
CA ILE A 922 -34.43 4.90 13.04
C ILE A 922 -33.96 3.50 12.64
N ASP A 923 -34.60 2.92 11.64
CA ASP A 923 -34.16 1.66 11.07
C ASP A 923 -32.73 1.77 10.53
N LEU A 924 -32.43 2.90 9.90
CA LEU A 924 -31.13 3.16 9.29
C LEU A 924 -30.01 3.32 10.31
N PHE A 925 -30.27 4.17 11.30
CA PHE A 925 -29.42 4.31 12.48
C PHE A 925 -29.19 2.96 13.13
N THR A 926 -30.26 2.22 13.39
CA THR A 926 -30.20 0.91 14.03
C THR A 926 -29.53 -0.18 13.16
N ARG A 927 -29.62 -0.05 11.84
CA ARG A 927 -28.95 -1.00 10.93
C ARG A 927 -27.46 -0.67 10.69
N SER A 928 -27.14 0.62 10.57
CA SER A 928 -25.75 1.03 10.45
C SER A 928 -25.01 0.84 11.78
N CYS A 929 -25.60 1.34 12.84
CA CYS A 929 -25.01 1.30 14.18
C CYS A 929 -24.68 -0.12 14.65
N ALA A 930 -25.44 -1.11 14.23
CA ALA A 930 -25.15 -2.51 14.56
C ALA A 930 -23.92 -3.01 13.83
N GLY A 931 -23.87 -2.77 12.51
CA GLY A 931 -22.73 -3.17 11.68
C GLY A 931 -21.44 -2.50 12.09
N TYR A 932 -21.51 -1.18 12.31
CA TYR A 932 -20.36 -0.42 12.78
C TYR A 932 -19.90 -0.81 14.19
N CYS A 933 -20.76 -1.46 14.97
CA CYS A 933 -20.36 -2.02 16.28
C CYS A 933 -19.48 -3.24 16.09
N VAL A 934 -19.90 -4.14 15.20
CA VAL A 934 -19.24 -5.43 14.95
C VAL A 934 -17.87 -5.25 14.29
N ALA A 935 -17.83 -4.47 13.19
CA ALA A 935 -16.59 -4.23 12.44
C ALA A 935 -15.55 -3.58 13.34
N THR A 936 -15.95 -2.49 13.97
CA THR A 936 -15.14 -1.82 14.95
C THR A 936 -14.62 -2.77 16.06
N PHE A 937 -15.52 -3.50 16.72
CA PHE A 937 -15.10 -4.50 17.73
C PHE A 937 -14.12 -5.54 17.19
N ILE A 938 -14.46 -6.09 16.01
CA ILE A 938 -13.59 -7.05 15.30
C ILE A 938 -12.21 -6.47 14.96
N LEU A 939 -12.21 -5.39 14.18
CA LEU A 939 -10.97 -4.73 13.77
C LEU A 939 -10.18 -4.05 14.88
N GLY A 940 -10.80 -3.84 16.04
CA GLY A 940 -10.11 -3.28 17.21
C GLY A 940 -9.67 -1.83 17.01
N ILE A 941 -10.34 -1.10 16.12
CA ILE A 941 -9.94 0.25 15.69
C ILE A 941 -9.95 1.26 16.85
N GLY A 942 -9.43 2.47 16.61
CA GLY A 942 -9.31 3.49 17.65
C GLY A 942 -10.60 3.76 18.41
N ASP A 943 -10.47 4.12 19.70
CA ASP A 943 -11.62 4.43 20.55
C ASP A 943 -12.55 5.43 19.87
N ARG A 944 -13.83 5.08 19.79
CA ARG A 944 -14.86 5.96 19.23
C ARG A 944 -15.36 6.94 20.29
N HIS A 945 -15.55 8.19 19.89
CA HIS A 945 -16.09 9.23 20.77
C HIS A 945 -16.75 10.33 19.94
N ASN A 946 -17.43 11.26 20.60
CA ASN A 946 -18.33 12.22 19.93
C ASN A 946 -17.76 13.04 18.76
N SER A 947 -16.43 13.16 18.65
CA SER A 947 -15.79 13.88 17.54
C SER A 947 -15.30 13.02 16.35
N ASN A 948 -15.47 11.70 16.41
CA ASN A 948 -15.21 10.83 15.26
C ASN A 948 -16.33 9.83 14.91
N ILE A 949 -17.52 10.07 15.45
CA ILE A 949 -18.72 9.33 15.09
C ILE A 949 -19.52 10.34 14.31
N MET A 950 -20.25 9.90 13.29
CA MET A 950 -21.02 10.80 12.44
C MET A 950 -22.39 10.28 12.03
N VAL A 951 -23.38 11.18 12.12
CA VAL A 951 -24.75 10.87 11.77
C VAL A 951 -25.18 11.78 10.63
N LYS A 952 -25.91 11.18 9.68
CA LYS A 952 -26.44 11.90 8.53
C LYS A 952 -27.88 12.26 8.77
N ASP A 953 -28.35 13.27 8.02
CA ASP A 953 -29.74 13.74 8.10
C ASP A 953 -30.75 12.60 7.93
N ASP A 954 -30.53 11.75 6.94
CA ASP A 954 -31.41 10.57 6.75
C ASP A 954 -31.36 9.57 7.91
N GLY A 955 -30.34 9.68 8.76
CA GLY A 955 -30.29 8.96 10.05
C GLY A 955 -29.24 7.85 10.15
N GLN A 956 -28.37 7.72 9.15
CA GLN A 956 -27.32 6.70 9.16
C GLN A 956 -26.14 7.19 9.97
N LEU A 957 -25.52 6.23 10.66
CA LEU A 957 -24.37 6.47 11.52
C LEU A 957 -23.15 5.87 10.81
N PHE A 958 -22.03 6.59 10.83
CA PHE A 958 -20.78 6.08 10.27
C PHE A 958 -19.56 6.68 10.96
N HIS A 959 -18.47 5.89 11.07
CA HIS A 959 -17.23 6.31 11.73
C HIS A 959 -16.21 6.89 10.75
N ILE A 960 -15.35 7.75 11.28
CA ILE A 960 -14.33 8.47 10.51
C ILE A 960 -13.03 8.49 11.32
N ASP A 961 -11.91 8.78 10.66
CA ASP A 961 -10.60 8.87 11.34
C ASP A 961 -10.38 7.68 12.29
N PHE A 962 -10.01 6.54 11.71
CA PHE A 962 -9.93 5.29 12.46
C PHE A 962 -8.61 5.15 13.25
N GLY A 963 -7.60 5.94 12.87
CA GLY A 963 -6.28 5.90 13.51
C GLY A 963 -5.50 4.61 13.28
N HIS A 964 -5.32 3.85 14.35
CA HIS A 964 -4.60 2.58 14.31
C HIS A 964 -5.62 1.45 14.35
N PHE A 965 -5.44 0.44 13.50
CA PHE A 965 -6.47 -0.61 13.39
C PHE A 965 -6.33 -1.74 14.41
N LEU A 966 -5.41 -2.69 14.21
CA LEU A 966 -5.51 -3.99 14.94
C LEU A 966 -5.16 -3.98 16.46
N ASP A 967 -5.52 -2.91 17.16
CA ASP A 967 -5.18 -2.68 18.57
C ASP A 967 -3.67 -2.43 18.69
N HIS A 968 -3.22 -1.36 18.05
CA HIS A 968 -1.78 -1.01 17.96
C HIS A 968 -1.28 -0.13 19.13
N LYS A 969 -2.20 0.40 19.93
CA LYS A 969 -1.83 0.95 21.24
C LYS A 969 -1.84 -0.15 22.33
N LYS A 970 -1.79 -1.43 21.93
CA LYS A 970 -1.46 -2.56 22.81
C LYS A 970 0.06 -2.89 22.78
N LYS A 971 0.82 -2.19 21.94
CA LYS A 971 2.30 -2.23 21.95
C LYS A 971 2.80 -1.67 23.30
N LYS A 972 2.15 -0.60 23.74
CA LYS A 972 2.20 -0.16 25.12
C LYS A 972 1.22 -1.09 25.86
N PHE A 973 1.72 -1.80 26.88
CA PHE A 973 0.98 -2.89 27.56
C PHE A 973 0.24 -3.92 26.68
N GLY A 974 -1.04 -3.72 26.40
CA GLY A 974 -1.85 -4.70 25.68
C GLY A 974 -2.25 -5.91 26.52
N TYR A 975 -1.99 -7.12 26.00
CA TYR A 975 -2.22 -8.40 26.70
C TYR A 975 -3.69 -8.69 27.06
N LYS A 976 -4.39 -9.43 26.19
CA LYS A 976 -5.79 -9.85 26.40
C LYS A 976 -6.74 -8.69 26.74
N ARG A 977 -6.56 -7.57 26.05
CA ARG A 977 -7.40 -6.39 26.23
C ARG A 977 -8.75 -6.62 25.54
N GLU A 978 -8.71 -7.14 24.31
CA GLU A 978 -9.89 -7.48 23.50
C GLU A 978 -10.94 -6.37 23.58
N ARG A 979 -10.55 -5.19 23.10
CA ARG A 979 -11.27 -3.97 23.39
C ARG A 979 -12.60 -3.83 22.63
N VAL A 980 -13.56 -3.15 23.26
CA VAL A 980 -14.78 -2.68 22.61
C VAL A 980 -14.59 -1.18 22.37
N PRO A 981 -14.33 -0.78 21.09
CA PRO A 981 -14.07 0.65 20.80
C PRO A 981 -15.33 1.49 20.63
N PHE A 982 -16.37 0.93 20.02
CA PHE A 982 -17.65 1.59 19.91
C PHE A 982 -18.50 1.09 21.05
N VAL A 983 -18.71 1.97 22.03
CA VAL A 983 -19.51 1.68 23.22
C VAL A 983 -20.75 2.55 23.17
N LEU A 984 -21.91 1.91 23.07
CA LEU A 984 -23.17 2.59 22.85
C LEU A 984 -23.60 3.31 24.11
N THR A 985 -23.28 4.60 24.17
CA THR A 985 -23.73 5.46 25.27
C THR A 985 -25.26 5.60 25.25
N GLN A 986 -25.79 6.35 26.22
CA GLN A 986 -27.23 6.61 26.30
C GLN A 986 -27.72 7.23 24.99
N ASP A 987 -27.04 8.30 24.56
CA ASP A 987 -27.32 8.97 23.28
C ASP A 987 -27.83 8.01 22.20
N PHE A 988 -27.03 6.99 21.91
CA PHE A 988 -27.29 6.08 20.81
C PHE A 988 -28.44 5.13 21.17
N LEU A 989 -28.43 4.64 22.40
CA LEU A 989 -29.46 3.73 22.90
C LEU A 989 -30.86 4.32 22.79
N ILE A 990 -31.02 5.57 23.24
CA ILE A 990 -32.31 6.27 23.19
C ILE A 990 -32.88 6.27 21.77
N VAL A 991 -32.03 6.56 20.79
CA VAL A 991 -32.44 6.70 19.38
C VAL A 991 -32.84 5.33 18.81
N ILE A 992 -32.12 4.28 19.21
CA ILE A 992 -32.44 2.90 18.78
C ILE A 992 -33.82 2.47 19.33
N SER A 993 -34.11 2.87 20.56
CA SER A 993 -35.35 2.50 21.26
C SER A 993 -36.52 3.52 21.11
N LYS A 994 -36.49 4.30 20.03
CA LYS A 994 -37.55 5.25 19.67
C LYS A 994 -38.00 6.16 20.83
N GLY A 995 -37.04 6.64 21.60
CA GLY A 995 -37.28 7.66 22.62
C GLY A 995 -37.71 7.18 24.00
N ALA A 996 -37.74 5.87 24.22
CA ALA A 996 -38.19 5.30 25.51
C ALA A 996 -37.23 5.60 26.69
N GLN A 997 -37.60 5.10 27.88
CA GLN A 997 -36.73 5.10 29.05
C GLN A 997 -36.51 3.66 29.51
N GLU A 998 -35.31 3.42 30.03
CA GLU A 998 -34.75 2.08 30.17
C GLU A 998 -34.77 1.37 28.80
N CYS A 999 -33.99 1.97 27.90
CA CYS A 999 -33.79 1.53 26.51
C CYS A 999 -33.31 0.09 26.44
N THR A 1000 -32.42 -0.25 27.36
CA THR A 1000 -31.97 -1.63 27.61
C THR A 1000 -33.06 -2.70 27.40
N LYS A 1001 -34.29 -2.39 27.82
CA LYS A 1001 -35.37 -3.37 27.88
C LYS A 1001 -36.52 -2.98 26.92
N THR A 1002 -36.32 -3.22 25.64
CA THR A 1002 -37.35 -3.04 24.60
C THR A 1002 -37.34 -4.22 23.62
N ARG A 1003 -38.18 -4.19 22.59
CA ARG A 1003 -37.97 -5.04 21.42
C ARG A 1003 -37.04 -4.36 20.43
N GLU A 1004 -37.09 -3.03 20.38
CA GLU A 1004 -36.25 -2.24 19.47
C GLU A 1004 -34.80 -2.69 19.61
N PHE A 1005 -34.38 -2.86 20.86
CA PHE A 1005 -33.04 -3.33 21.26
C PHE A 1005 -32.86 -4.85 21.13
N GLU A 1006 -33.91 -5.64 21.38
CA GLU A 1006 -33.89 -7.08 21.08
C GLU A 1006 -33.57 -7.33 19.60
N ARG A 1007 -34.11 -6.48 18.72
CA ARG A 1007 -33.80 -6.54 17.29
C ARG A 1007 -32.33 -6.20 17.04
N PHE A 1008 -31.91 -5.04 17.55
CA PHE A 1008 -30.53 -4.54 17.43
C PHE A 1008 -29.52 -5.60 17.82
N GLN A 1009 -29.70 -6.17 19.00
CA GLN A 1009 -28.86 -7.26 19.48
C GLN A 1009 -28.79 -8.39 18.46
N GLU A 1010 -29.94 -8.82 17.97
CA GLU A 1010 -29.99 -9.89 16.97
C GLU A 1010 -29.31 -9.54 15.66
N MET A 1011 -29.24 -8.26 15.30
CA MET A 1011 -28.47 -7.82 14.12
C MET A 1011 -26.99 -8.03 14.38
N CYS A 1012 -26.52 -7.46 15.49
CA CYS A 1012 -25.12 -7.58 15.94
C CYS A 1012 -24.60 -9.03 16.03
N TYR A 1013 -25.47 -9.96 16.45
CA TYR A 1013 -25.13 -11.38 16.49
C TYR A 1013 -25.04 -12.00 15.10
N LYS A 1014 -26.02 -11.70 14.25
CA LYS A 1014 -26.06 -12.22 12.88
C LYS A 1014 -24.94 -11.63 12.00
N ALA A 1015 -24.56 -10.38 12.28
CA ALA A 1015 -23.42 -9.74 11.61
C ALA A 1015 -22.10 -10.39 12.04
N TYR A 1016 -21.85 -10.44 13.35
CA TYR A 1016 -20.65 -11.07 13.94
C TYR A 1016 -20.38 -12.48 13.42
N LEU A 1017 -21.38 -13.35 13.52
CA LEU A 1017 -21.26 -14.71 13.01
C LEU A 1017 -20.99 -14.82 11.51
N ALA A 1018 -21.51 -13.87 10.72
CA ALA A 1018 -21.29 -13.87 9.26
C ALA A 1018 -19.83 -13.63 8.88
N ILE A 1019 -19.23 -12.62 9.51
CA ILE A 1019 -17.81 -12.32 9.30
C ILE A 1019 -16.93 -13.50 9.73
N ARG A 1020 -17.27 -14.12 10.85
CA ARG A 1020 -16.55 -15.27 11.42
C ARG A 1020 -16.43 -16.48 10.49
N GLN A 1021 -17.40 -16.68 9.59
CA GLN A 1021 -17.31 -17.75 8.61
C GLN A 1021 -16.55 -17.35 7.34
N HIS A 1022 -16.24 -16.06 7.20
CA HIS A 1022 -15.33 -15.58 6.15
C HIS A 1022 -13.98 -15.13 6.73
N ALA A 1023 -13.65 -15.54 7.95
CA ALA A 1023 -12.47 -15.02 8.64
C ALA A 1023 -11.15 -15.41 7.99
N ASN A 1024 -11.16 -16.45 7.16
CA ASN A 1024 -10.00 -16.75 6.33
C ASN A 1024 -9.64 -15.54 5.51
N LEU A 1025 -10.62 -14.98 4.80
CA LEU A 1025 -10.40 -13.83 3.94
C LEU A 1025 -9.74 -12.66 4.68
N PHE A 1026 -10.28 -12.32 5.83
CA PHE A 1026 -9.82 -11.11 6.52
C PHE A 1026 -8.40 -11.24 7.07
N ILE A 1027 -8.08 -12.42 7.60
CA ILE A 1027 -6.71 -12.79 7.92
C ILE A 1027 -5.87 -12.62 6.66
N ASN A 1028 -6.26 -13.31 5.59
CA ASN A 1028 -5.52 -13.32 4.32
C ASN A 1028 -5.25 -11.94 3.78
N LEU A 1029 -6.28 -11.09 3.73
CA LEU A 1029 -6.10 -9.70 3.29
C LEU A 1029 -5.04 -9.01 4.13
N PHE A 1030 -5.17 -9.10 5.46
CA PHE A 1030 -4.19 -8.51 6.36
C PHE A 1030 -2.79 -9.13 6.19
N SER A 1031 -2.74 -10.43 5.91
CA SER A 1031 -1.47 -11.11 5.64
C SER A 1031 -0.74 -10.50 4.45
N MET A 1032 -1.47 -10.25 3.37
CA MET A 1032 -0.90 -9.69 2.14
C MET A 1032 -0.44 -8.23 2.32
N MET A 1033 -0.90 -7.57 3.39
CA MET A 1033 -0.56 -6.17 3.69
C MET A 1033 0.71 -5.99 4.52
N LEU A 1034 1.32 -7.09 4.95
CA LEU A 1034 2.56 -7.01 5.72
C LEU A 1034 3.68 -6.34 4.91
N GLY A 1035 3.63 -6.50 3.59
CA GLY A 1035 4.55 -5.85 2.66
C GLY A 1035 4.67 -4.35 2.82
N SER A 1036 3.52 -3.68 2.95
CA SER A 1036 3.51 -2.22 3.20
C SER A 1036 4.17 -1.94 4.52
N GLY A 1037 4.92 -0.84 4.57
CA GLY A 1037 5.65 -0.46 5.76
C GLY A 1037 4.75 0.25 6.75
N MET A 1038 3.67 -0.43 7.14
CA MET A 1038 2.70 0.13 8.06
C MET A 1038 3.07 -0.33 9.48
N PRO A 1039 3.29 0.62 10.41
CA PRO A 1039 3.61 0.21 11.77
C PRO A 1039 2.64 -0.79 12.39
N GLU A 1040 1.38 -0.74 11.99
CA GLU A 1040 0.34 -1.57 12.59
C GLU A 1040 0.39 -3.04 12.11
N LEU A 1041 1.00 -3.27 10.94
CA LEU A 1041 1.22 -4.62 10.39
C LEU A 1041 2.70 -4.87 10.11
N GLN A 1042 3.43 -5.26 11.15
CA GLN A 1042 4.84 -5.64 11.03
C GLN A 1042 5.04 -7.14 10.90
N SER A 1043 4.21 -7.93 11.59
CA SER A 1043 4.31 -9.39 11.57
C SER A 1043 3.01 -10.10 11.95
N PHE A 1044 2.89 -11.35 11.53
CA PHE A 1044 1.64 -12.14 11.60
C PHE A 1044 0.88 -12.14 12.95
N ASP A 1045 1.58 -12.06 14.07
CA ASP A 1045 0.91 -11.97 15.37
C ASP A 1045 0.15 -10.63 15.54
N ASP A 1046 0.55 -9.60 14.80
CA ASP A 1046 -0.27 -8.38 14.71
C ASP A 1046 -1.65 -8.78 14.26
N ILE A 1047 -1.69 -9.50 13.14
CA ILE A 1047 -2.92 -10.00 12.52
C ILE A 1047 -3.68 -10.86 13.49
N ALA A 1048 -2.96 -11.67 14.26
CA ALA A 1048 -3.59 -12.61 15.17
C ALA A 1048 -4.62 -12.02 16.14
N TYR A 1049 -4.56 -10.72 16.44
CA TYR A 1049 -5.64 -10.05 17.21
C TYR A 1049 -7.03 -10.45 16.69
N ILE A 1050 -7.20 -10.37 15.37
CA ILE A 1050 -8.48 -10.71 14.74
C ILE A 1050 -8.91 -12.18 14.88
N ARG A 1051 -8.06 -13.04 15.44
CA ARG A 1051 -8.47 -14.40 15.79
C ARG A 1051 -9.19 -14.39 17.10
N LYS A 1052 -8.57 -13.76 18.10
CA LYS A 1052 -9.17 -13.64 19.43
C LYS A 1052 -10.51 -12.94 19.32
N THR A 1053 -10.50 -11.79 18.66
CA THR A 1053 -11.69 -10.98 18.45
C THR A 1053 -12.83 -11.83 17.85
N LEU A 1054 -12.52 -12.70 16.90
CA LEU A 1054 -13.52 -13.55 16.24
C LEU A 1054 -13.74 -14.89 16.94
N ALA A 1055 -12.86 -15.26 17.87
CA ALA A 1055 -12.91 -16.54 18.58
C ALA A 1055 -13.00 -17.71 17.59
N LEU A 1056 -11.92 -17.88 16.84
CA LEU A 1056 -11.82 -18.88 15.77
C LEU A 1056 -11.35 -20.23 16.33
N ASP A 1057 -10.59 -20.19 17.42
CA ASP A 1057 -10.22 -21.40 18.18
C ASP A 1057 -11.44 -22.07 18.82
N LYS A 1058 -12.47 -21.28 19.15
CA LYS A 1058 -13.68 -21.77 19.83
C LYS A 1058 -14.74 -22.28 18.84
N THR A 1059 -15.82 -22.87 19.37
CA THR A 1059 -17.01 -23.22 18.58
C THR A 1059 -17.94 -22.03 18.56
N GLU A 1060 -18.77 -21.96 17.53
CA GLU A 1060 -19.45 -20.71 17.22
C GLU A 1060 -20.47 -20.23 18.26
N GLN A 1061 -21.11 -21.16 18.97
CA GLN A 1061 -21.96 -20.81 20.11
C GLN A 1061 -21.15 -20.18 21.26
N GLU A 1062 -19.92 -20.67 21.45
CA GLU A 1062 -19.01 -20.06 22.42
C GLU A 1062 -18.58 -18.69 21.92
N ALA A 1063 -18.29 -18.61 20.62
CA ALA A 1063 -17.96 -17.34 19.97
C ALA A 1063 -19.06 -16.32 20.19
N LEU A 1064 -20.31 -16.75 20.01
CA LEU A 1064 -21.49 -15.90 20.24
C LEU A 1064 -21.57 -15.38 21.66
N GLU A 1065 -21.46 -16.29 22.62
CA GLU A 1065 -21.51 -15.94 24.05
C GLU A 1065 -20.28 -15.13 24.46
N TYR A 1066 -19.14 -15.42 23.83
CA TYR A 1066 -17.92 -14.62 23.97
C TYR A 1066 -18.19 -13.17 23.59
N PHE A 1067 -18.80 -12.98 22.41
CA PHE A 1067 -19.13 -11.65 21.92
C PHE A 1067 -20.11 -10.93 22.84
N MET A 1068 -21.16 -11.65 23.26
CA MET A 1068 -22.10 -11.12 24.25
C MET A 1068 -21.34 -10.67 25.49
N LYS A 1069 -20.59 -11.59 26.08
CA LYS A 1069 -19.76 -11.28 27.25
C LYS A 1069 -18.93 -10.02 27.02
N GLN A 1070 -18.27 -9.96 25.86
CA GLN A 1070 -17.42 -8.81 25.51
C GLN A 1070 -18.22 -7.52 25.39
N MET A 1071 -19.38 -7.57 24.73
CA MET A 1071 -20.24 -6.38 24.60
C MET A 1071 -20.99 -6.00 25.89
N ASN A 1072 -21.20 -6.98 26.75
CA ASN A 1072 -21.95 -6.76 27.98
C ASN A 1072 -21.13 -5.99 29.03
N ASP A 1073 -19.86 -6.38 29.18
CA ASP A 1073 -18.96 -5.75 30.17
C ASP A 1073 -18.61 -4.29 29.87
N ALA A 1074 -18.46 -3.96 28.59
CA ALA A 1074 -18.19 -2.58 28.16
C ALA A 1074 -19.43 -1.68 28.31
N HIS A 1075 -20.61 -2.29 28.27
CA HIS A 1075 -21.90 -1.59 28.42
C HIS A 1075 -22.49 -1.63 29.86
N HIS A 1076 -22.09 -2.64 30.66
CA HIS A 1076 -22.61 -2.90 32.02
C HIS A 1076 -24.12 -3.22 32.04
N GLY A 1077 -24.45 -4.45 31.63
CA GLY A 1077 -25.83 -4.97 31.59
C GLY A 1077 -26.43 -4.94 30.19
N GLY A 1078 -27.22 -5.97 29.85
CA GLY A 1078 -27.97 -6.00 28.58
C GLY A 1078 -28.05 -7.34 27.86
N TRP A 1079 -26.90 -8.01 27.71
CA TRP A 1079 -26.71 -9.08 26.71
C TRP A 1079 -26.59 -10.51 27.35
N THR A 1080 -27.71 -11.25 27.43
CA THR A 1080 -27.71 -12.62 28.05
C THR A 1080 -28.87 -13.59 27.62
N THR A 1081 -29.34 -13.50 26.37
CA THR A 1081 -30.40 -14.42 25.86
C THR A 1081 -30.35 -14.50 24.32
N LYS A 1082 -30.51 -15.71 23.77
CA LYS A 1082 -30.46 -15.96 22.32
C LYS A 1082 -31.66 -16.78 21.86
N LEU B 7 2.15 -31.71 38.17
CA LEU B 7 1.76 -31.82 36.72
C LEU B 7 1.04 -30.57 36.23
N GLN B 8 0.12 -30.04 37.04
CA GLN B 8 -0.49 -28.73 36.84
C GLN B 8 0.54 -27.62 37.16
N ASP B 9 1.35 -27.82 38.20
CA ASP B 9 2.47 -26.92 38.56
C ASP B 9 3.78 -27.23 37.80
N ALA B 10 3.71 -28.10 36.80
CA ALA B 10 4.79 -28.27 35.82
C ALA B 10 5.04 -26.99 34.99
N GLU B 11 4.10 -26.03 35.05
CA GLU B 11 4.14 -24.70 34.36
C GLU B 11 3.46 -24.72 32.99
N TRP B 12 3.04 -25.90 32.54
CA TRP B 12 2.69 -26.13 31.15
C TRP B 12 1.19 -26.16 30.91
N SER B 18 -3.97 -19.64 24.83
CA SER B 18 -4.11 -19.95 23.42
C SER B 18 -2.78 -19.72 22.66
N ARG B 19 -2.76 -20.10 21.38
CA ARG B 19 -1.57 -20.00 20.51
C ARG B 19 -0.85 -18.66 20.55
N GLU B 20 -1.61 -17.57 20.65
CA GLU B 20 -1.06 -16.23 20.44
C GLU B 20 -0.08 -15.86 21.56
N GLU B 21 -0.52 -15.98 22.81
CA GLU B 21 0.31 -15.62 23.98
C GLU B 21 1.52 -16.55 24.20
N VAL B 22 1.45 -17.78 23.68
CA VAL B 22 2.60 -18.70 23.66
C VAL B 22 3.73 -18.13 22.78
N ASN B 23 3.36 -17.58 21.61
CA ASN B 23 4.33 -16.96 20.70
C ASN B 23 4.95 -15.67 21.26
N GLU B 24 4.18 -14.89 22.02
CA GLU B 24 4.68 -13.65 22.66
C GLU B 24 5.52 -13.91 23.91
N LYS B 25 5.59 -15.18 24.35
CA LYS B 25 6.57 -15.64 25.34
C LYS B 25 7.71 -16.47 24.71
N LEU B 26 7.44 -17.07 23.54
CA LEU B 26 8.50 -17.65 22.68
C LEU B 26 9.16 -16.64 21.74
N ARG B 27 8.68 -15.38 21.72
CA ARG B 27 9.28 -14.33 20.90
C ARG B 27 10.71 -14.00 21.34
N ASP B 28 11.63 -14.03 20.38
CA ASP B 28 13.05 -13.68 20.60
C ASP B 28 13.82 -14.53 21.64
N THR B 29 13.44 -15.80 21.77
CA THR B 29 14.20 -16.78 22.60
C THR B 29 15.10 -17.64 21.71
N ALA B 30 16.06 -18.33 22.34
CA ALA B 30 17.12 -19.05 21.64
C ALA B 30 16.64 -20.35 20.97
N ASP B 31 17.53 -20.95 20.19
CA ASP B 31 17.25 -22.17 19.42
C ASP B 31 17.22 -23.39 20.38
N GLY B 32 16.02 -23.79 20.79
CA GLY B 32 15.84 -24.88 21.78
C GLY B 32 14.79 -24.64 22.87
N THR B 33 14.44 -23.37 23.11
CA THR B 33 13.44 -22.98 24.11
C THR B 33 12.05 -23.57 23.83
N PHE B 34 11.34 -23.96 24.90
CA PHE B 34 10.04 -24.63 24.77
C PHE B 34 9.04 -24.31 25.89
N LEU B 35 7.83 -24.84 25.70
CA LEU B 35 6.81 -24.98 26.74
C LEU B 35 5.77 -26.01 26.25
N VAL B 36 4.76 -26.34 27.06
CA VAL B 36 3.67 -27.24 26.63
C VAL B 36 2.31 -26.55 26.83
N THR B 41 -9.84 -26.55 20.83
CA THR B 41 -10.64 -27.73 20.56
C THR B 41 -9.99 -28.96 21.22
N LYS B 42 -10.63 -29.51 22.25
CA LYS B 42 -10.22 -30.79 22.83
C LYS B 42 -10.53 -31.94 21.87
N MET B 43 -11.62 -31.78 21.11
CA MET B 43 -12.01 -32.70 20.04
C MET B 43 -11.14 -32.44 18.79
N HIS B 44 -9.86 -32.79 18.91
CA HIS B 44 -8.78 -32.34 18.00
C HIS B 44 -7.45 -32.94 18.51
N GLY B 45 -7.14 -32.65 19.77
CA GLY B 45 -6.00 -33.22 20.51
C GLY B 45 -6.06 -32.80 21.98
N ASP B 46 -5.09 -33.25 22.79
CA ASP B 46 -5.03 -32.88 24.22
C ASP B 46 -3.99 -31.77 24.52
N TYR B 47 -2.69 -32.08 24.41
CA TYR B 47 -1.62 -31.13 24.76
C TYR B 47 -0.63 -30.87 23.63
N THR B 48 -0.09 -29.63 23.59
CA THR B 48 0.73 -29.13 22.48
C THR B 48 2.09 -28.59 22.96
N LEU B 49 3.17 -29.27 22.57
CA LEU B 49 4.55 -28.83 22.85
C LEU B 49 4.98 -27.82 21.79
N THR B 50 5.33 -26.60 22.20
CA THR B 50 5.73 -25.52 21.27
C THR B 50 7.24 -25.20 21.32
N LEU B 51 8.01 -26.04 20.63
CA LEU B 51 9.48 -25.91 20.56
C LEU B 51 9.86 -24.86 19.50
N ARG B 52 10.72 -23.92 19.87
CA ARG B 52 11.23 -22.90 18.96
C ARG B 52 12.63 -23.25 18.45
N LYS B 53 12.79 -23.44 17.15
CA LYS B 53 14.09 -23.77 16.54
C LYS B 53 14.68 -22.58 15.78
N ASN B 57 8.48 -21.42 14.91
CA ASN B 57 7.87 -22.21 15.98
C ASN B 57 7.40 -23.58 15.49
N LYS B 58 7.97 -24.65 16.07
CA LYS B 58 7.56 -26.03 15.79
C LYS B 58 6.59 -26.51 16.87
N LEU B 59 5.34 -26.83 16.48
CA LEU B 59 4.32 -27.34 17.41
C LEU B 59 4.21 -28.87 17.30
N ILE B 60 4.22 -29.57 18.44
CA ILE B 60 4.22 -31.04 18.51
C ILE B 60 3.10 -31.54 19.46
N LYS B 61 2.15 -32.30 18.90
CA LYS B 61 1.04 -32.92 19.67
C LYS B 61 1.52 -34.03 20.62
N ILE B 62 0.64 -34.43 21.55
CA ILE B 62 0.94 -35.44 22.57
C ILE B 62 -0.05 -36.61 22.50
N LYS B 68 -1.05 -43.70 28.81
CA LYS B 68 -0.07 -43.26 27.83
C LYS B 68 -0.34 -41.83 27.37
N TYR B 69 0.71 -41.13 26.94
CA TYR B 69 0.60 -39.75 26.44
C TYR B 69 1.51 -39.50 25.23
N SER B 72 4.11 -40.30 18.76
CA SER B 72 2.87 -40.77 18.17
C SER B 72 2.69 -42.29 18.33
N ASP B 73 3.57 -43.07 17.71
CA ASP B 73 3.62 -44.54 17.92
C ASP B 73 4.25 -44.93 19.27
N PRO B 74 5.48 -44.42 19.59
CA PRO B 74 6.08 -44.80 20.87
C PRO B 74 5.38 -44.09 22.05
N LEU B 75 4.28 -44.69 22.50
CA LEU B 75 3.36 -44.05 23.45
C LEU B 75 3.69 -44.27 24.94
N THR B 76 4.65 -45.15 25.25
CA THR B 76 4.97 -45.49 26.66
C THR B 76 5.69 -44.37 27.42
N PHE B 77 4.91 -43.33 27.77
CA PHE B 77 5.35 -42.24 28.65
C PHE B 77 4.09 -41.80 29.42
N SER B 78 4.01 -42.15 30.70
CA SER B 78 2.75 -42.13 31.46
C SER B 78 2.19 -40.75 31.87
N SER B 79 2.89 -39.66 31.55
CA SER B 79 2.49 -38.32 32.00
C SER B 79 2.96 -37.20 31.07
N VAL B 80 2.37 -36.02 31.25
CA VAL B 80 2.78 -34.80 30.56
C VAL B 80 4.16 -34.29 31.04
N VAL B 81 4.53 -34.61 32.28
CA VAL B 81 5.87 -34.31 32.83
C VAL B 81 6.88 -35.44 32.51
N GLU B 82 6.41 -36.68 32.38
CA GLU B 82 7.26 -37.81 31.98
C GLU B 82 7.79 -37.65 30.55
N LEU B 83 6.90 -37.30 29.63
CA LEU B 83 7.23 -37.16 28.21
C LEU B 83 8.21 -36.02 27.87
N ILE B 84 8.23 -34.97 28.71
CA ILE B 84 9.05 -33.78 28.47
C ILE B 84 10.48 -33.89 29.03
N ASN B 85 10.65 -34.59 30.17
CA ASN B 85 11.98 -34.83 30.76
C ASN B 85 12.92 -35.66 29.87
N HIS B 86 12.36 -36.67 29.20
CA HIS B 86 13.12 -37.55 28.29
C HIS B 86 13.81 -36.80 27.15
N TYR B 87 13.10 -35.84 26.56
CA TYR B 87 13.62 -35.02 25.45
C TYR B 87 14.32 -33.73 25.90
N ARG B 88 14.46 -33.51 27.22
CA ARG B 88 15.34 -32.47 27.74
C ARG B 88 16.81 -32.90 27.58
N ASN B 89 17.09 -34.17 27.86
CA ASN B 89 18.42 -34.75 27.61
C ASN B 89 18.65 -35.06 26.13
N GLU B 90 17.69 -35.75 25.51
CA GLU B 90 17.80 -36.21 24.11
C GLU B 90 17.20 -35.23 23.10
N SER B 91 17.74 -35.27 21.88
CA SER B 91 17.24 -34.49 20.76
C SER B 91 15.98 -35.14 20.16
N LEU B 92 15.35 -34.43 19.22
CA LEU B 92 14.12 -34.90 18.55
C LEU B 92 14.34 -35.44 17.11
N ALA B 93 15.59 -35.75 16.75
CA ALA B 93 15.93 -36.27 15.41
C ALA B 93 15.51 -37.74 15.23
N GLN B 94 15.67 -38.55 16.28
CA GLN B 94 15.28 -39.99 16.25
C GLN B 94 13.76 -40.25 16.19
N TYR B 95 12.96 -39.30 16.69
CA TYR B 95 11.49 -39.42 16.72
C TYR B 95 10.91 -39.02 15.36
N ASN B 96 11.18 -37.79 14.92
CA ASN B 96 10.80 -37.28 13.60
C ASN B 96 12.07 -36.74 12.93
N PRO B 97 12.49 -37.33 11.78
CA PRO B 97 13.80 -37.05 11.16
C PRO B 97 14.40 -35.64 11.35
N LYS B 98 13.81 -34.60 10.74
CA LYS B 98 14.42 -33.25 10.72
C LYS B 98 13.94 -32.35 11.88
N LEU B 99 14.37 -32.71 13.08
CA LEU B 99 14.19 -31.88 14.28
C LEU B 99 15.40 -32.08 15.21
N ASP B 100 16.62 -31.92 14.67
CA ASP B 100 17.85 -32.13 15.46
C ASP B 100 18.11 -30.99 16.46
N VAL B 101 17.24 -30.92 17.47
CA VAL B 101 17.20 -29.86 18.47
C VAL B 101 16.58 -30.40 19.76
N LYS B 102 17.25 -30.15 20.89
CA LYS B 102 16.78 -30.63 22.19
C LYS B 102 15.78 -29.65 22.81
N LEU B 103 15.15 -30.08 23.91
CA LEU B 103 14.28 -29.22 24.72
C LEU B 103 15.13 -28.59 25.84
N LEU B 104 16.07 -27.74 25.44
CA LEU B 104 17.19 -27.32 26.31
C LEU B 104 16.81 -26.23 27.33
N TYR B 105 16.02 -25.24 26.91
CA TYR B 105 15.61 -24.11 27.77
C TYR B 105 14.13 -24.21 28.17
N PRO B 106 13.83 -24.69 29.40
CA PRO B 106 12.43 -24.81 29.83
C PRO B 106 11.86 -23.52 30.44
N VAL B 107 11.92 -22.42 29.70
CA VAL B 107 11.52 -21.10 30.22
C VAL B 107 10.05 -20.86 29.90
N GLU B 118 10.57 -9.48 45.53
CA GLU B 118 9.46 -8.78 46.16
C GLU B 118 8.20 -9.65 46.23
N ASP B 119 7.78 -9.99 47.45
CA ASP B 119 6.49 -10.67 47.69
C ASP B 119 5.34 -9.68 47.97
N ASN B 120 5.58 -8.39 47.66
CA ASN B 120 4.63 -7.32 47.94
C ASN B 120 3.87 -7.15 46.65
N ILE B 121 2.60 -7.55 46.65
CA ILE B 121 1.84 -7.69 45.40
C ILE B 121 1.59 -6.30 44.79
N GLU B 122 1.39 -5.30 45.64
CA GLU B 122 1.20 -3.92 45.18
C GLU B 122 2.51 -3.33 44.65
N ALA B 123 3.61 -3.53 45.39
CA ALA B 123 4.91 -2.90 45.05
C ALA B 123 5.58 -3.46 43.78
N VAL B 124 5.24 -4.70 43.41
CA VAL B 124 5.63 -5.26 42.11
C VAL B 124 4.79 -4.59 41.01
N GLY B 125 3.51 -4.35 41.29
CA GLY B 125 2.61 -3.62 40.40
C GLY B 125 2.95 -2.14 40.21
N LYS B 126 3.50 -1.52 41.24
CA LYS B 126 4.02 -0.15 41.13
C LYS B 126 5.21 -0.13 40.19
N LYS B 127 6.15 -1.06 40.40
CA LYS B 127 7.33 -1.22 39.53
C LYS B 127 6.99 -1.46 38.06
N LEU B 128 5.86 -2.13 37.82
CA LEU B 128 5.36 -2.35 36.47
C LEU B 128 5.12 -1.00 35.78
N HIS B 129 4.30 -0.13 36.39
CA HIS B 129 4.06 1.23 35.86
C HIS B 129 5.37 2.00 35.62
N GLU B 130 6.30 1.89 36.58
CA GLU B 130 7.57 2.58 36.51
C GLU B 130 8.37 2.14 35.28
N TYR B 131 8.60 0.82 35.15
CA TYR B 131 9.30 0.27 33.99
C TYR B 131 8.54 0.49 32.70
N ASN B 132 7.21 0.36 32.76
CA ASN B 132 6.34 0.57 31.60
C ASN B 132 6.28 2.04 31.15
N THR B 133 6.38 2.98 32.10
CA THR B 133 6.57 4.40 31.76
C THR B 133 7.95 4.56 31.12
N GLN B 134 8.98 3.94 31.74
CA GLN B 134 10.35 3.98 31.21
C GLN B 134 10.48 3.36 29.82
N PHE B 135 9.72 2.29 29.57
CA PHE B 135 9.69 1.66 28.26
C PHE B 135 9.06 2.59 27.22
N GLN B 136 7.80 2.99 27.47
CA GLN B 136 7.04 3.92 26.62
C GLN B 136 7.80 5.24 26.39
N GLU B 137 8.42 5.76 27.44
CA GLU B 137 9.24 6.97 27.36
C GLU B 137 10.49 6.75 26.49
N LYS B 138 11.11 5.58 26.64
CA LYS B 138 12.28 5.21 25.83
C LYS B 138 11.91 4.91 24.36
N SER B 139 10.70 4.40 24.13
CA SER B 139 10.20 4.10 22.78
C SER B 139 10.04 5.35 21.91
N ARG B 140 9.45 6.41 22.45
CA ARG B 140 9.25 7.67 21.72
C ARG B 140 10.57 8.31 21.27
N GLU B 141 11.59 8.25 22.12
CA GLU B 141 12.93 8.69 21.75
C GLU B 141 13.46 7.86 20.57
N TYR B 142 13.21 6.55 20.59
CA TYR B 142 13.55 5.66 19.46
C TYR B 142 12.70 5.94 18.22
N ASP B 143 11.42 6.21 18.39
CA ASP B 143 10.51 6.50 17.28
C ASP B 143 10.78 7.88 16.64
N ARG B 144 11.06 8.88 17.48
CA ARG B 144 11.47 10.23 17.03
C ARG B 144 12.69 10.19 16.11
N LEU B 145 13.71 9.47 16.56
CA LEU B 145 14.98 9.34 15.84
C LEU B 145 14.82 8.66 14.47
N TYR B 146 13.99 7.61 14.42
CA TYR B 146 13.71 6.88 13.19
C TYR B 146 13.21 7.82 12.07
N GLU B 147 12.39 8.81 12.45
CA GLU B 147 11.95 9.85 11.51
C GLU B 147 13.10 10.76 11.08
N GLU B 148 13.93 11.20 12.03
CA GLU B 148 15.10 12.06 11.73
C GLU B 148 16.09 11.35 10.79
N TYR B 149 16.39 10.10 11.12
CA TYR B 149 17.15 9.20 10.24
C TYR B 149 16.60 9.26 8.81
N THR B 150 15.30 8.97 8.67
CA THR B 150 14.64 8.84 7.36
C THR B 150 14.49 10.18 6.60
N ARG B 151 14.24 11.27 7.32
CA ARG B 151 14.32 12.61 6.71
C ARG B 151 15.74 12.86 6.25
N THR B 152 16.71 12.60 7.12
CA THR B 152 18.12 12.87 6.81
C THR B 152 18.60 12.06 5.62
N SER B 153 18.11 10.83 5.47
CA SER B 153 18.34 10.03 4.26
C SER B 153 17.84 10.79 3.02
N GLN B 154 16.61 11.29 3.08
CA GLN B 154 15.98 12.00 1.97
C GLN B 154 16.64 13.35 1.67
N GLU B 155 16.86 14.14 2.72
CA GLU B 155 17.50 15.45 2.59
C GLU B 155 18.91 15.34 2.03
N ILE B 156 19.67 14.34 2.49
CA ILE B 156 21.01 14.03 1.96
C ILE B 156 20.91 13.76 0.46
N GLN B 157 20.13 12.76 0.08
CA GLN B 157 20.03 12.37 -1.33
C GLN B 157 19.46 13.48 -2.21
N MET B 158 18.55 14.29 -1.65
CA MET B 158 18.10 15.53 -2.31
C MET B 158 19.25 16.49 -2.59
N LYS B 159 20.18 16.61 -1.63
CA LYS B 159 21.42 17.38 -1.83
C LYS B 159 22.28 16.77 -2.93
N ARG B 160 22.45 15.45 -2.90
CA ARG B 160 23.28 14.77 -3.91
C ARG B 160 22.76 15.02 -5.32
N THR B 161 21.44 14.96 -5.48
CA THR B 161 20.82 15.19 -6.79
C THR B 161 21.01 16.64 -7.22
N ALA B 162 20.91 17.57 -6.27
CA ALA B 162 21.16 18.98 -6.55
C ALA B 162 22.59 19.22 -7.02
N ILE B 163 23.54 18.53 -6.38
CA ILE B 163 24.95 18.60 -6.76
C ILE B 163 25.12 18.20 -8.22
N GLU B 164 24.59 17.03 -8.58
CA GLU B 164 24.55 16.59 -9.98
C GLU B 164 23.99 17.69 -10.89
N ALA B 165 22.89 18.30 -10.43
CA ALA B 165 22.24 19.39 -11.16
C ALA B 165 23.15 20.58 -11.29
N PHE B 166 23.75 21.00 -10.17
CA PHE B 166 24.71 22.11 -10.19
C PHE B 166 25.83 21.78 -11.18
N ASN B 167 26.43 20.62 -11.01
CA ASN B 167 27.49 20.18 -11.91
C ASN B 167 27.07 20.26 -13.37
N GLU B 168 25.87 19.79 -13.67
CA GLU B 168 25.33 19.84 -15.04
C GLU B 168 25.04 21.28 -15.48
N THR B 169 24.50 22.08 -14.55
CA THR B 169 24.26 23.51 -14.78
C THR B 169 25.55 24.20 -15.21
N ILE B 170 26.60 23.98 -14.43
CA ILE B 170 27.93 24.56 -14.67
C ILE B 170 28.45 24.12 -16.03
N LYS B 171 28.43 22.82 -16.28
CA LYS B 171 28.84 22.27 -17.58
C LYS B 171 28.24 23.06 -18.75
N ILE B 172 27.00 23.51 -18.61
CA ILE B 172 26.32 24.29 -19.66
C ILE B 172 26.87 25.72 -19.74
N PHE B 173 27.17 26.31 -18.59
CA PHE B 173 27.79 27.65 -18.54
C PHE B 173 29.27 27.62 -18.95
N GLU B 174 29.99 26.57 -18.55
CA GLU B 174 31.37 26.33 -19.01
C GLU B 174 31.37 26.15 -20.52
N GLU B 175 30.36 25.43 -21.04
CA GLU B 175 30.15 25.28 -22.47
C GLU B 175 29.74 26.60 -23.12
N GLN B 176 28.96 27.42 -22.41
CA GLN B 176 28.55 28.74 -22.92
C GLN B 176 29.70 29.74 -22.99
N CYS B 177 30.55 29.80 -21.96
CA CYS B 177 31.74 30.68 -21.99
C CYS B 177 32.72 30.21 -23.08
N GLN B 178 32.73 28.90 -23.35
CA GLN B 178 33.44 28.36 -24.52
C GLN B 178 32.75 28.77 -25.81
N THR B 179 31.45 28.52 -25.92
CA THR B 179 30.70 28.76 -27.15
C THR B 179 30.91 30.18 -27.67
N GLN B 180 30.94 31.17 -26.77
CA GLN B 180 31.11 32.57 -27.20
C GLN B 180 32.53 32.86 -27.69
N GLU B 181 33.55 32.30 -27.02
CA GLU B 181 34.95 32.47 -27.46
C GLU B 181 35.18 32.09 -28.92
N ARG B 182 34.42 31.11 -29.42
CA ARG B 182 34.45 30.81 -30.85
C ARG B 182 33.92 31.97 -31.67
N TYR B 183 32.68 32.39 -31.40
CA TYR B 183 31.99 33.38 -32.25
C TYR B 183 32.45 34.84 -32.03
N SER B 184 32.86 35.15 -30.80
CA SER B 184 33.29 36.51 -30.41
C SER B 184 34.61 36.89 -31.07
N LYS B 185 35.62 36.04 -30.89
CA LYS B 185 36.97 36.30 -31.40
C LYS B 185 37.09 35.98 -32.90
N GLU B 186 36.09 35.30 -33.47
CA GLU B 186 35.89 35.27 -34.92
C GLU B 186 35.42 36.63 -35.42
N TYR B 187 34.50 37.29 -34.70
CA TYR B 187 34.01 38.62 -35.10
C TYR B 187 35.11 39.70 -35.16
N ILE B 188 36.03 39.68 -34.19
CA ILE B 188 37.18 40.61 -34.18
C ILE B 188 37.90 40.54 -35.54
N GLU B 189 38.33 39.34 -35.91
CA GLU B 189 39.07 39.11 -37.16
C GLU B 189 38.28 39.36 -38.47
N LYS B 190 36.94 39.36 -38.41
CA LYS B 190 36.12 39.75 -39.58
C LYS B 190 36.35 41.21 -39.98
N PHE B 191 36.47 42.10 -38.98
CA PHE B 191 36.52 43.56 -39.23
C PHE B 191 37.49 44.35 -38.32
N LYS B 192 37.39 44.14 -37.00
CA LYS B 192 38.14 44.92 -36.00
C LYS B 192 37.78 46.42 -35.99
N ARG B 193 38.32 47.19 -36.94
CA ARG B 193 38.11 48.66 -37.03
C ARG B 193 36.68 49.16 -36.73
N GLU B 194 35.69 48.43 -37.21
CA GLU B 194 34.28 48.80 -37.05
C GLU B 194 33.81 48.71 -35.59
N GLY B 195 33.80 49.87 -34.93
CA GLY B 195 33.42 50.00 -33.53
C GLY B 195 34.17 49.06 -32.62
N ASN B 196 35.50 49.07 -32.71
CA ASN B 196 36.34 48.01 -32.12
C ASN B 196 36.11 47.84 -30.62
N GLU B 197 36.51 48.82 -29.82
CA GLU B 197 36.25 48.79 -28.38
C GLU B 197 34.80 49.11 -28.06
N LYS B 198 34.11 49.80 -28.98
CA LYS B 198 32.67 50.00 -28.88
C LYS B 198 31.89 48.69 -28.91
N GLU B 199 32.37 47.72 -29.69
CA GLU B 199 31.74 46.41 -29.78
C GLU B 199 32.37 45.43 -28.80
N ILE B 200 33.71 45.35 -28.80
CA ILE B 200 34.43 44.33 -28.02
C ILE B 200 34.35 44.55 -26.49
N GLN B 201 34.09 45.79 -26.04
CA GLN B 201 33.78 46.03 -24.62
C GLN B 201 32.46 45.36 -24.22
N ARG B 202 31.42 45.58 -25.03
CA ARG B 202 30.11 44.98 -24.79
C ARG B 202 30.05 43.46 -25.06
N ILE B 203 31.07 42.93 -25.74
CA ILE B 203 31.29 41.48 -25.84
C ILE B 203 32.12 40.96 -24.66
N MET B 204 33.10 41.75 -24.20
CA MET B 204 33.89 41.40 -23.01
C MET B 204 33.07 41.52 -21.72
N HIS B 205 32.21 42.54 -21.64
CA HIS B 205 31.28 42.74 -20.51
C HIS B 205 30.37 41.53 -20.26
N ASN B 206 29.76 41.08 -21.35
CA ASN B 206 29.00 39.84 -21.41
C ASN B 206 29.83 38.64 -20.94
N TYR B 207 31.04 38.52 -21.49
CA TYR B 207 31.98 37.45 -21.12
C TYR B 207 32.38 37.49 -19.65
N ASP B 208 32.51 38.69 -19.09
CA ASP B 208 32.80 38.85 -17.66
C ASP B 208 31.60 38.43 -16.81
N LYS B 209 30.39 38.89 -17.18
CA LYS B 209 29.17 38.46 -16.49
C LYS B 209 28.95 36.94 -16.58
N LEU B 210 29.32 36.36 -17.72
CA LEU B 210 29.26 34.91 -17.92
C LEU B 210 30.16 34.17 -16.94
N LYS B 211 31.41 34.61 -16.80
CA LYS B 211 32.35 33.90 -15.92
C LYS B 211 32.14 34.14 -14.40
N SER B 212 31.80 35.36 -14.00
CA SER B 212 31.56 35.65 -12.57
C SER B 212 30.28 34.97 -12.05
N ARG B 213 29.31 34.77 -12.94
CA ARG B 213 28.14 33.94 -12.65
C ARG B 213 28.56 32.47 -12.41
N ILE B 214 29.49 31.94 -13.23
CA ILE B 214 30.05 30.59 -13.00
C ILE B 214 30.71 30.51 -11.61
N SER B 215 31.42 31.56 -11.24
CA SER B 215 32.09 31.65 -9.94
C SER B 215 31.09 31.57 -8.78
N GLU B 216 29.93 32.22 -8.94
CA GLU B 216 28.84 32.15 -7.96
C GLU B 216 28.24 30.74 -7.82
N ILE B 217 28.03 30.06 -8.95
CA ILE B 217 27.45 28.70 -8.96
C ILE B 217 28.38 27.71 -8.28
N ILE B 218 29.66 27.74 -8.67
CA ILE B 218 30.67 26.84 -8.10
C ILE B 218 30.73 27.06 -6.59
N ASP B 219 30.76 28.33 -6.18
CA ASP B 219 30.66 28.70 -4.76
C ASP B 219 29.39 28.15 -4.12
N SER B 220 28.28 28.25 -4.86
CA SER B 220 26.99 27.69 -4.42
C SER B 220 26.97 26.16 -4.32
N ARG B 221 27.70 25.46 -5.19
CA ARG B 221 27.81 23.99 -5.11
C ARG B 221 28.58 23.55 -3.88
N ARG B 222 29.78 24.12 -3.70
CA ARG B 222 30.63 23.84 -2.54
C ARG B 222 29.85 23.97 -1.23
N ARG B 223 29.10 25.06 -1.12
CA ARG B 223 28.34 25.38 0.09
C ARG B 223 27.27 24.33 0.45
N LEU B 224 26.83 23.56 -0.57
CA LEU B 224 25.98 22.40 -0.37
C LEU B 224 26.79 21.21 0.12
N GLU B 225 27.88 20.90 -0.58
CA GLU B 225 28.74 19.75 -0.28
C GLU B 225 29.25 19.74 1.16
N GLU B 226 29.63 20.93 1.65
CA GLU B 226 30.01 21.07 3.05
C GLU B 226 28.85 20.71 3.99
N ASP B 227 27.64 21.15 3.63
CA ASP B 227 26.43 20.80 4.40
C ASP B 227 26.05 19.32 4.23
N LEU B 228 26.38 18.74 3.08
CA LEU B 228 26.20 17.30 2.84
C LEU B 228 26.94 16.46 3.89
N LYS B 229 28.18 16.83 4.18
CA LYS B 229 28.97 16.13 5.19
C LYS B 229 28.49 16.43 6.60
N LYS B 230 28.04 17.68 6.85
CA LYS B 230 27.40 18.04 8.13
C LYS B 230 26.12 17.25 8.37
N GLN B 231 25.37 17.01 7.29
CA GLN B 231 24.23 16.10 7.31
C GLN B 231 24.68 14.66 7.52
N ALA B 232 25.61 14.21 6.68
CA ALA B 232 26.17 12.85 6.77
C ALA B 232 26.74 12.55 8.16
N ALA B 233 27.29 13.58 8.82
CA ALA B 233 27.78 13.47 10.20
C ALA B 233 26.62 13.23 11.17
N GLU B 234 25.65 14.15 11.18
CA GLU B 234 24.43 14.03 12.01
C GLU B 234 23.71 12.69 11.78
N TYR B 235 23.65 12.29 10.52
CA TYR B 235 23.02 11.02 10.09
C TYR B 235 23.62 9.85 10.87
N ARG B 236 24.95 9.78 10.88
CA ARG B 236 25.69 8.75 11.63
C ARG B 236 25.41 8.81 13.13
N GLU B 237 25.29 10.02 13.67
CA GLU B 237 25.02 10.20 15.11
C GLU B 237 23.63 9.72 15.51
N ILE B 238 22.66 9.78 14.59
CA ILE B 238 21.31 9.23 14.84
C ILE B 238 21.39 7.70 14.86
N ASP B 239 21.98 7.12 13.82
CA ASP B 239 22.27 5.69 13.73
C ASP B 239 22.89 5.20 15.05
N LYS B 240 23.95 5.91 15.47
CA LYS B 240 24.70 5.61 16.68
C LYS B 240 23.81 5.51 17.90
N ARG B 241 23.04 6.58 18.14
CA ARG B 241 22.18 6.68 19.33
C ARG B 241 21.00 5.73 19.31
N MET B 242 20.52 5.38 18.11
CA MET B 242 19.51 4.33 17.97
C MET B 242 20.03 3.00 18.52
N ASN B 243 21.25 2.65 18.11
CA ASN B 243 21.87 1.37 18.47
C ASN B 243 22.25 1.24 19.93
N SER B 244 22.41 2.37 20.61
CA SER B 244 22.62 2.39 22.06
C SER B 244 21.28 2.31 22.82
N ILE B 245 20.24 2.88 22.23
CA ILE B 245 18.89 2.86 22.81
C ILE B 245 18.19 1.50 22.65
N LYS B 246 18.49 0.78 21.57
CA LYS B 246 17.85 -0.52 21.29
C LYS B 246 17.99 -1.62 22.38
N PRO B 247 19.23 -1.98 22.79
CA PRO B 247 19.40 -3.07 23.75
C PRO B 247 18.79 -2.77 25.13
N ASP B 248 18.80 -1.49 25.52
CA ASP B 248 18.09 -1.00 26.70
C ASP B 248 16.59 -1.24 26.51
N LEU B 249 16.07 -0.79 25.37
CA LEU B 249 14.64 -0.98 25.02
C LEU B 249 14.19 -2.44 25.12
N ILE B 250 15.02 -3.39 24.67
CA ILE B 250 14.64 -4.81 24.69
C ILE B 250 14.68 -5.36 26.13
N GLN B 251 15.74 -5.06 26.86
CA GLN B 251 15.88 -5.52 28.25
C GLN B 251 14.87 -4.87 29.19
N LEU B 252 14.58 -3.58 28.97
CA LEU B 252 13.49 -2.86 29.66
C LEU B 252 12.13 -3.46 29.39
N ARG B 253 11.93 -3.92 28.16
CA ARG B 253 10.72 -4.65 27.79
C ARG B 253 10.72 -6.03 28.45
N LYS B 254 11.83 -6.75 28.35
CA LYS B 254 11.90 -8.13 28.86
C LYS B 254 11.67 -8.23 30.37
N THR B 255 12.17 -7.26 31.11
CA THR B 255 11.92 -7.17 32.56
C THR B 255 10.43 -6.95 32.82
N ARG B 256 9.86 -5.96 32.12
CA ARG B 256 8.43 -5.61 32.21
C ARG B 256 7.47 -6.78 31.92
N ASP B 257 7.90 -7.71 31.08
CA ASP B 257 7.13 -8.94 30.82
C ASP B 257 7.11 -9.85 32.05
N GLN B 258 8.29 -10.17 32.55
CA GLN B 258 8.45 -11.06 33.70
C GLN B 258 7.89 -10.47 35.00
N TYR B 259 7.99 -9.13 35.16
CA TYR B 259 7.28 -8.42 36.24
C TYR B 259 5.76 -8.59 36.12
N LEU B 260 5.25 -8.44 34.90
CA LEU B 260 3.81 -8.64 34.61
C LEU B 260 3.39 -10.12 34.62
N MET B 261 4.34 -11.02 34.39
CA MET B 261 4.11 -12.47 34.55
C MET B 261 3.94 -12.83 36.03
N TRP B 262 4.91 -12.42 36.85
CA TRP B 262 4.90 -12.71 38.30
C TRP B 262 3.61 -12.25 38.99
N LEU B 263 3.07 -11.10 38.56
CA LEU B 263 1.77 -10.61 39.04
C LEU B 263 0.62 -11.52 38.64
N THR B 264 0.55 -11.86 37.35
CA THR B 264 -0.51 -12.73 36.80
C THR B 264 -0.43 -14.20 37.29
N GLN B 265 0.63 -14.56 38.04
CA GLN B 265 0.67 -15.82 38.80
C GLN B 265 -0.14 -15.69 40.10
N VAL B 268 -5.48 -13.24 40.06
CA VAL B 268 -5.75 -12.99 38.65
C VAL B 268 -5.53 -11.49 38.38
N ARG B 269 -6.52 -10.65 38.70
CA ARG B 269 -6.42 -9.19 38.63
C ARG B 269 -6.06 -8.63 37.25
N GLN B 270 -6.75 -9.11 36.22
CA GLN B 270 -6.52 -8.68 34.83
C GLN B 270 -6.75 -7.19 34.60
N LYS B 271 -7.81 -6.65 35.23
CA LYS B 271 -8.30 -5.30 34.94
C LYS B 271 -7.64 -4.17 35.76
N LYS B 272 -6.99 -4.52 36.88
CA LYS B 272 -6.25 -3.53 37.68
C LYS B 272 -4.92 -3.10 37.03
N LEU B 273 -4.39 -3.96 36.16
CA LEU B 273 -3.13 -3.72 35.43
C LEU B 273 -3.11 -2.40 34.64
N ASN B 274 -4.24 -2.08 33.98
CA ASN B 274 -4.35 -0.89 33.10
C ASN B 274 -4.09 0.47 33.74
N GLU B 275 -4.40 0.60 35.04
CA GLU B 275 -4.14 1.86 35.74
C GLU B 275 -2.64 2.11 35.89
N TRP B 276 -1.91 1.06 36.29
CA TRP B 276 -0.44 1.08 36.30
C TRP B 276 0.09 1.21 34.87
N LEU B 277 -0.39 0.31 34.02
CA LEU B 277 0.00 0.28 32.62
C LEU B 277 -0.74 1.35 31.83
C7 71M C . 7.58 -19.96 11.78
C6 71M C . 7.58 -20.68 10.58
C5 71M C . 6.64 -20.39 9.60
C1 71M C . 6.64 -18.15 13.26
C2 71M C . 6.64 -18.94 11.98
C4 71M C . 5.70 -19.37 9.83
N3 71M C . 5.73 -18.68 11.00
N8 71M C . 4.68 -19.04 8.80
N1 LUZ D . 20.09 -6.81 -6.81
C2 LUZ D . 21.41 -6.51 -6.93
C10 LUZ D . 19.15 -5.82 -6.74
O2 LUZ D . 22.34 -7.52 -7.00
N3 LUZ D . 21.83 -5.22 -6.99
C4 LUZ D . 20.94 -4.20 -6.93
O4 LUZ D . 21.38 -2.91 -6.98
C4A LUZ D . 19.57 -4.48 -6.80
N5 LUZ D . 18.63 -3.50 -6.73
C5A LUZ D . 17.32 -3.81 -6.61
C9A LUZ D . 16.91 -5.14 -6.55
N10 LUZ D . 17.83 -6.12 -6.62
C7 71M E . 26.92 10.98 -16.71
C6 71M E . 25.88 10.32 -16.04
C5 71M E . 24.70 11.01 -15.75
C1 71M E . 27.86 13.05 -17.80
C2 71M E . 26.76 12.32 -17.08
C4 71M E . 24.57 12.36 -16.13
N3 71M E . 25.60 12.99 -16.78
N8 71M E . 23.33 13.12 -15.83
#